data_3A10
# 
_entry.id   3A10 
# 
_audit_conform.dict_name       mmcif_pdbx.dic 
_audit_conform.dict_version    5.398 
_audit_conform.dict_location   http://mmcif.pdb.org/dictionaries/ascii/mmcif_pdbx.dic 
# 
loop_
_database_2.database_id 
_database_2.database_code 
_database_2.pdbx_database_accession 
_database_2.pdbx_DOI 
PDB   3A10         pdb_00003a10 10.2210/pdb3a10/pdb 
RCSB  RCSB028675   ?            ?                   
WWPDB D_1000028675 ?            ?                   
# 
loop_
_pdbx_audit_revision_history.ordinal 
_pdbx_audit_revision_history.data_content_type 
_pdbx_audit_revision_history.major_revision 
_pdbx_audit_revision_history.minor_revision 
_pdbx_audit_revision_history.revision_date 
1 'Structure model' 1 0 2009-10-20 
2 'Structure model' 1 1 2011-07-13 
3 'Structure model' 1 2 2021-11-10 
4 'Structure model' 1 3 2024-10-30 
# 
_pdbx_audit_revision_details.ordinal             1 
_pdbx_audit_revision_details.revision_ordinal    1 
_pdbx_audit_revision_details.data_content_type   'Structure model' 
_pdbx_audit_revision_details.provider            repository 
_pdbx_audit_revision_details.type                'Initial release' 
_pdbx_audit_revision_details.description         ? 
_pdbx_audit_revision_details.details             ? 
# 
loop_
_pdbx_audit_revision_group.ordinal 
_pdbx_audit_revision_group.revision_ordinal 
_pdbx_audit_revision_group.data_content_type 
_pdbx_audit_revision_group.group 
1 2 'Structure model' 'Version format compliance' 
2 3 'Structure model' 'Database references'       
3 3 'Structure model' 'Derived calculations'      
4 4 'Structure model' 'Data collection'           
5 4 'Structure model' 'Structure summary'         
# 
loop_
_pdbx_audit_revision_category.ordinal 
_pdbx_audit_revision_category.revision_ordinal 
_pdbx_audit_revision_category.data_content_type 
_pdbx_audit_revision_category.category 
1 3 'Structure model' database_2                
2 3 'Structure model' pdbx_struct_conn_angle    
3 3 'Structure model' struct_conn               
4 3 'Structure model' struct_ref_seq_dif        
5 3 'Structure model' struct_site               
6 4 'Structure model' chem_comp_atom            
7 4 'Structure model' chem_comp_bond            
8 4 'Structure model' pdbx_entry_details        
9 4 'Structure model' pdbx_modification_feature 
# 
loop_
_pdbx_audit_revision_item.ordinal 
_pdbx_audit_revision_item.revision_ordinal 
_pdbx_audit_revision_item.data_content_type 
_pdbx_audit_revision_item.item 
1  3 'Structure model' '_database_2.pdbx_DOI'                      
2  3 'Structure model' '_database_2.pdbx_database_accession'       
3  3 'Structure model' '_pdbx_struct_conn_angle.ptnr1_auth_seq_id' 
4  3 'Structure model' '_pdbx_struct_conn_angle.ptnr3_auth_seq_id' 
5  3 'Structure model' '_pdbx_struct_conn_angle.value'             
6  3 'Structure model' '_struct_conn.pdbx_dist_value'              
7  3 'Structure model' '_struct_conn.pdbx_leaving_atom_flag'       
8  3 'Structure model' '_struct_conn.ptnr1_auth_comp_id'           
9  3 'Structure model' '_struct_conn.ptnr1_auth_seq_id'            
10 3 'Structure model' '_struct_conn.ptnr1_label_asym_id'          
11 3 'Structure model' '_struct_conn.ptnr1_label_atom_id'          
12 3 'Structure model' '_struct_conn.ptnr1_label_comp_id'          
13 3 'Structure model' '_struct_conn.ptnr2_auth_comp_id'           
14 3 'Structure model' '_struct_conn.ptnr2_auth_seq_id'            
15 3 'Structure model' '_struct_conn.ptnr2_label_asym_id'          
16 3 'Structure model' '_struct_conn.ptnr2_label_atom_id'          
17 3 'Structure model' '_struct_conn.ptnr2_label_comp_id'          
18 3 'Structure model' '_struct_ref_seq_dif.details'               
19 3 'Structure model' '_struct_site.pdbx_auth_asym_id'            
20 3 'Structure model' '_struct_site.pdbx_auth_comp_id'            
21 3 'Structure model' '_struct_site.pdbx_auth_seq_id'             
# 
_pdbx_database_status.entry_id                        3A10 
_pdbx_database_status.deposit_site                    PDBJ 
_pdbx_database_status.process_site                    PDBJ 
_pdbx_database_status.recvd_initial_deposition_date   2009-03-25 
_pdbx_database_status.status_code                     REL 
_pdbx_database_status.status_code_sf                  REL 
_pdbx_database_status.status_code_mr                  ? 
_pdbx_database_status.SG_entry                        ? 
_pdbx_database_status.pdb_format_compatible           Y 
_pdbx_database_status.status_code_cs                  ? 
_pdbx_database_status.status_code_nmr_data            ? 
_pdbx_database_status.methods_development_category    ? 
# 
_pdbx_database_related.db_name        PDB 
_pdbx_database_related.db_id          3A0U 
_pdbx_database_related.details        'Response regulator protein TrrA (wild type)' 
_pdbx_database_related.content_type   unspecified 
# 
loop_
_audit_author.name 
_audit_author.pdbx_ordinal 
'Yamada, S.'    1 
'Sugimoto, H.'  2 
'Kobayashi, M.' 3 
'Ohno, A.'      4 
'Nakamura, H.'  5 
'Shiro, Y.'     6 
# 
_citation.id                        primary 
_citation.title                     'Structure of PAS-linked histidine kinase and the response regulator complex' 
_citation.journal_abbrev            Structure 
_citation.journal_volume            17 
_citation.page_first                1333 
_citation.page_last                 1344 
_citation.year                      2009 
_citation.journal_id_ASTM           STRUE6 
_citation.country                   UK 
_citation.journal_id_ISSN           0969-2126 
_citation.journal_id_CSD            2005 
_citation.book_publisher            ? 
_citation.pdbx_database_id_PubMed   19836334 
_citation.pdbx_database_id_DOI      10.1016/j.str.2009.07.016 
# 
loop_
_citation_author.citation_id 
_citation_author.name 
_citation_author.ordinal 
_citation_author.identifier_ORCID 
primary 'Yamada, S.'    1 ? 
primary 'Sugimoto, H.'  2 ? 
primary 'Kobayashi, M.' 3 ? 
primary 'Ohno, A.'      4 ? 
primary 'Nakamura, H.'  5 ? 
primary 'Shiro, Y.'     6 ? 
# 
loop_
_entity.id 
_entity.type 
_entity.src_method 
_entity.pdbx_description 
_entity.formula_weight 
_entity.pdbx_number_of_molecules 
_entity.pdbx_ec 
_entity.pdbx_mutation 
_entity.pdbx_fragment 
_entity.details 
1 polymer     man 'Response regulator'        13520.953 1   ? L89MSE ? ? 
2 non-polymer syn 'MAGNESIUM ION'             24.305    1   ? ?      ? ? 
3 non-polymer syn 'BERYLLIUM TRIFLUORIDE ION' 66.007    1   ? ?      ? ? 
4 non-polymer syn 'TETRAETHYLENE GLYCOL'      194.226   2   ? ?      ? ? 
5 water       nat water                       18.015    106 ? ?      ? ? 
# 
_entity_poly.entity_id                      1 
_entity_poly.type                           'polypeptide(L)' 
_entity_poly.nstd_linkage                   no 
_entity_poly.nstd_monomer                   yes 
_entity_poly.pdbx_seq_one_letter_code       
;(MSE)KRILVVDDEPNIRELLKEELQEEGYEIDTAENGEEALKKFFSGNYDLVILDIE(MSE)PGISGLEVAGEIRKKKK
DAKIILLTAYSHYRSD(MSE)SSWAADEYVVKSFNFDELKEKVKKLLS
;
_entity_poly.pdbx_seq_one_letter_code_can   
;MKRILVVDDEPNIRELLKEELQEEGYEIDTAENGEEALKKFFSGNYDLVILDIEMPGISGLEVAGEIRKKKKDAKIILLT
AYSHYRSDMSSWAADEYVVKSFNFDELKEKVKKLLS
;
_entity_poly.pdbx_strand_id                 A 
_entity_poly.pdbx_target_identifier         ? 
# 
loop_
_pdbx_entity_nonpoly.entity_id 
_pdbx_entity_nonpoly.name 
_pdbx_entity_nonpoly.comp_id 
2 'MAGNESIUM ION'             MG  
3 'BERYLLIUM TRIFLUORIDE ION' BEF 
4 'TETRAETHYLENE GLYCOL'      PG4 
5 water                       HOH 
# 
loop_
_entity_poly_seq.entity_id 
_entity_poly_seq.num 
_entity_poly_seq.mon_id 
_entity_poly_seq.hetero 
1 1   MSE n 
1 2   LYS n 
1 3   ARG n 
1 4   ILE n 
1 5   LEU n 
1 6   VAL n 
1 7   VAL n 
1 8   ASP n 
1 9   ASP n 
1 10  GLU n 
1 11  PRO n 
1 12  ASN n 
1 13  ILE n 
1 14  ARG n 
1 15  GLU n 
1 16  LEU n 
1 17  LEU n 
1 18  LYS n 
1 19  GLU n 
1 20  GLU n 
1 21  LEU n 
1 22  GLN n 
1 23  GLU n 
1 24  GLU n 
1 25  GLY n 
1 26  TYR n 
1 27  GLU n 
1 28  ILE n 
1 29  ASP n 
1 30  THR n 
1 31  ALA n 
1 32  GLU n 
1 33  ASN n 
1 34  GLY n 
1 35  GLU n 
1 36  GLU n 
1 37  ALA n 
1 38  LEU n 
1 39  LYS n 
1 40  LYS n 
1 41  PHE n 
1 42  PHE n 
1 43  SER n 
1 44  GLY n 
1 45  ASN n 
1 46  TYR n 
1 47  ASP n 
1 48  LEU n 
1 49  VAL n 
1 50  ILE n 
1 51  LEU n 
1 52  ASP n 
1 53  ILE n 
1 54  GLU n 
1 55  MSE n 
1 56  PRO n 
1 57  GLY n 
1 58  ILE n 
1 59  SER n 
1 60  GLY n 
1 61  LEU n 
1 62  GLU n 
1 63  VAL n 
1 64  ALA n 
1 65  GLY n 
1 66  GLU n 
1 67  ILE n 
1 68  ARG n 
1 69  LYS n 
1 70  LYS n 
1 71  LYS n 
1 72  LYS n 
1 73  ASP n 
1 74  ALA n 
1 75  LYS n 
1 76  ILE n 
1 77  ILE n 
1 78  LEU n 
1 79  LEU n 
1 80  THR n 
1 81  ALA n 
1 82  TYR n 
1 83  SER n 
1 84  HIS n 
1 85  TYR n 
1 86  ARG n 
1 87  SER n 
1 88  ASP n 
1 89  MSE n 
1 90  SER n 
1 91  SER n 
1 92  TRP n 
1 93  ALA n 
1 94  ALA n 
1 95  ASP n 
1 96  GLU n 
1 97  TYR n 
1 98  VAL n 
1 99  VAL n 
1 100 LYS n 
1 101 SER n 
1 102 PHE n 
1 103 ASN n 
1 104 PHE n 
1 105 ASP n 
1 106 GLU n 
1 107 LEU n 
1 108 LYS n 
1 109 GLU n 
1 110 LYS n 
1 111 VAL n 
1 112 LYS n 
1 113 LYS n 
1 114 LEU n 
1 115 LEU n 
1 116 SER n 
# 
_entity_src_gen.entity_id                          1 
_entity_src_gen.pdbx_src_id                        1 
_entity_src_gen.pdbx_alt_source_flag               sample 
_entity_src_gen.pdbx_seq_type                      ? 
_entity_src_gen.pdbx_beg_seq_num                   ? 
_entity_src_gen.pdbx_end_seq_num                   ? 
_entity_src_gen.gene_src_common_name               ? 
_entity_src_gen.gene_src_genus                     ? 
_entity_src_gen.pdbx_gene_src_gene                 TM_1360 
_entity_src_gen.gene_src_species                   ? 
_entity_src_gen.gene_src_strain                    ? 
_entity_src_gen.gene_src_tissue                    ? 
_entity_src_gen.gene_src_tissue_fraction           ? 
_entity_src_gen.gene_src_details                   ? 
_entity_src_gen.pdbx_gene_src_fragment             ? 
_entity_src_gen.pdbx_gene_src_scientific_name      'Thermotoga maritima' 
_entity_src_gen.pdbx_gene_src_ncbi_taxonomy_id     2336 
_entity_src_gen.pdbx_gene_src_variant              ? 
_entity_src_gen.pdbx_gene_src_cell_line            ? 
_entity_src_gen.pdbx_gene_src_atcc                 ? 
_entity_src_gen.pdbx_gene_src_organ                ? 
_entity_src_gen.pdbx_gene_src_organelle            ? 
_entity_src_gen.pdbx_gene_src_cell                 ? 
_entity_src_gen.pdbx_gene_src_cellular_location    ? 
_entity_src_gen.host_org_common_name               ? 
_entity_src_gen.pdbx_host_org_scientific_name      'Escherichia coli BL21(DE3)' 
_entity_src_gen.pdbx_host_org_ncbi_taxonomy_id     469008 
_entity_src_gen.host_org_genus                     ? 
_entity_src_gen.pdbx_host_org_gene                 ? 
_entity_src_gen.pdbx_host_org_organ                ? 
_entity_src_gen.host_org_species                   ? 
_entity_src_gen.pdbx_host_org_tissue               ? 
_entity_src_gen.pdbx_host_org_tissue_fraction      ? 
_entity_src_gen.pdbx_host_org_strain               'BL21(DE3) CodonPlus RIL' 
_entity_src_gen.pdbx_host_org_variant              ? 
_entity_src_gen.pdbx_host_org_cell_line            ? 
_entity_src_gen.pdbx_host_org_atcc                 ? 
_entity_src_gen.pdbx_host_org_culture_collection   ? 
_entity_src_gen.pdbx_host_org_cell                 ? 
_entity_src_gen.pdbx_host_org_organelle            ? 
_entity_src_gen.pdbx_host_org_cellular_location    ? 
_entity_src_gen.pdbx_host_org_vector_type          plasmid 
_entity_src_gen.pdbx_host_org_vector               ? 
_entity_src_gen.host_org_details                   ? 
_entity_src_gen.expression_system_id               ? 
_entity_src_gen.plasmid_name                       pRSETA 
_entity_src_gen.plasmid_details                    ? 
_entity_src_gen.pdbx_description                   ? 
# 
loop_
_chem_comp.id 
_chem_comp.type 
_chem_comp.mon_nstd_flag 
_chem_comp.name 
_chem_comp.pdbx_synonyms 
_chem_comp.formula 
_chem_comp.formula_weight 
ALA 'L-peptide linking' y ALANINE                     ? 'C3 H7 N O2'     89.093  
ARG 'L-peptide linking' y ARGININE                    ? 'C6 H15 N4 O2 1' 175.209 
ASN 'L-peptide linking' y ASPARAGINE                  ? 'C4 H8 N2 O3'    132.118 
ASP 'L-peptide linking' y 'ASPARTIC ACID'             ? 'C4 H7 N O4'     133.103 
BEF non-polymer         . 'BERYLLIUM TRIFLUORIDE ION' ? 'Be F3 -1'       66.007  
GLN 'L-peptide linking' y GLUTAMINE                   ? 'C5 H10 N2 O3'   146.144 
GLU 'L-peptide linking' y 'GLUTAMIC ACID'             ? 'C5 H9 N O4'     147.129 
GLY 'peptide linking'   y GLYCINE                     ? 'C2 H5 N O2'     75.067  
HIS 'L-peptide linking' y HISTIDINE                   ? 'C6 H10 N3 O2 1' 156.162 
HOH non-polymer         . WATER                       ? 'H2 O'           18.015  
ILE 'L-peptide linking' y ISOLEUCINE                  ? 'C6 H13 N O2'    131.173 
LEU 'L-peptide linking' y LEUCINE                     ? 'C6 H13 N O2'    131.173 
LYS 'L-peptide linking' y LYSINE                      ? 'C6 H15 N2 O2 1' 147.195 
MG  non-polymer         . 'MAGNESIUM ION'             ? 'Mg 2'           24.305  
MSE 'L-peptide linking' n SELENOMETHIONINE            ? 'C5 H11 N O2 Se' 196.106 
PG4 non-polymer         . 'TETRAETHYLENE GLYCOL'      ? 'C8 H18 O5'      194.226 
PHE 'L-peptide linking' y PHENYLALANINE               ? 'C9 H11 N O2'    165.189 
PRO 'L-peptide linking' y PROLINE                     ? 'C5 H9 N O2'     115.130 
SER 'L-peptide linking' y SERINE                      ? 'C3 H7 N O3'     105.093 
THR 'L-peptide linking' y THREONINE                   ? 'C4 H9 N O3'     119.119 
TRP 'L-peptide linking' y TRYPTOPHAN                  ? 'C11 H12 N2 O2'  204.225 
TYR 'L-peptide linking' y TYROSINE                    ? 'C9 H11 N O3'    181.189 
VAL 'L-peptide linking' y VALINE                      ? 'C5 H11 N O2'    117.146 
# 
loop_
_pdbx_poly_seq_scheme.asym_id 
_pdbx_poly_seq_scheme.entity_id 
_pdbx_poly_seq_scheme.seq_id 
_pdbx_poly_seq_scheme.mon_id 
_pdbx_poly_seq_scheme.ndb_seq_num 
_pdbx_poly_seq_scheme.pdb_seq_num 
_pdbx_poly_seq_scheme.auth_seq_num 
_pdbx_poly_seq_scheme.pdb_mon_id 
_pdbx_poly_seq_scheme.auth_mon_id 
_pdbx_poly_seq_scheme.pdb_strand_id 
_pdbx_poly_seq_scheme.pdb_ins_code 
_pdbx_poly_seq_scheme.hetero 
A 1 1   MSE 1   1   1   MSE MSE A . n 
A 1 2   LYS 2   2   2   LYS LYS A . n 
A 1 3   ARG 3   3   3   ARG ARG A . n 
A 1 4   ILE 4   4   4   ILE ILE A . n 
A 1 5   LEU 5   5   5   LEU LEU A . n 
A 1 6   VAL 6   6   6   VAL VAL A . n 
A 1 7   VAL 7   7   7   VAL VAL A . n 
A 1 8   ASP 8   8   8   ASP ASP A . n 
A 1 9   ASP 9   9   9   ASP ASP A . n 
A 1 10  GLU 10  10  10  GLU GLU A . n 
A 1 11  PRO 11  11  11  PRO PRO A . n 
A 1 12  ASN 12  12  12  ASN ASN A . n 
A 1 13  ILE 13  13  13  ILE ILE A . n 
A 1 14  ARG 14  14  14  ARG ARG A . n 
A 1 15  GLU 15  15  15  GLU GLU A . n 
A 1 16  LEU 16  16  16  LEU LEU A . n 
A 1 17  LEU 17  17  17  LEU LEU A . n 
A 1 18  LYS 18  18  18  LYS LYS A . n 
A 1 19  GLU 19  19  19  GLU GLU A . n 
A 1 20  GLU 20  20  20  GLU GLU A . n 
A 1 21  LEU 21  21  21  LEU LEU A . n 
A 1 22  GLN 22  22  22  GLN GLN A . n 
A 1 23  GLU 23  23  23  GLU GLU A . n 
A 1 24  GLU 24  24  24  GLU GLU A . n 
A 1 25  GLY 25  25  25  GLY GLY A . n 
A 1 26  TYR 26  26  26  TYR TYR A . n 
A 1 27  GLU 27  27  27  GLU GLU A . n 
A 1 28  ILE 28  28  28  ILE ILE A . n 
A 1 29  ASP 29  29  29  ASP ASP A . n 
A 1 30  THR 30  30  30  THR THR A . n 
A 1 31  ALA 31  31  31  ALA ALA A . n 
A 1 32  GLU 32  32  32  GLU GLU A . n 
A 1 33  ASN 33  33  33  ASN ASN A . n 
A 1 34  GLY 34  34  34  GLY GLY A . n 
A 1 35  GLU 35  35  35  GLU GLU A . n 
A 1 36  GLU 36  36  36  GLU GLU A . n 
A 1 37  ALA 37  37  37  ALA ALA A . n 
A 1 38  LEU 38  38  38  LEU LEU A . n 
A 1 39  LYS 39  39  39  LYS LYS A . n 
A 1 40  LYS 40  40  40  LYS LYS A . n 
A 1 41  PHE 41  41  41  PHE PHE A . n 
A 1 42  PHE 42  42  42  PHE PHE A . n 
A 1 43  SER 43  43  43  SER SER A . n 
A 1 44  GLY 44  44  44  GLY GLY A . n 
A 1 45  ASN 45  45  45  ASN ASN A . n 
A 1 46  TYR 46  46  46  TYR TYR A . n 
A 1 47  ASP 47  47  47  ASP ASP A . n 
A 1 48  LEU 48  48  48  LEU LEU A . n 
A 1 49  VAL 49  49  49  VAL VAL A . n 
A 1 50  ILE 50  50  50  ILE ILE A . n 
A 1 51  LEU 51  51  51  LEU LEU A . n 
A 1 52  ASP 52  52  52  ASP ASP A . n 
A 1 53  ILE 53  53  53  ILE ILE A . n 
A 1 54  GLU 54  54  54  GLU GLU A . n 
A 1 55  MSE 55  55  55  MSE MSE A . n 
A 1 56  PRO 56  56  56  PRO PRO A . n 
A 1 57  GLY 57  57  57  GLY GLY A . n 
A 1 58  ILE 58  58  58  ILE ILE A . n 
A 1 59  SER 59  59  59  SER SER A . n 
A 1 60  GLY 60  60  60  GLY GLY A . n 
A 1 61  LEU 61  61  61  LEU LEU A . n 
A 1 62  GLU 62  62  62  GLU GLU A . n 
A 1 63  VAL 63  63  63  VAL VAL A . n 
A 1 64  ALA 64  64  64  ALA ALA A . n 
A 1 65  GLY 65  65  65  GLY GLY A . n 
A 1 66  GLU 66  66  66  GLU GLU A . n 
A 1 67  ILE 67  67  67  ILE ILE A . n 
A 1 68  ARG 68  68  68  ARG ARG A . n 
A 1 69  LYS 69  69  69  LYS LYS A . n 
A 1 70  LYS 70  70  70  LYS LYS A . n 
A 1 71  LYS 71  71  71  LYS LYS A . n 
A 1 72  LYS 72  72  72  LYS LYS A . n 
A 1 73  ASP 73  73  73  ASP ASP A . n 
A 1 74  ALA 74  74  74  ALA ALA A . n 
A 1 75  LYS 75  75  75  LYS LYS A . n 
A 1 76  ILE 76  76  76  ILE ILE A . n 
A 1 77  ILE 77  77  77  ILE ILE A . n 
A 1 78  LEU 78  78  78  LEU LEU A . n 
A 1 79  LEU 79  79  79  LEU LEU A . n 
A 1 80  THR 80  80  80  THR THR A . n 
A 1 81  ALA 81  81  81  ALA ALA A . n 
A 1 82  TYR 82  82  82  TYR TYR A . n 
A 1 83  SER 83  83  83  SER SER A . n 
A 1 84  HIS 84  84  84  HIS HIS A . n 
A 1 85  TYR 85  85  85  TYR TYR A . n 
A 1 86  ARG 86  86  86  ARG ARG A . n 
A 1 87  SER 87  87  87  SER SER A . n 
A 1 88  ASP 88  88  88  ASP ASP A . n 
A 1 89  MSE 89  89  89  MSE MSE A . n 
A 1 90  SER 90  90  90  SER SER A . n 
A 1 91  SER 91  91  91  SER SER A . n 
A 1 92  TRP 92  92  92  TRP TRP A . n 
A 1 93  ALA 93  93  93  ALA ALA A . n 
A 1 94  ALA 94  94  94  ALA ALA A . n 
A 1 95  ASP 95  95  95  ASP ASP A . n 
A 1 96  GLU 96  96  96  GLU GLU A . n 
A 1 97  TYR 97  97  97  TYR TYR A . n 
A 1 98  VAL 98  98  98  VAL VAL A . n 
A 1 99  VAL 99  99  99  VAL VAL A . n 
A 1 100 LYS 100 100 100 LYS LYS A . n 
A 1 101 SER 101 101 101 SER SER A . n 
A 1 102 PHE 102 102 102 PHE PHE A . n 
A 1 103 ASN 103 103 103 ASN ASN A . n 
A 1 104 PHE 104 104 104 PHE PHE A . n 
A 1 105 ASP 105 105 105 ASP ASP A . n 
A 1 106 GLU 106 106 106 GLU GLU A . n 
A 1 107 LEU 107 107 107 LEU LEU A . n 
A 1 108 LYS 108 108 108 LYS LYS A . n 
A 1 109 GLU 109 109 109 GLU GLU A . n 
A 1 110 LYS 110 110 110 LYS LYS A . n 
A 1 111 VAL 111 111 111 VAL VAL A . n 
A 1 112 LYS 112 112 112 LYS LYS A . n 
A 1 113 LYS 113 113 113 LYS LYS A . n 
A 1 114 LEU 114 114 114 LEU LEU A . n 
A 1 115 LEU 115 115 115 LEU LEU A . n 
A 1 116 SER 116 116 116 SER SER A . n 
# 
loop_
_pdbx_nonpoly_scheme.asym_id 
_pdbx_nonpoly_scheme.entity_id 
_pdbx_nonpoly_scheme.mon_id 
_pdbx_nonpoly_scheme.ndb_seq_num 
_pdbx_nonpoly_scheme.pdb_seq_num 
_pdbx_nonpoly_scheme.auth_seq_num 
_pdbx_nonpoly_scheme.pdb_mon_id 
_pdbx_nonpoly_scheme.auth_mon_id 
_pdbx_nonpoly_scheme.pdb_strand_id 
_pdbx_nonpoly_scheme.pdb_ins_code 
B 2 MG  1   201 201 MG  MG  A . 
C 3 BEF 1   202 202 BEF BEF A . 
D 4 PG4 1   203 203 PG4 PG4 A . 
E 4 PG4 1   204 204 PG4 PG4 A . 
F 5 HOH 1   117 1   HOH HOH A . 
F 5 HOH 2   118 2   HOH HOH A . 
F 5 HOH 3   119 3   HOH HOH A . 
F 5 HOH 4   120 4   HOH HOH A . 
F 5 HOH 5   121 5   HOH HOH A . 
F 5 HOH 6   122 6   HOH HOH A . 
F 5 HOH 7   123 7   HOH HOH A . 
F 5 HOH 8   124 8   HOH HOH A . 
F 5 HOH 9   125 9   HOH HOH A . 
F 5 HOH 10  126 10  HOH HOH A . 
F 5 HOH 11  127 11  HOH HOH A . 
F 5 HOH 12  128 12  HOH HOH A . 
F 5 HOH 13  129 13  HOH HOH A . 
F 5 HOH 14  130 14  HOH HOH A . 
F 5 HOH 15  131 15  HOH HOH A . 
F 5 HOH 16  132 16  HOH HOH A . 
F 5 HOH 17  133 17  HOH HOH A . 
F 5 HOH 18  134 18  HOH HOH A . 
F 5 HOH 19  135 19  HOH HOH A . 
F 5 HOH 20  136 20  HOH HOH A . 
F 5 HOH 21  137 21  HOH HOH A . 
F 5 HOH 22  138 22  HOH HOH A . 
F 5 HOH 23  139 23  HOH HOH A . 
F 5 HOH 24  140 24  HOH HOH A . 
F 5 HOH 25  141 25  HOH HOH A . 
F 5 HOH 26  142 26  HOH HOH A . 
F 5 HOH 27  143 27  HOH HOH A . 
F 5 HOH 28  144 28  HOH HOH A . 
F 5 HOH 29  145 29  HOH HOH A . 
F 5 HOH 30  146 30  HOH HOH A . 
F 5 HOH 31  147 31  HOH HOH A . 
F 5 HOH 32  148 32  HOH HOH A . 
F 5 HOH 33  149 33  HOH HOH A . 
F 5 HOH 34  150 34  HOH HOH A . 
F 5 HOH 35  151 35  HOH HOH A . 
F 5 HOH 36  152 36  HOH HOH A . 
F 5 HOH 37  153 37  HOH HOH A . 
F 5 HOH 38  154 38  HOH HOH A . 
F 5 HOH 39  155 39  HOH HOH A . 
F 5 HOH 40  156 41  HOH HOH A . 
F 5 HOH 41  157 42  HOH HOH A . 
F 5 HOH 42  158 43  HOH HOH A . 
F 5 HOH 43  159 44  HOH HOH A . 
F 5 HOH 44  160 45  HOH HOH A . 
F 5 HOH 45  161 46  HOH HOH A . 
F 5 HOH 46  162 47  HOH HOH A . 
F 5 HOH 47  163 48  HOH HOH A . 
F 5 HOH 48  164 49  HOH HOH A . 
F 5 HOH 49  165 50  HOH HOH A . 
F 5 HOH 50  166 51  HOH HOH A . 
F 5 HOH 51  167 52  HOH HOH A . 
F 5 HOH 52  168 53  HOH HOH A . 
F 5 HOH 53  169 54  HOH HOH A . 
F 5 HOH 54  170 55  HOH HOH A . 
F 5 HOH 55  171 56  HOH HOH A . 
F 5 HOH 56  172 57  HOH HOH A . 
F 5 HOH 57  173 58  HOH HOH A . 
F 5 HOH 58  174 59  HOH HOH A . 
F 5 HOH 59  175 60  HOH HOH A . 
F 5 HOH 60  176 61  HOH HOH A . 
F 5 HOH 61  177 62  HOH HOH A . 
F 5 HOH 62  178 63  HOH HOH A . 
F 5 HOH 63  179 64  HOH HOH A . 
F 5 HOH 64  180 65  HOH HOH A . 
F 5 HOH 65  181 66  HOH HOH A . 
F 5 HOH 66  182 67  HOH HOH A . 
F 5 HOH 67  183 68  HOH HOH A . 
F 5 HOH 68  184 69  HOH HOH A . 
F 5 HOH 69  185 70  HOH HOH A . 
F 5 HOH 70  186 71  HOH HOH A . 
F 5 HOH 71  187 72  HOH HOH A . 
F 5 HOH 72  188 73  HOH HOH A . 
F 5 HOH 73  189 74  HOH HOH A . 
F 5 HOH 74  190 75  HOH HOH A . 
F 5 HOH 75  191 77  HOH HOH A . 
F 5 HOH 76  192 78  HOH HOH A . 
F 5 HOH 77  193 79  HOH HOH A . 
F 5 HOH 78  194 80  HOH HOH A . 
F 5 HOH 79  195 82  HOH HOH A . 
F 5 HOH 80  196 83  HOH HOH A . 
F 5 HOH 81  197 84  HOH HOH A . 
F 5 HOH 82  198 85  HOH HOH A . 
F 5 HOH 83  199 86  HOH HOH A . 
F 5 HOH 84  200 87  HOH HOH A . 
F 5 HOH 85  205 88  HOH HOH A . 
F 5 HOH 86  206 89  HOH HOH A . 
F 5 HOH 87  207 90  HOH HOH A . 
F 5 HOH 88  208 91  HOH HOH A . 
F 5 HOH 89  209 92  HOH HOH A . 
F 5 HOH 90  210 93  HOH HOH A . 
F 5 HOH 91  211 94  HOH HOH A . 
F 5 HOH 92  212 95  HOH HOH A . 
F 5 HOH 93  213 96  HOH HOH A . 
F 5 HOH 94  214 97  HOH HOH A . 
F 5 HOH 95  215 98  HOH HOH A . 
F 5 HOH 96  216 100 HOH HOH A . 
F 5 HOH 97  217 101 HOH HOH A . 
F 5 HOH 98  218 102 HOH HOH A . 
F 5 HOH 99  219 103 HOH HOH A . 
F 5 HOH 100 220 104 HOH HOH A . 
F 5 HOH 101 221 105 HOH HOH A . 
F 5 HOH 102 222 107 HOH HOH A . 
F 5 HOH 103 223 108 HOH HOH A . 
F 5 HOH 104 224 109 HOH HOH A . 
F 5 HOH 105 225 110 HOH HOH A . 
F 5 HOH 106 226 111 HOH HOH A . 
# 
loop_
_software.name 
_software.version 
_software.date 
_software.type 
_software.contact_author 
_software.contact_author_email 
_software.classification 
_software.location 
_software.language 
_software.citation_id 
_software.pdbx_ordinal 
REFMAC      5.2.0019 ?               program 'Garib N. Murshudov' garib@ysbl.york.ac.uk refinement        
http://www.ccp4.ac.uk/dist/html/refmac5.html Fortran_77 ? 1 
PDB_EXTRACT 3.006    'June 11, 2008' package PDB                  help@deposit.rcsb.org 'data extraction' 
http://sw-tools.pdb.org/apps/PDB_EXTRACT/    C++        ? 2 
HKL-2000    .        ?               ?       ?                    ?                     'data reduction'  ? ?          ? 3 
HKL-2000    .        ?               ?       ?                    ?                     'data scaling'    ? ?          ? 4 
SOLVE       .        ?               ?       ?                    ?                     phasing           ? ?          ? 5 
# 
_cell.length_a           32.678 
_cell.length_b           32.678 
_cell.length_c           199.242 
_cell.angle_alpha        90.000 
_cell.angle_beta         90.000 
_cell.angle_gamma        90.000 
_cell.entry_id           3A10 
_cell.pdbx_unique_axis   ? 
_cell.Z_PDB              8 
_cell.length_a_esd       ? 
_cell.length_b_esd       ? 
_cell.length_c_esd       ? 
_cell.angle_alpha_esd    ? 
_cell.angle_beta_esd     ? 
_cell.angle_gamma_esd    ? 
# 
_symmetry.space_group_name_H-M             'P 41 21 2' 
_symmetry.entry_id                         3A10 
_symmetry.pdbx_full_space_group_name_H-M   ? 
_symmetry.Int_Tables_number                92 
_symmetry.cell_setting                     ? 
_symmetry.space_group_name_Hall            ? 
# 
_exptl.crystals_number   1 
_exptl.entry_id          3A10 
_exptl.method            'X-RAY DIFFRACTION' 
# 
_exptl_crystal.id                    1 
_exptl_crystal.pdbx_mosaicity        ? 
_exptl_crystal.pdbx_mosaicity_esd    ? 
_exptl_crystal.density_Matthews      1.97 
_exptl_crystal.density_diffrn        ? 
_exptl_crystal.density_meas          ? 
_exptl_crystal.density_meas_temp     ? 
_exptl_crystal.density_percent_sol   37.47 
_exptl_crystal.size_max              ? 
_exptl_crystal.size_mid              ? 
_exptl_crystal.size_min              ? 
_exptl_crystal.size_rad              ? 
_exptl_crystal.description           ? 
_exptl_crystal.F_000                 ? 
_exptl_crystal.preparation           ? 
# 
_exptl_crystal_grow.crystal_id      1 
_exptl_crystal_grow.method          'VAPOR DIFFUSION' 
_exptl_crystal_grow.pH              6.2 
_exptl_crystal_grow.temp            293 
_exptl_crystal_grow.pdbx_details    
'50% PEG200, 0.1M sodium/potassium-phosphate, 0.1M sodium chloride, pH 6.2, VAPOR DIFFUSION, temperature 293K' 
_exptl_crystal_grow.temp_details    ? 
_exptl_crystal_grow.pdbx_pH_range   . 
# 
_diffrn.id                     1 
_diffrn.ambient_temp           100 
_diffrn.ambient_temp_details   ? 
_diffrn.crystal_id             1 
# 
_diffrn_detector.diffrn_id              1 
_diffrn_detector.detector               CCD 
_diffrn_detector.type                   'RIGAKU JUPITER 210' 
_diffrn_detector.pdbx_collection_date   2006-03-14 
_diffrn_detector.details                ? 
# 
_diffrn_radiation.diffrn_id                        1 
_diffrn_radiation.pdbx_diffrn_protocol             MAD 
_diffrn_radiation.monochromator                    'DIAMOND 111  DOUBLE CRYSTAL MONOCHROMATOR' 
_diffrn_radiation.wavelength_id                    1 
_diffrn_radiation.pdbx_monochromatic_or_laue_m_l   M 
_diffrn_radiation.pdbx_scattering_type             x-ray 
# 
loop_
_diffrn_radiation_wavelength.id 
_diffrn_radiation_wavelength.wavelength 
_diffrn_radiation_wavelength.wt 
1 0.9795 1.0 
2 0.9797 1.0 
3 0.9787 1.0 
# 
_diffrn_source.diffrn_id                   1 
_diffrn_source.source                      SYNCHROTRON 
_diffrn_source.type                        'SPRING-8 BEAMLINE BL45XU' 
_diffrn_source.pdbx_wavelength_list        0.9795,0.9797,0.9787 
_diffrn_source.pdbx_wavelength             ? 
_diffrn_source.pdbx_synchrotron_site       SPring-8 
_diffrn_source.pdbx_synchrotron_beamline   BL45XU 
# 
_reflns.entry_id                     3A10 
_reflns.observed_criterion_sigma_F   ? 
_reflns.observed_criterion_sigma_I   -3.0 
_reflns.d_resolution_high            1.63 
_reflns.d_resolution_low             50.0 
_reflns.number_all                   ? 
_reflns.number_obs                   14298 
_reflns.percent_possible_obs         98.9 
_reflns.pdbx_Rmerge_I_obs            ? 
_reflns.pdbx_Rsym_value              0.037 
_reflns.pdbx_netI_over_sigmaI        43.7 
_reflns.B_iso_Wilson_estimate        18.8 
_reflns.pdbx_redundancy              7.3 
_reflns.R_free_details               ? 
_reflns.limit_h_max                  ? 
_reflns.limit_h_min                  ? 
_reflns.limit_k_max                  ? 
_reflns.limit_k_min                  ? 
_reflns.limit_l_max                  ? 
_reflns.limit_l_min                  ? 
_reflns.observed_criterion_F_max     ? 
_reflns.observed_criterion_F_min     ? 
_reflns.pdbx_chi_squared             ? 
_reflns.pdbx_scaling_rejects         ? 
_reflns.pdbx_diffrn_id               1 
_reflns.pdbx_ordinal                 1 
# 
_reflns_shell.d_res_high             1.63 
_reflns_shell.d_res_low              1.69 
_reflns_shell.percent_possible_obs   ? 
_reflns_shell.percent_possible_all   99.8 
_reflns_shell.Rmerge_I_obs           ? 
_reflns_shell.meanI_over_sigI_obs    8.9 
_reflns_shell.pdbx_Rsym_value        0.143 
_reflns_shell.pdbx_redundancy        6.4 
_reflns_shell.number_unique_all      ? 
_reflns_shell.number_measured_all    ? 
_reflns_shell.number_measured_obs    ? 
_reflns_shell.number_unique_obs      ? 
_reflns_shell.pdbx_chi_squared       ? 
_reflns_shell.pdbx_diffrn_id         ? 
_reflns_shell.pdbx_ordinal           1 
# 
_refine.entry_id                                 3A10 
_refine.ls_d_res_high                            1.630 
_refine.ls_d_res_low                             20.000 
_refine.pdbx_ls_sigma_F                          0.00 
_refine.ls_percent_reflns_obs                    98.690 
_refine.ls_number_reflns_obs                     14289 
_refine.pdbx_ls_cross_valid_method               THROUGHOUT 
_refine.pdbx_R_Free_selection_details            RANDOM 
_refine.details                                  ? 
_refine.ls_R_factor_obs                          0.203 
_refine.ls_R_factor_R_work                       0.200 
_refine.ls_R_factor_R_free                       0.250 
_refine.ls_percent_reflns_R_free                 5.000 
_refine.ls_number_reflns_R_free                  719 
_refine.B_iso_mean                               19.765 
_refine.aniso_B[1][1]                            -0.170 
_refine.aniso_B[2][2]                            -0.170 
_refine.aniso_B[3][3]                            0.350 
_refine.aniso_B[1][2]                            0.000 
_refine.aniso_B[1][3]                            0.000 
_refine.aniso_B[2][3]                            0.000 
_refine.correlation_coeff_Fo_to_Fc               0.951 
_refine.correlation_coeff_Fo_to_Fc_free          0.929 
_refine.pdbx_overall_ESU_R                       0.116 
_refine.pdbx_overall_ESU_R_Free                  0.119 
_refine.overall_SU_ML                            0.071 
_refine.overall_SU_B                             2.014 
_refine.solvent_model_details                    MASK 
_refine.pdbx_solvent_vdw_probe_radii             1.400 
_refine.pdbx_solvent_ion_probe_radii             0.800 
_refine.pdbx_solvent_shrinkage_radii             0.800 
_refine.pdbx_method_to_determine_struct          MAD 
_refine.pdbx_stereochemistry_target_values       'MAXIMUM LIKELIHOOD' 
_refine.B_iso_max                                49.85 
_refine.B_iso_min                                8.65 
_refine.occupancy_max                            1.00 
_refine.occupancy_min                            0.20 
_refine.pdbx_ls_sigma_I                          ? 
_refine.ls_number_reflns_all                     ? 
_refine.ls_R_factor_all                          ? 
_refine.ls_redundancy_reflns_obs                 ? 
_refine.pdbx_data_cutoff_high_absF               ? 
_refine.pdbx_data_cutoff_low_absF                ? 
_refine.ls_number_parameters                     ? 
_refine.ls_number_restraints                     ? 
_refine.ls_R_factor_R_free_error                 ? 
_refine.ls_R_factor_R_free_error_details         ? 
_refine.pdbx_starting_model                      ? 
_refine.pdbx_stereochem_target_val_spec_case     ? 
_refine.solvent_model_param_bsol                 ? 
_refine.solvent_model_param_ksol                 ? 
_refine.pdbx_isotropic_thermal_model             ? 
_refine.overall_SU_R_Cruickshank_DPI             ? 
_refine.overall_SU_R_free                        ? 
_refine.pdbx_data_cutoff_high_rms_absF           ? 
_refine.ls_wR_factor_R_free                      ? 
_refine.ls_wR_factor_R_work                      ? 
_refine.overall_FOM_free_R_set                   ? 
_refine.overall_FOM_work_R_set                   ? 
_refine.pdbx_refine_id                           'X-RAY DIFFRACTION' 
_refine.pdbx_overall_phase_error                 ? 
_refine.pdbx_diffrn_id                           1 
_refine.pdbx_TLS_residual_ADP_flag               ? 
_refine.pdbx_overall_SU_R_free_Cruickshank_DPI   ? 
_refine.pdbx_overall_SU_R_Blow_DPI               ? 
_refine.pdbx_overall_SU_R_free_Blow_DPI          ? 
# 
_refine_hist.pdbx_refine_id                   'X-RAY DIFFRACTION' 
_refine_hist.cycle_id                         LAST 
_refine_hist.pdbx_number_atoms_protein        968 
_refine_hist.pdbx_number_atoms_nucleic_acid   0 
_refine_hist.pdbx_number_atoms_ligand         31 
_refine_hist.number_atoms_solvent             106 
_refine_hist.number_atoms_total               1105 
_refine_hist.d_res_high                       1.630 
_refine_hist.d_res_low                        20.000 
# 
loop_
_refine_ls_restr.type 
_refine_ls_restr.number 
_refine_ls_restr.dev_ideal 
_refine_ls_restr.dev_ideal_target 
_refine_ls_restr.weight 
_refine_ls_restr.pdbx_refine_id 
_refine_ls_restr.pdbx_restraint_function 
r_bond_refined_d         1010 0.012  0.022  ? 'X-RAY DIFFRACTION' ? 
r_angle_refined_deg      1344 1.446  2.018  ? 'X-RAY DIFFRACTION' ? 
r_dihedral_angle_1_deg   121  5.998  5.000  ? 'X-RAY DIFFRACTION' ? 
r_dihedral_angle_2_deg   46   37.869 25.870 ? 'X-RAY DIFFRACTION' ? 
r_dihedral_angle_3_deg   207  12.655 15.000 ? 'X-RAY DIFFRACTION' ? 
r_dihedral_angle_4_deg   4    23.483 15.000 ? 'X-RAY DIFFRACTION' ? 
r_chiral_restr           146  0.081  0.200  ? 'X-RAY DIFFRACTION' ? 
r_gen_planes_refined     716  0.005  0.020  ? 'X-RAY DIFFRACTION' ? 
r_nbd_refined            461  0.210  0.200  ? 'X-RAY DIFFRACTION' ? 
r_nbtor_refined          692  0.306  0.200  ? 'X-RAY DIFFRACTION' ? 
r_xyhbond_nbd_refined    89   0.137  0.200  ? 'X-RAY DIFFRACTION' ? 
r_metal_ion_refined      2    0.097  0.200  ? 'X-RAY DIFFRACTION' ? 
r_symmetry_vdw_refined   72   0.250  0.200  ? 'X-RAY DIFFRACTION' ? 
r_symmetry_hbond_refined 17   0.144  0.200  ? 'X-RAY DIFFRACTION' ? 
r_mcbond_it              618  1.002  1.500  ? 'X-RAY DIFFRACTION' ? 
r_mcangle_it             957  1.390  2.000  ? 'X-RAY DIFFRACTION' ? 
r_scbond_it              443  2.423  3.000  ? 'X-RAY DIFFRACTION' ? 
r_scangle_it             385  3.719  4.500  ? 'X-RAY DIFFRACTION' ? 
# 
_refine_ls_shell.d_res_high                       1.631 
_refine_ls_shell.d_res_low                        1.673 
_refine_ls_shell.pdbx_total_number_of_bins_used   20 
_refine_ls_shell.percent_reflns_obs               99.000 
_refine_ls_shell.number_reflns_R_work             929 
_refine_ls_shell.R_factor_all                     ? 
_refine_ls_shell.R_factor_R_work                  0.245 
_refine_ls_shell.R_factor_R_free                  0.284 
_refine_ls_shell.percent_reflns_R_free            ? 
_refine_ls_shell.number_reflns_R_free             60 
_refine_ls_shell.R_factor_R_free_error            ? 
_refine_ls_shell.number_reflns_all                989 
_refine_ls_shell.number_reflns_obs                ? 
_refine_ls_shell.redundancy_reflns_obs            ? 
_refine_ls_shell.pdbx_refine_id                   'X-RAY DIFFRACTION' 
# 
_struct.entry_id                  3A10 
_struct.title                     
'Crystal structure of response regulator protein TrrA (TM1360) from Thermotoga maritima in complex with Mg(2+)-BeF (SeMet, L89M)' 
_struct.pdbx_model_details        ? 
_struct.pdbx_CASP_flag            N 
_struct.pdbx_model_type_details   ? 
# 
_struct_keywords.entry_id        3A10 
_struct_keywords.text            'phosphoacceptor, SIGNALING PROTEIN' 
_struct_keywords.pdbx_keywords   'SIGNALING PROTEIN' 
# 
loop_
_struct_asym.id 
_struct_asym.pdbx_blank_PDB_chainid_flag 
_struct_asym.pdbx_modified 
_struct_asym.entity_id 
_struct_asym.details 
A N N 1 ? 
B N N 2 ? 
C N N 3 ? 
D N N 4 ? 
E N N 4 ? 
F N N 5 ? 
# 
_struct_ref.id                         1 
_struct_ref.db_name                    UNP 
_struct_ref.db_code                    Q9X181_THEMA 
_struct_ref.pdbx_db_accession          Q9X181 
_struct_ref.entity_id                  1 
_struct_ref.pdbx_seq_one_letter_code   
;MKRILVVDDEPNIRELLKEELQEEGYEIDTAENGEEALKKFFSGNYDLVILDIEMPGISGLEVAGEIRKKKKDAKIILLT
AYSHYRSDLSSWAADEYVVKSFNFDELKEKVKKLLS
;
_struct_ref.pdbx_align_begin           1 
_struct_ref.pdbx_db_isoform            ? 
# 
_struct_ref_seq.align_id                      1 
_struct_ref_seq.ref_id                        1 
_struct_ref_seq.pdbx_PDB_id_code              3A10 
_struct_ref_seq.pdbx_strand_id                A 
_struct_ref_seq.seq_align_beg                 1 
_struct_ref_seq.pdbx_seq_align_beg_ins_code   ? 
_struct_ref_seq.seq_align_end                 116 
_struct_ref_seq.pdbx_seq_align_end_ins_code   ? 
_struct_ref_seq.pdbx_db_accession             Q9X181 
_struct_ref_seq.db_align_beg                  1 
_struct_ref_seq.pdbx_db_align_beg_ins_code    ? 
_struct_ref_seq.db_align_end                  116 
_struct_ref_seq.pdbx_db_align_end_ins_code    ? 
_struct_ref_seq.pdbx_auth_seq_align_beg       1 
_struct_ref_seq.pdbx_auth_seq_align_end       116 
# 
_struct_ref_seq_dif.align_id                     1 
_struct_ref_seq_dif.pdbx_pdb_id_code             3A10 
_struct_ref_seq_dif.mon_id                       MSE 
_struct_ref_seq_dif.pdbx_pdb_strand_id           A 
_struct_ref_seq_dif.seq_num                      89 
_struct_ref_seq_dif.pdbx_pdb_ins_code            ? 
_struct_ref_seq_dif.pdbx_seq_db_name             UNP 
_struct_ref_seq_dif.pdbx_seq_db_accession_code   Q9X181 
_struct_ref_seq_dif.db_mon_id                    LEU 
_struct_ref_seq_dif.pdbx_seq_db_seq_num          89 
_struct_ref_seq_dif.details                      'engineered mutation' 
_struct_ref_seq_dif.pdbx_auth_seq_num            89 
_struct_ref_seq_dif.pdbx_ordinal                 1 
# 
_pdbx_struct_assembly.id                   1 
_pdbx_struct_assembly.details              author_and_software_defined_assembly 
_pdbx_struct_assembly.method_details       PISA 
_pdbx_struct_assembly.oligomeric_details   monomeric 
_pdbx_struct_assembly.oligomeric_count     1 
# 
_pdbx_struct_assembly_gen.assembly_id       1 
_pdbx_struct_assembly_gen.oper_expression   1 
_pdbx_struct_assembly_gen.asym_id_list      A,B,C,D,E,F 
# 
_pdbx_struct_oper_list.id                   1 
_pdbx_struct_oper_list.type                 'identity operation' 
_pdbx_struct_oper_list.name                 1_555 
_pdbx_struct_oper_list.symmetry_operation   x,y,z 
_pdbx_struct_oper_list.matrix[1][1]         1.0000000000 
_pdbx_struct_oper_list.matrix[1][2]         0.0000000000 
_pdbx_struct_oper_list.matrix[1][3]         0.0000000000 
_pdbx_struct_oper_list.vector[1]            0.0000000000 
_pdbx_struct_oper_list.matrix[2][1]         0.0000000000 
_pdbx_struct_oper_list.matrix[2][2]         1.0000000000 
_pdbx_struct_oper_list.matrix[2][3]         0.0000000000 
_pdbx_struct_oper_list.vector[2]            0.0000000000 
_pdbx_struct_oper_list.matrix[3][1]         0.0000000000 
_pdbx_struct_oper_list.matrix[3][2]         0.0000000000 
_pdbx_struct_oper_list.matrix[3][3]         1.0000000000 
_pdbx_struct_oper_list.vector[3]            0.0000000000 
# 
_struct_biol.id        1 
_struct_biol.details   ? 
# 
loop_
_struct_conf.conf_type_id 
_struct_conf.id 
_struct_conf.pdbx_PDB_helix_id 
_struct_conf.beg_label_comp_id 
_struct_conf.beg_label_asym_id 
_struct_conf.beg_label_seq_id 
_struct_conf.pdbx_beg_PDB_ins_code 
_struct_conf.end_label_comp_id 
_struct_conf.end_label_asym_id 
_struct_conf.end_label_seq_id 
_struct_conf.pdbx_end_PDB_ins_code 
_struct_conf.beg_auth_comp_id 
_struct_conf.beg_auth_asym_id 
_struct_conf.beg_auth_seq_id 
_struct_conf.end_auth_comp_id 
_struct_conf.end_auth_asym_id 
_struct_conf.end_auth_seq_id 
_struct_conf.pdbx_PDB_helix_class 
_struct_conf.details 
_struct_conf.pdbx_PDB_helix_length 
HELX_P HELX_P1 1 GLU A 10  ? GLU A 24  ? GLU A 10  GLU A 24  1 ? 15 
HELX_P HELX_P2 2 ASN A 33  ? GLY A 44  ? ASN A 33  GLY A 44  1 ? 12 
HELX_P HELX_P3 3 SER A 59  ? LYS A 71  ? SER A 59  LYS A 71  1 ? 13 
HELX_P HELX_P4 4 TYR A 82  ? ALA A 94  ? TYR A 82  ALA A 94  5 ? 13 
HELX_P HELX_P5 5 PHE A 104 ? LEU A 115 ? PHE A 104 LEU A 115 1 ? 12 
# 
_struct_conf_type.id          HELX_P 
_struct_conf_type.criteria    ? 
_struct_conf_type.reference   ? 
# 
loop_
_struct_conn.id 
_struct_conn.conn_type_id 
_struct_conn.pdbx_leaving_atom_flag 
_struct_conn.pdbx_PDB_id 
_struct_conn.ptnr1_label_asym_id 
_struct_conn.ptnr1_label_comp_id 
_struct_conn.ptnr1_label_seq_id 
_struct_conn.ptnr1_label_atom_id 
_struct_conn.pdbx_ptnr1_label_alt_id 
_struct_conn.pdbx_ptnr1_PDB_ins_code 
_struct_conn.pdbx_ptnr1_standard_comp_id 
_struct_conn.ptnr1_symmetry 
_struct_conn.ptnr2_label_asym_id 
_struct_conn.ptnr2_label_comp_id 
_struct_conn.ptnr2_label_seq_id 
_struct_conn.ptnr2_label_atom_id 
_struct_conn.pdbx_ptnr2_label_alt_id 
_struct_conn.pdbx_ptnr2_PDB_ins_code 
_struct_conn.ptnr1_auth_asym_id 
_struct_conn.ptnr1_auth_comp_id 
_struct_conn.ptnr1_auth_seq_id 
_struct_conn.ptnr2_auth_asym_id 
_struct_conn.ptnr2_auth_comp_id 
_struct_conn.ptnr2_auth_seq_id 
_struct_conn.ptnr2_symmetry 
_struct_conn.pdbx_ptnr3_label_atom_id 
_struct_conn.pdbx_ptnr3_label_seq_id 
_struct_conn.pdbx_ptnr3_label_comp_id 
_struct_conn.pdbx_ptnr3_label_asym_id 
_struct_conn.pdbx_ptnr3_label_alt_id 
_struct_conn.pdbx_ptnr3_PDB_ins_code 
_struct_conn.details 
_struct_conn.pdbx_dist_value 
_struct_conn.pdbx_value_order 
_struct_conn.pdbx_role 
covale1 covale both ? A MSE 1  C   A ? ? 1_555 A LYS 2  N  ? ? A MSE 1   A LYS 2   1_555 ? ? ? ? ? ? ? 1.336 ? ? 
covale2 covale both ? A MSE 1  C   B ? ? 1_555 A LYS 2  N  ? ? A MSE 1   A LYS 2   1_555 ? ? ? ? ? ? ? 1.331 ? ? 
covale3 covale both ? A MSE 1  C   C ? ? 1_555 A LYS 2  N  ? ? A MSE 1   A LYS 2   1_555 ? ? ? ? ? ? ? 1.331 ? ? 
covale4 covale both ? A GLU 54 C   ? ? ? 1_555 A MSE 55 N  ? ? A GLU 54  A MSE 55  1_555 ? ? ? ? ? ? ? 1.344 ? ? 
covale5 covale both ? A MSE 55 C   ? ? ? 1_555 A PRO 56 N  ? ? A MSE 55  A PRO 56  1_555 ? ? ? ? ? ? ? 1.346 ? ? 
covale6 covale both ? A ASP 88 C   ? ? ? 1_555 A MSE 89 N  ? ? A ASP 88  A MSE 89  1_555 ? ? ? ? ? ? ? 1.326 ? ? 
covale7 covale both ? A MSE 89 C   ? ? ? 1_555 A SER 90 N  ? ? A MSE 89  A SER 90  1_555 ? ? ? ? ? ? ? 1.332 ? ? 
metalc1 metalc ?    ? A ASP 9  OD1 ? ? ? 1_555 B MG  .  MG ? ? A ASP 9   A MG  201 1_555 ? ? ? ? ? ? ? 2.054 ? ? 
metalc2 metalc ?    ? A ASP 52 OD2 ? ? ? 1_555 B MG  .  MG ? ? A ASP 52  A MG  201 1_555 ? ? ? ? ? ? ? 2.040 ? ? 
metalc3 metalc ?    ? A ASP 52 OD1 ? ? ? 1_555 C BEF .  BE ? ? A ASP 52  A BEF 202 1_555 ? ? ? ? ? ? ? 1.556 ? ? 
metalc4 metalc ?    ? A GLU 54 O   ? ? ? 1_555 B MG  .  MG ? ? A GLU 54  A MG  201 1_555 ? ? ? ? ? ? ? 2.068 ? ? 
metalc5 metalc ?    ? F HOH .  O   ? ? ? 1_555 B MG  .  MG ? ? A HOH 117 A MG  201 1_555 ? ? ? ? ? ? ? 2.054 ? ? 
metalc6 metalc ?    ? F HOH .  O   ? ? ? 1_555 B MG  .  MG ? ? A HOH 126 A MG  201 1_555 ? ? ? ? ? ? ? 2.131 ? ? 
# 
loop_
_struct_conn_type.id 
_struct_conn_type.criteria 
_struct_conn_type.reference 
covale ? ? 
metalc ? ? 
# 
loop_
_pdbx_struct_conn_angle.id 
_pdbx_struct_conn_angle.ptnr1_label_atom_id 
_pdbx_struct_conn_angle.ptnr1_label_alt_id 
_pdbx_struct_conn_angle.ptnr1_label_asym_id 
_pdbx_struct_conn_angle.ptnr1_label_comp_id 
_pdbx_struct_conn_angle.ptnr1_label_seq_id 
_pdbx_struct_conn_angle.ptnr1_auth_atom_id 
_pdbx_struct_conn_angle.ptnr1_auth_asym_id 
_pdbx_struct_conn_angle.ptnr1_auth_comp_id 
_pdbx_struct_conn_angle.ptnr1_auth_seq_id 
_pdbx_struct_conn_angle.ptnr1_PDB_ins_code 
_pdbx_struct_conn_angle.ptnr1_symmetry 
_pdbx_struct_conn_angle.ptnr2_label_atom_id 
_pdbx_struct_conn_angle.ptnr2_label_alt_id 
_pdbx_struct_conn_angle.ptnr2_label_asym_id 
_pdbx_struct_conn_angle.ptnr2_label_comp_id 
_pdbx_struct_conn_angle.ptnr2_label_seq_id 
_pdbx_struct_conn_angle.ptnr2_auth_atom_id 
_pdbx_struct_conn_angle.ptnr2_auth_asym_id 
_pdbx_struct_conn_angle.ptnr2_auth_comp_id 
_pdbx_struct_conn_angle.ptnr2_auth_seq_id 
_pdbx_struct_conn_angle.ptnr2_PDB_ins_code 
_pdbx_struct_conn_angle.ptnr2_symmetry 
_pdbx_struct_conn_angle.ptnr3_label_atom_id 
_pdbx_struct_conn_angle.ptnr3_label_alt_id 
_pdbx_struct_conn_angle.ptnr3_label_asym_id 
_pdbx_struct_conn_angle.ptnr3_label_comp_id 
_pdbx_struct_conn_angle.ptnr3_label_seq_id 
_pdbx_struct_conn_angle.ptnr3_auth_atom_id 
_pdbx_struct_conn_angle.ptnr3_auth_asym_id 
_pdbx_struct_conn_angle.ptnr3_auth_comp_id 
_pdbx_struct_conn_angle.ptnr3_auth_seq_id 
_pdbx_struct_conn_angle.ptnr3_PDB_ins_code 
_pdbx_struct_conn_angle.ptnr3_symmetry 
_pdbx_struct_conn_angle.value 
_pdbx_struct_conn_angle.value_esd 
1  OD1 ? A ASP 9  ? A ASP 9   ? 1_555 MG ? B MG  . ? A MG  201 ? 1_555 OD2 ? A ASP 52 ? A ASP 52  ? 1_555 85.8  ? 
2  OD1 ? A ASP 9  ? A ASP 9   ? 1_555 MG ? B MG  . ? A MG  201 ? 1_555 O   ? A GLU 54 ? A GLU 54  ? 1_555 88.9  ? 
3  OD2 ? A ASP 52 ? A ASP 52  ? 1_555 MG ? B MG  . ? A MG  201 ? 1_555 O   ? A GLU 54 ? A GLU 54  ? 1_555 91.9  ? 
4  OD1 ? A ASP 9  ? A ASP 9   ? 1_555 MG ? B MG  . ? A MG  201 ? 1_555 O   ? F HOH .  ? A HOH 117 ? 1_555 88.6  ? 
5  OD2 ? A ASP 52 ? A ASP 52  ? 1_555 MG ? B MG  . ? A MG  201 ? 1_555 O   ? F HOH .  ? A HOH 117 ? 1_555 85.4  ? 
6  O   ? A GLU 54 ? A GLU 54  ? 1_555 MG ? B MG  . ? A MG  201 ? 1_555 O   ? F HOH .  ? A HOH 117 ? 1_555 176.5 ? 
7  OD1 ? A ASP 9  ? A ASP 9   ? 1_555 MG ? B MG  . ? A MG  201 ? 1_555 O   ? F HOH .  ? A HOH 126 ? 1_555 90.3  ? 
8  OD2 ? A ASP 52 ? A ASP 52  ? 1_555 MG ? B MG  . ? A MG  201 ? 1_555 O   ? F HOH .  ? A HOH 126 ? 1_555 175.5 ? 
9  O   ? A GLU 54 ? A GLU 54  ? 1_555 MG ? B MG  . ? A MG  201 ? 1_555 O   ? F HOH .  ? A HOH 126 ? 1_555 90.2  ? 
10 O   ? F HOH .  ? A HOH 117 ? 1_555 MG ? B MG  . ? A MG  201 ? 1_555 O   ? F HOH .  ? A HOH 126 ? 1_555 92.3  ? 
11 OD1 ? A ASP 52 ? A ASP 52  ? 1_555 BE ? C BEF . ? A BEF 202 ? 1_555 F1  ? C BEF .  ? A BEF 202 ? 1_555 109.8 ? 
12 OD1 ? A ASP 52 ? A ASP 52  ? 1_555 BE ? C BEF . ? A BEF 202 ? 1_555 F2  ? C BEF .  ? A BEF 202 ? 1_555 112.4 ? 
13 F1  ? C BEF .  ? A BEF 202 ? 1_555 BE ? C BEF . ? A BEF 202 ? 1_555 F2  ? C BEF .  ? A BEF 202 ? 1_555 107.1 ? 
14 OD1 ? A ASP 52 ? A ASP 52  ? 1_555 BE ? C BEF . ? A BEF 202 ? 1_555 F3  ? C BEF .  ? A BEF 202 ? 1_555 114.0 ? 
15 F1  ? C BEF .  ? A BEF 202 ? 1_555 BE ? C BEF . ? A BEF 202 ? 1_555 F3  ? C BEF .  ? A BEF 202 ? 1_555 107.8 ? 
16 F2  ? C BEF .  ? A BEF 202 ? 1_555 BE ? C BEF . ? A BEF 202 ? 1_555 F3  ? C BEF .  ? A BEF 202 ? 1_555 105.4 ? 
# 
loop_
_pdbx_modification_feature.ordinal 
_pdbx_modification_feature.label_comp_id 
_pdbx_modification_feature.label_asym_id 
_pdbx_modification_feature.label_seq_id 
_pdbx_modification_feature.label_alt_id 
_pdbx_modification_feature.modified_residue_label_comp_id 
_pdbx_modification_feature.modified_residue_label_asym_id 
_pdbx_modification_feature.modified_residue_label_seq_id 
_pdbx_modification_feature.modified_residue_label_alt_id 
_pdbx_modification_feature.auth_comp_id 
_pdbx_modification_feature.auth_asym_id 
_pdbx_modification_feature.auth_seq_id 
_pdbx_modification_feature.PDB_ins_code 
_pdbx_modification_feature.symmetry 
_pdbx_modification_feature.modified_residue_auth_comp_id 
_pdbx_modification_feature.modified_residue_auth_asym_id 
_pdbx_modification_feature.modified_residue_auth_seq_id 
_pdbx_modification_feature.modified_residue_PDB_ins_code 
_pdbx_modification_feature.modified_residue_symmetry 
_pdbx_modification_feature.comp_id_linking_atom 
_pdbx_modification_feature.modified_residue_id_linking_atom 
_pdbx_modification_feature.modified_residue_id 
_pdbx_modification_feature.ref_pcm_id 
_pdbx_modification_feature.ref_comp_id 
_pdbx_modification_feature.type 
_pdbx_modification_feature.category 
1 MSE A 1  A . . . . MSE A 1  ? 1_555 . . . . . . . MET 1 MSE Selenomethionine 'Named protein modification' 
2 MSE A 1  B . . . . MSE A 1  ? 1_555 . . . . . . . MET 1 MSE Selenomethionine 'Named protein modification' 
3 MSE A 1  C . . . . MSE A 1  ? 1_555 . . . . . . . MET 1 MSE Selenomethionine 'Named protein modification' 
4 MSE A 55 ? . . . . MSE A 55 ? 1_555 . . . . . . . MET 1 MSE Selenomethionine 'Named protein modification' 
5 MSE A 89 ? . . . . MSE A 89 ? 1_555 . . . . . . . MET 1 MSE Selenomethionine 'Named protein modification' 
# 
_struct_sheet.id               A 
_struct_sheet.type             ? 
_struct_sheet.number_strands   5 
_struct_sheet.details          ? 
# 
loop_
_struct_sheet_order.sheet_id 
_struct_sheet_order.range_id_1 
_struct_sheet_order.range_id_2 
_struct_sheet_order.offset 
_struct_sheet_order.sense 
A 1 2 ? parallel 
A 2 3 ? parallel 
A 3 4 ? parallel 
A 4 5 ? parallel 
# 
loop_
_struct_sheet_range.sheet_id 
_struct_sheet_range.id 
_struct_sheet_range.beg_label_comp_id 
_struct_sheet_range.beg_label_asym_id 
_struct_sheet_range.beg_label_seq_id 
_struct_sheet_range.pdbx_beg_PDB_ins_code 
_struct_sheet_range.end_label_comp_id 
_struct_sheet_range.end_label_asym_id 
_struct_sheet_range.end_label_seq_id 
_struct_sheet_range.pdbx_end_PDB_ins_code 
_struct_sheet_range.beg_auth_comp_id 
_struct_sheet_range.beg_auth_asym_id 
_struct_sheet_range.beg_auth_seq_id 
_struct_sheet_range.end_auth_comp_id 
_struct_sheet_range.end_auth_asym_id 
_struct_sheet_range.end_auth_seq_id 
A 1 GLU A 27 ? ALA A 31 ? GLU A 27 ALA A 31 
A 2 ARG A 3  ? VAL A 7  ? ARG A 3  VAL A 7  
A 3 LEU A 48 ? LEU A 51 ? LEU A 48 LEU A 51 
A 4 ILE A 76 ? THR A 80 ? ILE A 76 THR A 80 
A 5 GLU A 96 ? VAL A 99 ? GLU A 96 VAL A 99 
# 
loop_
_pdbx_struct_sheet_hbond.sheet_id 
_pdbx_struct_sheet_hbond.range_id_1 
_pdbx_struct_sheet_hbond.range_id_2 
_pdbx_struct_sheet_hbond.range_1_label_atom_id 
_pdbx_struct_sheet_hbond.range_1_label_comp_id 
_pdbx_struct_sheet_hbond.range_1_label_asym_id 
_pdbx_struct_sheet_hbond.range_1_label_seq_id 
_pdbx_struct_sheet_hbond.range_1_PDB_ins_code 
_pdbx_struct_sheet_hbond.range_1_auth_atom_id 
_pdbx_struct_sheet_hbond.range_1_auth_comp_id 
_pdbx_struct_sheet_hbond.range_1_auth_asym_id 
_pdbx_struct_sheet_hbond.range_1_auth_seq_id 
_pdbx_struct_sheet_hbond.range_2_label_atom_id 
_pdbx_struct_sheet_hbond.range_2_label_comp_id 
_pdbx_struct_sheet_hbond.range_2_label_asym_id 
_pdbx_struct_sheet_hbond.range_2_label_seq_id 
_pdbx_struct_sheet_hbond.range_2_PDB_ins_code 
_pdbx_struct_sheet_hbond.range_2_auth_atom_id 
_pdbx_struct_sheet_hbond.range_2_auth_comp_id 
_pdbx_struct_sheet_hbond.range_2_auth_asym_id 
_pdbx_struct_sheet_hbond.range_2_auth_seq_id 
A 1 2 O ASP A 29 ? O ASP A 29 N VAL A 6  ? N VAL A 6  
A 2 3 N LEU A 5  ? N LEU A 5  O ILE A 50 ? O ILE A 50 
A 3 4 N LEU A 51 ? N LEU A 51 O ILE A 77 ? O ILE A 77 
A 4 5 N LEU A 78 ? N LEU A 78 O VAL A 98 ? O VAL A 98 
# 
loop_
_struct_site.id 
_struct_site.pdbx_evidence_code 
_struct_site.pdbx_auth_asym_id 
_struct_site.pdbx_auth_comp_id 
_struct_site.pdbx_auth_seq_id 
_struct_site.pdbx_auth_ins_code 
_struct_site.pdbx_num_residues 
_struct_site.details 
AC1 Software A MG  201 ? 6  'BINDING SITE FOR RESIDUE MG A 201'  
AC2 Software A BEF 202 ? 10 'BINDING SITE FOR RESIDUE BEF A 202' 
AC3 Software A PG4 203 ? 9  'BINDING SITE FOR RESIDUE PG4 A 203' 
AC4 Software A PG4 204 ? 3  'BINDING SITE FOR RESIDUE PG4 A 204' 
# 
loop_
_struct_site_gen.id 
_struct_site_gen.site_id 
_struct_site_gen.pdbx_num_res 
_struct_site_gen.label_comp_id 
_struct_site_gen.label_asym_id 
_struct_site_gen.label_seq_id 
_struct_site_gen.pdbx_auth_ins_code 
_struct_site_gen.auth_comp_id 
_struct_site_gen.auth_asym_id 
_struct_site_gen.auth_seq_id 
_struct_site_gen.label_atom_id 
_struct_site_gen.label_alt_id 
_struct_site_gen.symmetry 
_struct_site_gen.details 
1  AC1 6  ASP A 9   ? ASP A 9   . ? 1_555 ? 
2  AC1 6  ASP A 52  ? ASP A 52  . ? 1_555 ? 
3  AC1 6  GLU A 54  ? GLU A 54  . ? 1_555 ? 
4  AC1 6  HOH F .   ? HOH A 117 . ? 1_555 ? 
5  AC1 6  HOH F .   ? HOH A 126 . ? 1_555 ? 
6  AC1 6  BEF C .   ? BEF A 202 . ? 1_555 ? 
7  AC2 10 ASP A 52  ? ASP A 52  . ? 1_555 ? 
8  AC2 10 ILE A 53  ? ILE A 53  . ? 1_555 ? 
9  AC2 10 GLU A 54  ? GLU A 54  . ? 1_555 ? 
10 AC2 10 THR A 80  ? THR A 80  . ? 1_555 ? 
11 AC2 10 ALA A 81  ? ALA A 81  . ? 1_555 ? 
12 AC2 10 LYS A 100 ? LYS A 100 . ? 1_555 ? 
13 AC2 10 HOH F .   ? HOH A 117 . ? 1_555 ? 
14 AC2 10 HOH F .   ? HOH A 126 . ? 1_555 ? 
15 AC2 10 HOH F .   ? HOH A 130 . ? 1_555 ? 
16 AC2 10 MG  B .   ? MG  A 201 . ? 1_555 ? 
17 AC3 9  ASP A 9   ? ASP A 9   . ? 1_555 ? 
18 AC3 9  GLU A 54  ? GLU A 54  . ? 1_555 ? 
19 AC3 9  MSE A 55  ? MSE A 55  . ? 1_555 ? 
20 AC3 9  GLY A 57  ? GLY A 57  . ? 1_555 ? 
21 AC3 9  SER A 59  ? SER A 59  . ? 1_555 ? 
22 AC3 9  LYS A 69  ? LYS A 69  . ? 6_555 ? 
23 AC3 9  HOH F .   ? HOH A 165 . ? 1_555 ? 
24 AC3 9  HOH F .   ? HOH A 166 . ? 1_555 ? 
25 AC3 9  HOH F .   ? HOH A 186 . ? 1_555 ? 
26 AC4 3  PHE A 42  ? PHE A 42  . ? 6_555 ? 
27 AC4 3  MSE A 89  ? MSE A 89  . ? 1_555 ? 
28 AC4 3  HOH F .   ? HOH A 167 . ? 1_555 ? 
# 
_pdbx_entry_details.entry_id                   3A10 
_pdbx_entry_details.compound_details           ? 
_pdbx_entry_details.source_details             ? 
_pdbx_entry_details.nonpolymer_details         ? 
_pdbx_entry_details.sequence_details           ? 
_pdbx_entry_details.has_ligand_of_interest     ? 
_pdbx_entry_details.has_protein_modification   Y 
# 
_pdbx_validate_torsion.id              1 
_pdbx_validate_torsion.PDB_model_num   1 
_pdbx_validate_torsion.auth_comp_id    ASN 
_pdbx_validate_torsion.auth_asym_id    A 
_pdbx_validate_torsion.auth_seq_id     45 
_pdbx_validate_torsion.PDB_ins_code    ? 
_pdbx_validate_torsion.label_alt_id    ? 
_pdbx_validate_torsion.phi             -143.22 
_pdbx_validate_torsion.psi             54.66 
# 
loop_
_pdbx_struct_mod_residue.id 
_pdbx_struct_mod_residue.label_asym_id 
_pdbx_struct_mod_residue.label_comp_id 
_pdbx_struct_mod_residue.label_seq_id 
_pdbx_struct_mod_residue.auth_asym_id 
_pdbx_struct_mod_residue.auth_comp_id 
_pdbx_struct_mod_residue.auth_seq_id 
_pdbx_struct_mod_residue.PDB_ins_code 
_pdbx_struct_mod_residue.parent_comp_id 
_pdbx_struct_mod_residue.details 
1 A MSE 1  A MSE 1  ? MET SELENOMETHIONINE 
2 A MSE 55 A MSE 55 ? MET SELENOMETHIONINE 
3 A MSE 89 A MSE 89 ? MET SELENOMETHIONINE 
# 
loop_
_chem_comp_atom.comp_id 
_chem_comp_atom.atom_id 
_chem_comp_atom.type_symbol 
_chem_comp_atom.pdbx_aromatic_flag 
_chem_comp_atom.pdbx_stereo_config 
_chem_comp_atom.pdbx_ordinal 
ALA N    N  N N 1   
ALA CA   C  N S 2   
ALA C    C  N N 3   
ALA O    O  N N 4   
ALA CB   C  N N 5   
ALA OXT  O  N N 6   
ALA H    H  N N 7   
ALA H2   H  N N 8   
ALA HA   H  N N 9   
ALA HB1  H  N N 10  
ALA HB2  H  N N 11  
ALA HB3  H  N N 12  
ALA HXT  H  N N 13  
ARG N    N  N N 14  
ARG CA   C  N S 15  
ARG C    C  N N 16  
ARG O    O  N N 17  
ARG CB   C  N N 18  
ARG CG   C  N N 19  
ARG CD   C  N N 20  
ARG NE   N  N N 21  
ARG CZ   C  N N 22  
ARG NH1  N  N N 23  
ARG NH2  N  N N 24  
ARG OXT  O  N N 25  
ARG H    H  N N 26  
ARG H2   H  N N 27  
ARG HA   H  N N 28  
ARG HB2  H  N N 29  
ARG HB3  H  N N 30  
ARG HG2  H  N N 31  
ARG HG3  H  N N 32  
ARG HD2  H  N N 33  
ARG HD3  H  N N 34  
ARG HE   H  N N 35  
ARG HH11 H  N N 36  
ARG HH12 H  N N 37  
ARG HH21 H  N N 38  
ARG HH22 H  N N 39  
ARG HXT  H  N N 40  
ASN N    N  N N 41  
ASN CA   C  N S 42  
ASN C    C  N N 43  
ASN O    O  N N 44  
ASN CB   C  N N 45  
ASN CG   C  N N 46  
ASN OD1  O  N N 47  
ASN ND2  N  N N 48  
ASN OXT  O  N N 49  
ASN H    H  N N 50  
ASN H2   H  N N 51  
ASN HA   H  N N 52  
ASN HB2  H  N N 53  
ASN HB3  H  N N 54  
ASN HD21 H  N N 55  
ASN HD22 H  N N 56  
ASN HXT  H  N N 57  
ASP N    N  N N 58  
ASP CA   C  N S 59  
ASP C    C  N N 60  
ASP O    O  N N 61  
ASP CB   C  N N 62  
ASP CG   C  N N 63  
ASP OD1  O  N N 64  
ASP OD2  O  N N 65  
ASP OXT  O  N N 66  
ASP H    H  N N 67  
ASP H2   H  N N 68  
ASP HA   H  N N 69  
ASP HB2  H  N N 70  
ASP HB3  H  N N 71  
ASP HD2  H  N N 72  
ASP HXT  H  N N 73  
BEF BE   BE N N 74  
BEF F1   F  N N 75  
BEF F2   F  N N 76  
BEF F3   F  N N 77  
GLN N    N  N N 78  
GLN CA   C  N S 79  
GLN C    C  N N 80  
GLN O    O  N N 81  
GLN CB   C  N N 82  
GLN CG   C  N N 83  
GLN CD   C  N N 84  
GLN OE1  O  N N 85  
GLN NE2  N  N N 86  
GLN OXT  O  N N 87  
GLN H    H  N N 88  
GLN H2   H  N N 89  
GLN HA   H  N N 90  
GLN HB2  H  N N 91  
GLN HB3  H  N N 92  
GLN HG2  H  N N 93  
GLN HG3  H  N N 94  
GLN HE21 H  N N 95  
GLN HE22 H  N N 96  
GLN HXT  H  N N 97  
GLU N    N  N N 98  
GLU CA   C  N S 99  
GLU C    C  N N 100 
GLU O    O  N N 101 
GLU CB   C  N N 102 
GLU CG   C  N N 103 
GLU CD   C  N N 104 
GLU OE1  O  N N 105 
GLU OE2  O  N N 106 
GLU OXT  O  N N 107 
GLU H    H  N N 108 
GLU H2   H  N N 109 
GLU HA   H  N N 110 
GLU HB2  H  N N 111 
GLU HB3  H  N N 112 
GLU HG2  H  N N 113 
GLU HG3  H  N N 114 
GLU HE2  H  N N 115 
GLU HXT  H  N N 116 
GLY N    N  N N 117 
GLY CA   C  N N 118 
GLY C    C  N N 119 
GLY O    O  N N 120 
GLY OXT  O  N N 121 
GLY H    H  N N 122 
GLY H2   H  N N 123 
GLY HA2  H  N N 124 
GLY HA3  H  N N 125 
GLY HXT  H  N N 126 
HIS N    N  N N 127 
HIS CA   C  N S 128 
HIS C    C  N N 129 
HIS O    O  N N 130 
HIS CB   C  N N 131 
HIS CG   C  Y N 132 
HIS ND1  N  Y N 133 
HIS CD2  C  Y N 134 
HIS CE1  C  Y N 135 
HIS NE2  N  Y N 136 
HIS OXT  O  N N 137 
HIS H    H  N N 138 
HIS H2   H  N N 139 
HIS HA   H  N N 140 
HIS HB2  H  N N 141 
HIS HB3  H  N N 142 
HIS HD1  H  N N 143 
HIS HD2  H  N N 144 
HIS HE1  H  N N 145 
HIS HE2  H  N N 146 
HIS HXT  H  N N 147 
HOH O    O  N N 148 
HOH H1   H  N N 149 
HOH H2   H  N N 150 
ILE N    N  N N 151 
ILE CA   C  N S 152 
ILE C    C  N N 153 
ILE O    O  N N 154 
ILE CB   C  N S 155 
ILE CG1  C  N N 156 
ILE CG2  C  N N 157 
ILE CD1  C  N N 158 
ILE OXT  O  N N 159 
ILE H    H  N N 160 
ILE H2   H  N N 161 
ILE HA   H  N N 162 
ILE HB   H  N N 163 
ILE HG12 H  N N 164 
ILE HG13 H  N N 165 
ILE HG21 H  N N 166 
ILE HG22 H  N N 167 
ILE HG23 H  N N 168 
ILE HD11 H  N N 169 
ILE HD12 H  N N 170 
ILE HD13 H  N N 171 
ILE HXT  H  N N 172 
LEU N    N  N N 173 
LEU CA   C  N S 174 
LEU C    C  N N 175 
LEU O    O  N N 176 
LEU CB   C  N N 177 
LEU CG   C  N N 178 
LEU CD1  C  N N 179 
LEU CD2  C  N N 180 
LEU OXT  O  N N 181 
LEU H    H  N N 182 
LEU H2   H  N N 183 
LEU HA   H  N N 184 
LEU HB2  H  N N 185 
LEU HB3  H  N N 186 
LEU HG   H  N N 187 
LEU HD11 H  N N 188 
LEU HD12 H  N N 189 
LEU HD13 H  N N 190 
LEU HD21 H  N N 191 
LEU HD22 H  N N 192 
LEU HD23 H  N N 193 
LEU HXT  H  N N 194 
LYS N    N  N N 195 
LYS CA   C  N S 196 
LYS C    C  N N 197 
LYS O    O  N N 198 
LYS CB   C  N N 199 
LYS CG   C  N N 200 
LYS CD   C  N N 201 
LYS CE   C  N N 202 
LYS NZ   N  N N 203 
LYS OXT  O  N N 204 
LYS H    H  N N 205 
LYS H2   H  N N 206 
LYS HA   H  N N 207 
LYS HB2  H  N N 208 
LYS HB3  H  N N 209 
LYS HG2  H  N N 210 
LYS HG3  H  N N 211 
LYS HD2  H  N N 212 
LYS HD3  H  N N 213 
LYS HE2  H  N N 214 
LYS HE3  H  N N 215 
LYS HZ1  H  N N 216 
LYS HZ2  H  N N 217 
LYS HZ3  H  N N 218 
LYS HXT  H  N N 219 
MG  MG   MG N N 220 
MSE N    N  N N 221 
MSE CA   C  N S 222 
MSE C    C  N N 223 
MSE O    O  N N 224 
MSE OXT  O  N N 225 
MSE CB   C  N N 226 
MSE CG   C  N N 227 
MSE SE   SE N N 228 
MSE CE   C  N N 229 
MSE H    H  N N 230 
MSE H2   H  N N 231 
MSE HA   H  N N 232 
MSE HXT  H  N N 233 
MSE HB2  H  N N 234 
MSE HB3  H  N N 235 
MSE HG2  H  N N 236 
MSE HG3  H  N N 237 
MSE HE1  H  N N 238 
MSE HE2  H  N N 239 
MSE HE3  H  N N 240 
PG4 O1   O  N N 241 
PG4 C1   C  N N 242 
PG4 C2   C  N N 243 
PG4 O2   O  N N 244 
PG4 C3   C  N N 245 
PG4 C4   C  N N 246 
PG4 O3   O  N N 247 
PG4 C5   C  N N 248 
PG4 C6   C  N N 249 
PG4 O4   O  N N 250 
PG4 C7   C  N N 251 
PG4 C8   C  N N 252 
PG4 O5   O  N N 253 
PG4 HO1  H  N N 254 
PG4 H11  H  N N 255 
PG4 H12  H  N N 256 
PG4 H21  H  N N 257 
PG4 H22  H  N N 258 
PG4 H31  H  N N 259 
PG4 H32  H  N N 260 
PG4 H41  H  N N 261 
PG4 H42  H  N N 262 
PG4 H51  H  N N 263 
PG4 H52  H  N N 264 
PG4 H61  H  N N 265 
PG4 H62  H  N N 266 
PG4 H71  H  N N 267 
PG4 H72  H  N N 268 
PG4 H81  H  N N 269 
PG4 H82  H  N N 270 
PG4 HO5  H  N N 271 
PHE N    N  N N 272 
PHE CA   C  N S 273 
PHE C    C  N N 274 
PHE O    O  N N 275 
PHE CB   C  N N 276 
PHE CG   C  Y N 277 
PHE CD1  C  Y N 278 
PHE CD2  C  Y N 279 
PHE CE1  C  Y N 280 
PHE CE2  C  Y N 281 
PHE CZ   C  Y N 282 
PHE OXT  O  N N 283 
PHE H    H  N N 284 
PHE H2   H  N N 285 
PHE HA   H  N N 286 
PHE HB2  H  N N 287 
PHE HB3  H  N N 288 
PHE HD1  H  N N 289 
PHE HD2  H  N N 290 
PHE HE1  H  N N 291 
PHE HE2  H  N N 292 
PHE HZ   H  N N 293 
PHE HXT  H  N N 294 
PRO N    N  N N 295 
PRO CA   C  N S 296 
PRO C    C  N N 297 
PRO O    O  N N 298 
PRO CB   C  N N 299 
PRO CG   C  N N 300 
PRO CD   C  N N 301 
PRO OXT  O  N N 302 
PRO H    H  N N 303 
PRO HA   H  N N 304 
PRO HB2  H  N N 305 
PRO HB3  H  N N 306 
PRO HG2  H  N N 307 
PRO HG3  H  N N 308 
PRO HD2  H  N N 309 
PRO HD3  H  N N 310 
PRO HXT  H  N N 311 
SER N    N  N N 312 
SER CA   C  N S 313 
SER C    C  N N 314 
SER O    O  N N 315 
SER CB   C  N N 316 
SER OG   O  N N 317 
SER OXT  O  N N 318 
SER H    H  N N 319 
SER H2   H  N N 320 
SER HA   H  N N 321 
SER HB2  H  N N 322 
SER HB3  H  N N 323 
SER HG   H  N N 324 
SER HXT  H  N N 325 
THR N    N  N N 326 
THR CA   C  N S 327 
THR C    C  N N 328 
THR O    O  N N 329 
THR CB   C  N R 330 
THR OG1  O  N N 331 
THR CG2  C  N N 332 
THR OXT  O  N N 333 
THR H    H  N N 334 
THR H2   H  N N 335 
THR HA   H  N N 336 
THR HB   H  N N 337 
THR HG1  H  N N 338 
THR HG21 H  N N 339 
THR HG22 H  N N 340 
THR HG23 H  N N 341 
THR HXT  H  N N 342 
TRP N    N  N N 343 
TRP CA   C  N S 344 
TRP C    C  N N 345 
TRP O    O  N N 346 
TRP CB   C  N N 347 
TRP CG   C  Y N 348 
TRP CD1  C  Y N 349 
TRP CD2  C  Y N 350 
TRP NE1  N  Y N 351 
TRP CE2  C  Y N 352 
TRP CE3  C  Y N 353 
TRP CZ2  C  Y N 354 
TRP CZ3  C  Y N 355 
TRP CH2  C  Y N 356 
TRP OXT  O  N N 357 
TRP H    H  N N 358 
TRP H2   H  N N 359 
TRP HA   H  N N 360 
TRP HB2  H  N N 361 
TRP HB3  H  N N 362 
TRP HD1  H  N N 363 
TRP HE1  H  N N 364 
TRP HE3  H  N N 365 
TRP HZ2  H  N N 366 
TRP HZ3  H  N N 367 
TRP HH2  H  N N 368 
TRP HXT  H  N N 369 
TYR N    N  N N 370 
TYR CA   C  N S 371 
TYR C    C  N N 372 
TYR O    O  N N 373 
TYR CB   C  N N 374 
TYR CG   C  Y N 375 
TYR CD1  C  Y N 376 
TYR CD2  C  Y N 377 
TYR CE1  C  Y N 378 
TYR CE2  C  Y N 379 
TYR CZ   C  Y N 380 
TYR OH   O  N N 381 
TYR OXT  O  N N 382 
TYR H    H  N N 383 
TYR H2   H  N N 384 
TYR HA   H  N N 385 
TYR HB2  H  N N 386 
TYR HB3  H  N N 387 
TYR HD1  H  N N 388 
TYR HD2  H  N N 389 
TYR HE1  H  N N 390 
TYR HE2  H  N N 391 
TYR HH   H  N N 392 
TYR HXT  H  N N 393 
VAL N    N  N N 394 
VAL CA   C  N S 395 
VAL C    C  N N 396 
VAL O    O  N N 397 
VAL CB   C  N N 398 
VAL CG1  C  N N 399 
VAL CG2  C  N N 400 
VAL OXT  O  N N 401 
VAL H    H  N N 402 
VAL H2   H  N N 403 
VAL HA   H  N N 404 
VAL HB   H  N N 405 
VAL HG11 H  N N 406 
VAL HG12 H  N N 407 
VAL HG13 H  N N 408 
VAL HG21 H  N N 409 
VAL HG22 H  N N 410 
VAL HG23 H  N N 411 
VAL HXT  H  N N 412 
# 
loop_
_chem_comp_bond.comp_id 
_chem_comp_bond.atom_id_1 
_chem_comp_bond.atom_id_2 
_chem_comp_bond.value_order 
_chem_comp_bond.pdbx_aromatic_flag 
_chem_comp_bond.pdbx_stereo_config 
_chem_comp_bond.pdbx_ordinal 
ALA N   CA   sing N N 1   
ALA N   H    sing N N 2   
ALA N   H2   sing N N 3   
ALA CA  C    sing N N 4   
ALA CA  CB   sing N N 5   
ALA CA  HA   sing N N 6   
ALA C   O    doub N N 7   
ALA C   OXT  sing N N 8   
ALA CB  HB1  sing N N 9   
ALA CB  HB2  sing N N 10  
ALA CB  HB3  sing N N 11  
ALA OXT HXT  sing N N 12  
ARG N   CA   sing N N 13  
ARG N   H    sing N N 14  
ARG N   H2   sing N N 15  
ARG CA  C    sing N N 16  
ARG CA  CB   sing N N 17  
ARG CA  HA   sing N N 18  
ARG C   O    doub N N 19  
ARG C   OXT  sing N N 20  
ARG CB  CG   sing N N 21  
ARG CB  HB2  sing N N 22  
ARG CB  HB3  sing N N 23  
ARG CG  CD   sing N N 24  
ARG CG  HG2  sing N N 25  
ARG CG  HG3  sing N N 26  
ARG CD  NE   sing N N 27  
ARG CD  HD2  sing N N 28  
ARG CD  HD3  sing N N 29  
ARG NE  CZ   sing N N 30  
ARG NE  HE   sing N N 31  
ARG CZ  NH1  sing N N 32  
ARG CZ  NH2  doub N N 33  
ARG NH1 HH11 sing N N 34  
ARG NH1 HH12 sing N N 35  
ARG NH2 HH21 sing N N 36  
ARG NH2 HH22 sing N N 37  
ARG OXT HXT  sing N N 38  
ASN N   CA   sing N N 39  
ASN N   H    sing N N 40  
ASN N   H2   sing N N 41  
ASN CA  C    sing N N 42  
ASN CA  CB   sing N N 43  
ASN CA  HA   sing N N 44  
ASN C   O    doub N N 45  
ASN C   OXT  sing N N 46  
ASN CB  CG   sing N N 47  
ASN CB  HB2  sing N N 48  
ASN CB  HB3  sing N N 49  
ASN CG  OD1  doub N N 50  
ASN CG  ND2  sing N N 51  
ASN ND2 HD21 sing N N 52  
ASN ND2 HD22 sing N N 53  
ASN OXT HXT  sing N N 54  
ASP N   CA   sing N N 55  
ASP N   H    sing N N 56  
ASP N   H2   sing N N 57  
ASP CA  C    sing N N 58  
ASP CA  CB   sing N N 59  
ASP CA  HA   sing N N 60  
ASP C   O    doub N N 61  
ASP C   OXT  sing N N 62  
ASP CB  CG   sing N N 63  
ASP CB  HB2  sing N N 64  
ASP CB  HB3  sing N N 65  
ASP CG  OD1  doub N N 66  
ASP CG  OD2  sing N N 67  
ASP OD2 HD2  sing N N 68  
ASP OXT HXT  sing N N 69  
BEF BE  F1   sing N N 70  
BEF BE  F2   sing N N 71  
BEF BE  F3   sing N N 72  
GLN N   CA   sing N N 73  
GLN N   H    sing N N 74  
GLN N   H2   sing N N 75  
GLN CA  C    sing N N 76  
GLN CA  CB   sing N N 77  
GLN CA  HA   sing N N 78  
GLN C   O    doub N N 79  
GLN C   OXT  sing N N 80  
GLN CB  CG   sing N N 81  
GLN CB  HB2  sing N N 82  
GLN CB  HB3  sing N N 83  
GLN CG  CD   sing N N 84  
GLN CG  HG2  sing N N 85  
GLN CG  HG3  sing N N 86  
GLN CD  OE1  doub N N 87  
GLN CD  NE2  sing N N 88  
GLN NE2 HE21 sing N N 89  
GLN NE2 HE22 sing N N 90  
GLN OXT HXT  sing N N 91  
GLU N   CA   sing N N 92  
GLU N   H    sing N N 93  
GLU N   H2   sing N N 94  
GLU CA  C    sing N N 95  
GLU CA  CB   sing N N 96  
GLU CA  HA   sing N N 97  
GLU C   O    doub N N 98  
GLU C   OXT  sing N N 99  
GLU CB  CG   sing N N 100 
GLU CB  HB2  sing N N 101 
GLU CB  HB3  sing N N 102 
GLU CG  CD   sing N N 103 
GLU CG  HG2  sing N N 104 
GLU CG  HG3  sing N N 105 
GLU CD  OE1  doub N N 106 
GLU CD  OE2  sing N N 107 
GLU OE2 HE2  sing N N 108 
GLU OXT HXT  sing N N 109 
GLY N   CA   sing N N 110 
GLY N   H    sing N N 111 
GLY N   H2   sing N N 112 
GLY CA  C    sing N N 113 
GLY CA  HA2  sing N N 114 
GLY CA  HA3  sing N N 115 
GLY C   O    doub N N 116 
GLY C   OXT  sing N N 117 
GLY OXT HXT  sing N N 118 
HIS N   CA   sing N N 119 
HIS N   H    sing N N 120 
HIS N   H2   sing N N 121 
HIS CA  C    sing N N 122 
HIS CA  CB   sing N N 123 
HIS CA  HA   sing N N 124 
HIS C   O    doub N N 125 
HIS C   OXT  sing N N 126 
HIS CB  CG   sing N N 127 
HIS CB  HB2  sing N N 128 
HIS CB  HB3  sing N N 129 
HIS CG  ND1  sing Y N 130 
HIS CG  CD2  doub Y N 131 
HIS ND1 CE1  doub Y N 132 
HIS ND1 HD1  sing N N 133 
HIS CD2 NE2  sing Y N 134 
HIS CD2 HD2  sing N N 135 
HIS CE1 NE2  sing Y N 136 
HIS CE1 HE1  sing N N 137 
HIS NE2 HE2  sing N N 138 
HIS OXT HXT  sing N N 139 
HOH O   H1   sing N N 140 
HOH O   H2   sing N N 141 
ILE N   CA   sing N N 142 
ILE N   H    sing N N 143 
ILE N   H2   sing N N 144 
ILE CA  C    sing N N 145 
ILE CA  CB   sing N N 146 
ILE CA  HA   sing N N 147 
ILE C   O    doub N N 148 
ILE C   OXT  sing N N 149 
ILE CB  CG1  sing N N 150 
ILE CB  CG2  sing N N 151 
ILE CB  HB   sing N N 152 
ILE CG1 CD1  sing N N 153 
ILE CG1 HG12 sing N N 154 
ILE CG1 HG13 sing N N 155 
ILE CG2 HG21 sing N N 156 
ILE CG2 HG22 sing N N 157 
ILE CG2 HG23 sing N N 158 
ILE CD1 HD11 sing N N 159 
ILE CD1 HD12 sing N N 160 
ILE CD1 HD13 sing N N 161 
ILE OXT HXT  sing N N 162 
LEU N   CA   sing N N 163 
LEU N   H    sing N N 164 
LEU N   H2   sing N N 165 
LEU CA  C    sing N N 166 
LEU CA  CB   sing N N 167 
LEU CA  HA   sing N N 168 
LEU C   O    doub N N 169 
LEU C   OXT  sing N N 170 
LEU CB  CG   sing N N 171 
LEU CB  HB2  sing N N 172 
LEU CB  HB3  sing N N 173 
LEU CG  CD1  sing N N 174 
LEU CG  CD2  sing N N 175 
LEU CG  HG   sing N N 176 
LEU CD1 HD11 sing N N 177 
LEU CD1 HD12 sing N N 178 
LEU CD1 HD13 sing N N 179 
LEU CD2 HD21 sing N N 180 
LEU CD2 HD22 sing N N 181 
LEU CD2 HD23 sing N N 182 
LEU OXT HXT  sing N N 183 
LYS N   CA   sing N N 184 
LYS N   H    sing N N 185 
LYS N   H2   sing N N 186 
LYS CA  C    sing N N 187 
LYS CA  CB   sing N N 188 
LYS CA  HA   sing N N 189 
LYS C   O    doub N N 190 
LYS C   OXT  sing N N 191 
LYS CB  CG   sing N N 192 
LYS CB  HB2  sing N N 193 
LYS CB  HB3  sing N N 194 
LYS CG  CD   sing N N 195 
LYS CG  HG2  sing N N 196 
LYS CG  HG3  sing N N 197 
LYS CD  CE   sing N N 198 
LYS CD  HD2  sing N N 199 
LYS CD  HD3  sing N N 200 
LYS CE  NZ   sing N N 201 
LYS CE  HE2  sing N N 202 
LYS CE  HE3  sing N N 203 
LYS NZ  HZ1  sing N N 204 
LYS NZ  HZ2  sing N N 205 
LYS NZ  HZ3  sing N N 206 
LYS OXT HXT  sing N N 207 
MSE N   CA   sing N N 208 
MSE N   H    sing N N 209 
MSE N   H2   sing N N 210 
MSE CA  C    sing N N 211 
MSE CA  CB   sing N N 212 
MSE CA  HA   sing N N 213 
MSE C   O    doub N N 214 
MSE C   OXT  sing N N 215 
MSE OXT HXT  sing N N 216 
MSE CB  CG   sing N N 217 
MSE CB  HB2  sing N N 218 
MSE CB  HB3  sing N N 219 
MSE CG  SE   sing N N 220 
MSE CG  HG2  sing N N 221 
MSE CG  HG3  sing N N 222 
MSE SE  CE   sing N N 223 
MSE CE  HE1  sing N N 224 
MSE CE  HE2  sing N N 225 
MSE CE  HE3  sing N N 226 
PG4 O1  C1   sing N N 227 
PG4 O1  HO1  sing N N 228 
PG4 C1  C2   sing N N 229 
PG4 C1  H11  sing N N 230 
PG4 C1  H12  sing N N 231 
PG4 C2  O2   sing N N 232 
PG4 C2  H21  sing N N 233 
PG4 C2  H22  sing N N 234 
PG4 O2  C3   sing N N 235 
PG4 C3  C4   sing N N 236 
PG4 C3  H31  sing N N 237 
PG4 C3  H32  sing N N 238 
PG4 C4  O3   sing N N 239 
PG4 C4  H41  sing N N 240 
PG4 C4  H42  sing N N 241 
PG4 O3  C5   sing N N 242 
PG4 C5  C6   sing N N 243 
PG4 C5  H51  sing N N 244 
PG4 C5  H52  sing N N 245 
PG4 C6  O4   sing N N 246 
PG4 C6  H61  sing N N 247 
PG4 C6  H62  sing N N 248 
PG4 O4  C7   sing N N 249 
PG4 C7  C8   sing N N 250 
PG4 C7  H71  sing N N 251 
PG4 C7  H72  sing N N 252 
PG4 C8  O5   sing N N 253 
PG4 C8  H81  sing N N 254 
PG4 C8  H82  sing N N 255 
PG4 O5  HO5  sing N N 256 
PHE N   CA   sing N N 257 
PHE N   H    sing N N 258 
PHE N   H2   sing N N 259 
PHE CA  C    sing N N 260 
PHE CA  CB   sing N N 261 
PHE CA  HA   sing N N 262 
PHE C   O    doub N N 263 
PHE C   OXT  sing N N 264 
PHE CB  CG   sing N N 265 
PHE CB  HB2  sing N N 266 
PHE CB  HB3  sing N N 267 
PHE CG  CD1  doub Y N 268 
PHE CG  CD2  sing Y N 269 
PHE CD1 CE1  sing Y N 270 
PHE CD1 HD1  sing N N 271 
PHE CD2 CE2  doub Y N 272 
PHE CD2 HD2  sing N N 273 
PHE CE1 CZ   doub Y N 274 
PHE CE1 HE1  sing N N 275 
PHE CE2 CZ   sing Y N 276 
PHE CE2 HE2  sing N N 277 
PHE CZ  HZ   sing N N 278 
PHE OXT HXT  sing N N 279 
PRO N   CA   sing N N 280 
PRO N   CD   sing N N 281 
PRO N   H    sing N N 282 
PRO CA  C    sing N N 283 
PRO CA  CB   sing N N 284 
PRO CA  HA   sing N N 285 
PRO C   O    doub N N 286 
PRO C   OXT  sing N N 287 
PRO CB  CG   sing N N 288 
PRO CB  HB2  sing N N 289 
PRO CB  HB3  sing N N 290 
PRO CG  CD   sing N N 291 
PRO CG  HG2  sing N N 292 
PRO CG  HG3  sing N N 293 
PRO CD  HD2  sing N N 294 
PRO CD  HD3  sing N N 295 
PRO OXT HXT  sing N N 296 
SER N   CA   sing N N 297 
SER N   H    sing N N 298 
SER N   H2   sing N N 299 
SER CA  C    sing N N 300 
SER CA  CB   sing N N 301 
SER CA  HA   sing N N 302 
SER C   O    doub N N 303 
SER C   OXT  sing N N 304 
SER CB  OG   sing N N 305 
SER CB  HB2  sing N N 306 
SER CB  HB3  sing N N 307 
SER OG  HG   sing N N 308 
SER OXT HXT  sing N N 309 
THR N   CA   sing N N 310 
THR N   H    sing N N 311 
THR N   H2   sing N N 312 
THR CA  C    sing N N 313 
THR CA  CB   sing N N 314 
THR CA  HA   sing N N 315 
THR C   O    doub N N 316 
THR C   OXT  sing N N 317 
THR CB  OG1  sing N N 318 
THR CB  CG2  sing N N 319 
THR CB  HB   sing N N 320 
THR OG1 HG1  sing N N 321 
THR CG2 HG21 sing N N 322 
THR CG2 HG22 sing N N 323 
THR CG2 HG23 sing N N 324 
THR OXT HXT  sing N N 325 
TRP N   CA   sing N N 326 
TRP N   H    sing N N 327 
TRP N   H2   sing N N 328 
TRP CA  C    sing N N 329 
TRP CA  CB   sing N N 330 
TRP CA  HA   sing N N 331 
TRP C   O    doub N N 332 
TRP C   OXT  sing N N 333 
TRP CB  CG   sing N N 334 
TRP CB  HB2  sing N N 335 
TRP CB  HB3  sing N N 336 
TRP CG  CD1  doub Y N 337 
TRP CG  CD2  sing Y N 338 
TRP CD1 NE1  sing Y N 339 
TRP CD1 HD1  sing N N 340 
TRP CD2 CE2  doub Y N 341 
TRP CD2 CE3  sing Y N 342 
TRP NE1 CE2  sing Y N 343 
TRP NE1 HE1  sing N N 344 
TRP CE2 CZ2  sing Y N 345 
TRP CE3 CZ3  doub Y N 346 
TRP CE3 HE3  sing N N 347 
TRP CZ2 CH2  doub Y N 348 
TRP CZ2 HZ2  sing N N 349 
TRP CZ3 CH2  sing Y N 350 
TRP CZ3 HZ3  sing N N 351 
TRP CH2 HH2  sing N N 352 
TRP OXT HXT  sing N N 353 
TYR N   CA   sing N N 354 
TYR N   H    sing N N 355 
TYR N   H2   sing N N 356 
TYR CA  C    sing N N 357 
TYR CA  CB   sing N N 358 
TYR CA  HA   sing N N 359 
TYR C   O    doub N N 360 
TYR C   OXT  sing N N 361 
TYR CB  CG   sing N N 362 
TYR CB  HB2  sing N N 363 
TYR CB  HB3  sing N N 364 
TYR CG  CD1  doub Y N 365 
TYR CG  CD2  sing Y N 366 
TYR CD1 CE1  sing Y N 367 
TYR CD1 HD1  sing N N 368 
TYR CD2 CE2  doub Y N 369 
TYR CD2 HD2  sing N N 370 
TYR CE1 CZ   doub Y N 371 
TYR CE1 HE1  sing N N 372 
TYR CE2 CZ   sing Y N 373 
TYR CE2 HE2  sing N N 374 
TYR CZ  OH   sing N N 375 
TYR OH  HH   sing N N 376 
TYR OXT HXT  sing N N 377 
VAL N   CA   sing N N 378 
VAL N   H    sing N N 379 
VAL N   H2   sing N N 380 
VAL CA  C    sing N N 381 
VAL CA  CB   sing N N 382 
VAL CA  HA   sing N N 383 
VAL C   O    doub N N 384 
VAL C   OXT  sing N N 385 
VAL CB  CG1  sing N N 386 
VAL CB  CG2  sing N N 387 
VAL CB  HB   sing N N 388 
VAL CG1 HG11 sing N N 389 
VAL CG1 HG12 sing N N 390 
VAL CG1 HG13 sing N N 391 
VAL CG2 HG21 sing N N 392 
VAL CG2 HG22 sing N N 393 
VAL CG2 HG23 sing N N 394 
VAL OXT HXT  sing N N 395 
# 
_atom_sites.entry_id                    3A10 
_atom_sites.fract_transf_matrix[1][1]   0.00374051 
_atom_sites.fract_transf_matrix[1][2]   -0.02734797 
_atom_sites.fract_transf_matrix[1][3]   -0.01321285 
_atom_sites.fract_transf_matrix[2][1]   0.01736451 
_atom_sites.fract_transf_matrix[2][2]   -0.00899684 
_atom_sites.fract_transf_matrix[2][3]   0.02353749 
_atom_sites.fract_transf_matrix[3][1]   -0.00408696 
_atom_sites.fract_transf_matrix[3][2]   -0.00170149 
_atom_sites.fract_transf_matrix[3][3]   0.00236474 
_atom_sites.fract_transf_vector[1]      0.690867 
_atom_sites.fract_transf_vector[2]      0.147080 
_atom_sites.fract_transf_vector[3]      0.442421 
# 
loop_
_atom_type.symbol 
BE 
C  
F  
MG 
N  
O  
SE 
# 
loop_
_atom_site.group_PDB 
_atom_site.id 
_atom_site.type_symbol 
_atom_site.label_atom_id 
_atom_site.label_alt_id 
_atom_site.label_comp_id 
_atom_site.label_asym_id 
_atom_site.label_entity_id 
_atom_site.label_seq_id 
_atom_site.pdbx_PDB_ins_code 
_atom_site.Cartn_x 
_atom_site.Cartn_y 
_atom_site.Cartn_z 
_atom_site.occupancy 
_atom_site.B_iso_or_equiv 
_atom_site.pdbx_formal_charge 
_atom_site.auth_seq_id 
_atom_site.auth_comp_id 
_atom_site.auth_asym_id 
_atom_site.auth_atom_id 
_atom_site.pdbx_PDB_model_num 
HETATM 1    N  N   A MSE A 1 1   ? -6.979  12.874  11.562  0.50 13.48 ? 1   MSE A N   1 
HETATM 2    N  N   B MSE A 1 1   ? -7.135  12.676  11.717  0.30 15.95 ? 1   MSE A N   1 
HETATM 3    N  N   C MSE A 1 1   ? -8.485  11.192  9.159   0.20 17.93 ? 1   MSE A N   1 
HETATM 4    C  CA  A MSE A 1 1   ? -7.226  11.950  10.412  0.50 15.07 ? 1   MSE A CA  1 
HETATM 5    C  CA  B MSE A 1 1   ? -7.244  11.867  10.457  0.30 17.09 ? 1   MSE A CA  1 
HETATM 6    C  CA  C MSE A 1 1   ? -7.420  11.961  9.864   0.20 18.04 ? 1   MSE A CA  1 
HETATM 7    C  C   A MSE A 1 1   ? -5.890  11.436  9.860   0.50 14.69 ? 1   MSE A C   1 
HETATM 8    C  C   B MSE A 1 1   ? -5.876  11.389  9.973   0.30 16.11 ? 1   MSE A C   1 
HETATM 9    C  C   C MSE A 1 1   ? -6.050  11.480  9.421   0.20 17.05 ? 1   MSE A C   1 
HETATM 10   O  O   A MSE A 1 1   ? -4.914  12.182  9.817   0.50 14.06 ? 1   MSE A O   1 
HETATM 11   O  O   B MSE A 1 1   ? -4.882  12.109  10.075  0.30 15.85 ? 1   MSE A O   1 
HETATM 12   O  O   C MSE A 1 1   ? -5.186  12.288  9.070   0.20 16.68 ? 1   MSE A O   1 
HETATM 13   C  CB  A MSE A 1 1   ? -8.014  12.693  9.327   0.50 15.13 ? 1   MSE A CB  1 
HETATM 14   C  CB  B MSE A 1 1   ? -7.934  12.687  9.362   0.30 16.66 ? 1   MSE A CB  1 
HETATM 15   C  CB  C MSE A 1 1   ? -7.569  11.829  11.378  0.20 18.13 ? 1   MSE A CB  1 
HETATM 16   C  CG  A MSE A 1 1   ? -8.364  11.894  8.089   0.50 18.57 ? 1   MSE A CG  1 
HETATM 17   C  CG  B MSE A 1 1   ? -8.001  12.035  7.980   0.30 18.33 ? 1   MSE A CG  1 
HETATM 18   C  CG  C MSE A 1 1   ? -6.439  12.455  12.188  0.20 18.36 ? 1   MSE A CG  1 
HETATM 19   SE SE  A MSE A 1 1   ? -9.649  10.492  8.412   0.50 29.01 ? 1   MSE A SE  1 
HETATM 20   SE SE  B MSE A 1 1   ? -9.503  12.764  6.983   0.30 20.24 ? 1   MSE A SE  1 
HETATM 21   SE SE  C MSE A 1 1   ? -5.437  11.149  13.222  0.20 20.98 ? 1   MSE A SE  1 
HETATM 22   C  CE  A MSE A 1 1   ? -10.960 11.478  9.455   0.50 18.91 ? 1   MSE A CE  1 
HETATM 23   C  CE  B MSE A 1 1   ? -10.865 12.270  8.302   0.30 19.31 ? 1   MSE A CE  1 
HETATM 24   C  CE  C MSE A 1 1   ? -6.584  11.073  14.782  0.20 19.93 ? 1   MSE A CE  1 
ATOM   25   N  N   . LYS A 1 2   ? -5.853  10.165  9.451   1.00 15.90 ? 2   LYS A N   1 
ATOM   26   C  CA  . LYS A 1 2   ? -4.680  9.584   8.827   1.00 16.27 ? 2   LYS A CA  1 
ATOM   27   C  C   . LYS A 1 2   ? -5.032  9.445   7.351   1.00 16.70 ? 2   LYS A C   1 
ATOM   28   O  O   . LYS A 1 2   ? -6.207  9.225   6.982   1.00 16.13 ? 2   LYS A O   1 
ATOM   29   C  CB  . LYS A 1 2   ? -4.321  8.216   9.420   1.00 16.74 ? 2   LYS A CB  1 
ATOM   30   C  CG  . LYS A 1 2   ? -4.274  8.162   10.935  1.00 21.44 ? 2   LYS A CG  1 
ATOM   31   C  CD  . LYS A 1 2   ? -2.909  8.561   11.465  1.00 25.88 ? 2   LYS A CD  1 
ATOM   32   C  CE  . LYS A 1 2   ? -2.857  8.412   12.982  1.00 28.60 ? 2   LYS A CE  1 
ATOM   33   N  NZ  . LYS A 1 2   ? -3.333  7.062   13.418  1.00 31.95 ? 2   LYS A NZ  1 
ATOM   34   N  N   . ARG A 1 3   ? -4.015  9.600   6.515   1.00 15.94 ? 3   ARG A N   1 
ATOM   35   C  CA  . ARG A 1 3   ? -4.160  9.508   5.073   1.00 17.07 ? 3   ARG A CA  1 
ATOM   36   C  C   . ARG A 1 3   ? -3.330  8.332   4.556   1.00 15.96 ? 3   ARG A C   1 
ATOM   37   O  O   . ARG A 1 3   ? -2.151  8.164   4.927   1.00 15.89 ? 3   ARG A O   1 
ATOM   38   C  CB  . ARG A 1 3   ? -3.715  10.822  4.430   1.00 16.87 ? 3   ARG A CB  1 
ATOM   39   C  CG  . ARG A 1 3   ? -3.711  10.878  2.911   1.00 20.36 ? 3   ARG A CG  1 
ATOM   40   C  CD  . ARG A 1 3   ? -2.967  12.153  2.396   1.00 20.81 ? 3   ARG A CD  1 
ATOM   41   N  NE  . ARG A 1 3   ? -3.803  13.352  2.238   1.00 24.28 ? 3   ARG A NE  1 
ATOM   42   C  CZ  . ARG A 1 3   ? -3.579  14.536  2.824   1.00 24.86 ? 3   ARG A CZ  1 
ATOM   43   N  NH1 . ARG A 1 3   ? -2.565  14.696  3.661   1.00 26.90 ? 3   ARG A NH1 1 
ATOM   44   N  NH2 . ARG A 1 3   ? -4.383  15.560  2.568   1.00 24.55 ? 3   ARG A NH2 1 
ATOM   45   N  N   . ILE A 1 4   ? -3.960  7.551   3.680   1.00 14.46 ? 4   ILE A N   1 
ATOM   46   C  CA  . ILE A 1 4   ? -3.351  6.351   3.101   1.00 13.66 ? 4   ILE A CA  1 
ATOM   47   C  C   . ILE A 1 4   ? -3.384  6.456   1.600   1.00 13.36 ? 4   ILE A C   1 
ATOM   48   O  O   . ILE A 1 4   ? -4.435  6.765   1.022   1.00 12.82 ? 4   ILE A O   1 
ATOM   49   C  CB  . ILE A 1 4   ? -4.116  5.058   3.502   1.00 12.97 ? 4   ILE A CB  1 
ATOM   50   C  CG1 . ILE A 1 4   ? -4.305  4.959   5.027   1.00 14.11 ? 4   ILE A CG1 1 
ATOM   51   C  CG2 . ILE A 1 4   ? -3.373  3.799   2.940   1.00 13.78 ? 4   ILE A CG2 1 
ATOM   52   C  CD1 . ILE A 1 4   ? -5.055  3.681   5.506   1.00 14.36 ? 4   ILE A CD1 1 
ATOM   53   N  N   . LEU A 1 5   ? -2.242  6.173   0.966   1.00 12.33 ? 5   LEU A N   1 
ATOM   54   C  CA  . LEU A 1 5   ? -2.176  6.062   -0.486  1.00 12.35 ? 5   LEU A CA  1 
ATOM   55   C  C   . LEU A 1 5   ? -2.342  4.589   -0.849  1.00 12.52 ? 5   LEU A C   1 
ATOM   56   O  O   . LEU A 1 5   ? -1.553  3.756   -0.404  1.00 12.01 ? 5   LEU A O   1 
ATOM   57   C  CB  . LEU A 1 5   ? -0.828  6.554   -0.981  1.00 12.21 ? 5   LEU A CB  1 
ATOM   58   C  CG  . LEU A 1 5   ? -0.627  6.503   -2.497  1.00 13.27 ? 5   LEU A CG  1 
ATOM   59   C  CD1 . LEU A 1 5   ? -1.661  7.387   -3.227  1.00 12.35 ? 5   LEU A CD1 1 
ATOM   60   C  CD2 . LEU A 1 5   ? 0.807   6.922   -2.777  1.00 14.44 ? 5   LEU A CD2 1 
ATOM   61   N  N   . VAL A 1 6   ? -3.370  4.300   -1.639  1.00 12.23 ? 6   VAL A N   1 
ATOM   62   C  CA  . VAL A 1 6   ? -3.713  2.933   -2.040  1.00 12.72 ? 6   VAL A CA  1 
ATOM   63   C  C   . VAL A 1 6   ? -3.324  2.749   -3.496  1.00 12.13 ? 6   VAL A C   1 
ATOM   64   O  O   . VAL A 1 6   ? -3.852  3.433   -4.377  1.00 11.80 ? 6   VAL A O   1 
ATOM   65   C  CB  . VAL A 1 6   ? -5.233  2.641   -1.844  1.00 13.43 ? 6   VAL A CB  1 
ATOM   66   C  CG1 . VAL A 1 6   ? -5.621  1.327   -2.535  1.00 14.46 ? 6   VAL A CG1 1 
ATOM   67   C  CG2 . VAL A 1 6   ? -5.574  2.593   -0.377  1.00 14.94 ? 6   VAL A CG2 1 
ATOM   68   N  N   . VAL A 1 7   ? -2.438  1.797   -3.764  1.00 10.84 ? 7   VAL A N   1 
ATOM   69   C  CA  . VAL A 1 7   ? -1.896  1.639   -5.109  1.00 11.34 ? 7   VAL A CA  1 
ATOM   70   C  C   . VAL A 1 7   ? -2.247  0.251   -5.629  1.00 10.76 ? 7   VAL A C   1 
ATOM   71   O  O   . VAL A 1 7   ? -1.819  -0.742  -5.064  1.00 10.83 ? 7   VAL A O   1 
ATOM   72   C  CB  . VAL A 1 7   ? -0.360  1.799   -5.112  1.00 11.44 ? 7   VAL A CB  1 
ATOM   73   C  CG1 . VAL A 1 7   ? 0.180   1.828   -6.539  1.00 11.26 ? 7   VAL A CG1 1 
ATOM   74   C  CG2 . VAL A 1 7   ? 0.039   3.116   -4.375  1.00 12.90 ? 7   VAL A CG2 1 
ATOM   75   N  N   . ASP A 1 8   ? -3.040  0.196   -6.696  1.00 11.42 ? 8   ASP A N   1 
ATOM   76   C  CA  . ASP A 1 8   ? -3.371  -1.085  -7.310  1.00 11.16 ? 8   ASP A CA  1 
ATOM   77   C  C   . ASP A 1 8   ? -3.797  -0.834  -8.752  1.00 11.35 ? 8   ASP A C   1 
ATOM   78   O  O   . ASP A 1 8   ? -4.462  0.162   -9.026  1.00 12.69 ? 8   ASP A O   1 
ATOM   79   C  CB  . ASP A 1 8   ? -4.477  -1.773  -6.514  1.00 11.07 ? 8   ASP A CB  1 
ATOM   80   C  CG  . ASP A 1 8   ? -4.624  -3.244  -6.871  1.00 12.50 ? 8   ASP A CG  1 
ATOM   81   O  OD1 . ASP A 1 8   ? -4.985  -3.556  -8.018  1.00 12.58 ? 8   ASP A OD1 1 
ATOM   82   O  OD2 . ASP A 1 8   ? -4.444  -4.075  -5.977  1.00 11.69 ? 8   ASP A OD2 1 
ATOM   83   N  N   . ASP A 1 9   ? -3.423  -1.732  -9.663  1.00 11.49 ? 9   ASP A N   1 
ATOM   84   C  CA  . ASP A 1 9   ? -3.732  -1.526  -11.088 1.00 12.23 ? 9   ASP A CA  1 
ATOM   85   C  C   . ASP A 1 9   ? -5.173  -1.848  -11.438 1.00 13.31 ? 9   ASP A C   1 
ATOM   86   O  O   . ASP A 1 9   ? -5.669  -1.439  -12.489 1.00 14.18 ? 9   ASP A O   1 
ATOM   87   C  CB  . ASP A 1 9   ? -2.796  -2.325  -12.000 1.00 12.61 ? 9   ASP A CB  1 
ATOM   88   C  CG  . ASP A 1 9   ? -2.867  -3.827  -11.759 1.00 13.04 ? 9   ASP A CG  1 
ATOM   89   O  OD1 . ASP A 1 9   ? -2.769  -4.239  -10.592 1.00 14.03 ? 9   ASP A OD1 1 
ATOM   90   O  OD2 . ASP A 1 9   ? -2.939  -4.595  -12.752 1.00 16.52 ? 9   ASP A OD2 1 
ATOM   91   N  N   . GLU A 1 10  ? -5.845  -2.603  -10.574 1.00 13.43 ? 10  GLU A N   1 
ATOM   92   C  CA  . GLU A 1 10  ? -7.217  -2.988  -10.862 1.00 14.17 ? 10  GLU A CA  1 
ATOM   93   C  C   . GLU A 1 10  ? -8.216  -1.991  -10.280 1.00 14.67 ? 10  GLU A C   1 
ATOM   94   O  O   . GLU A 1 10  ? -8.356  -1.887  -9.055  1.00 14.45 ? 10  GLU A O   1 
ATOM   95   C  CB  . GLU A 1 10  ? -7.480  -4.407  -10.361 1.00 14.13 ? 10  GLU A CB  1 
ATOM   96   C  CG  . GLU A 1 10  ? -6.612  -5.419  -11.060 1.00 16.02 ? 10  GLU A CG  1 
ATOM   97   C  CD  . GLU A 1 10  ? -6.880  -6.821  -10.601 1.00 20.30 ? 10  GLU A CD  1 
ATOM   98   O  OE1 . GLU A 1 10  ? -7.893  -7.395  -11.052 1.00 24.09 ? 10  GLU A OE1 1 
ATOM   99   O  OE2 . GLU A 1 10  ? -6.084  -7.349  -9.805  1.00 20.92 ? 10  GLU A OE2 1 
ATOM   100  N  N   . PRO A 1 11  ? -8.940  -1.268  -11.153 1.00 15.10 ? 11  PRO A N   1 
ATOM   101  C  CA  . PRO A 1 11  ? -9.841  -0.242  -10.633 1.00 15.04 ? 11  PRO A CA  1 
ATOM   102  C  C   . PRO A 1 11  ? -10.899 -0.732  -9.654  1.00 14.96 ? 11  PRO A C   1 
ATOM   103  O  O   . PRO A 1 11  ? -11.206 -0.034  -8.697  1.00 14.89 ? 11  PRO A O   1 
ATOM   104  C  CB  . PRO A 1 11  ? -10.509 0.323   -11.899 1.00 15.14 ? 11  PRO A CB  1 
ATOM   105  C  CG  . PRO A 1 11  ? -10.271 -0.659  -12.949 1.00 16.83 ? 11  PRO A CG  1 
ATOM   106  C  CD  . PRO A 1 11  ? -8.975  -1.335  -12.625 1.00 15.40 ? 11  PRO A CD  1 
ATOM   107  N  N   . ASN A 1 12  ? -11.487 -1.905  -9.889  1.00 15.06 ? 12  ASN A N   1 
ATOM   108  C  CA  . ASN A 1 12  ? -12.535 -2.354  -8.976  1.00 14.94 ? 12  ASN A CA  1 
ATOM   109  C  C   . ASN A 1 12  ? -11.979 -2.736  -7.596  1.00 14.79 ? 12  ASN A C   1 
ATOM   110  O  O   . ASN A 1 12  ? -12.686 -2.686  -6.591  1.00 15.51 ? 12  ASN A O   1 
ATOM   111  C  CB  . ASN A 1 12  ? -13.306 -3.529  -9.565  1.00 15.53 ? 12  ASN A CB  1 
ATOM   112  C  CG  . ASN A 1 12  ? -13.918 -3.216  -10.912 1.00 17.35 ? 12  ASN A CG  1 
ATOM   113  O  OD1 . ASN A 1 12  ? -14.291 -2.075  -11.188 1.00 18.92 ? 12  ASN A OD1 1 
ATOM   114  N  ND2 . ASN A 1 12  ? -14.035 -4.239  -11.754 1.00 20.98 ? 12  ASN A ND2 1 
ATOM   115  N  N   . ILE A 1 13  ? -10.713 -3.144  -7.569  1.00 14.55 ? 13  ILE A N   1 
ATOM   116  C  CA  . ILE A 1 13  ? -10.013 -3.451  -6.318  1.00 15.49 ? 13  ILE A CA  1 
ATOM   117  C  C   . ILE A 1 13  ? -9.620  -2.178  -5.586  1.00 15.58 ? 13  ILE A C   1 
ATOM   118  O  O   . ILE A 1 13  ? -9.802  -2.088  -4.358  1.00 16.96 ? 13  ILE A O   1 
ATOM   119  C  CB  . ILE A 1 13  ? -8.758  -4.380  -6.550  1.00 15.60 ? 13  ILE A CB  1 
ATOM   120  C  CG1 . ILE A 1 13  ? -9.174  -5.695  -7.247  1.00 15.32 ? 13  ILE A CG1 1 
ATOM   121  C  CG2 . ILE A 1 13  ? -8.008  -4.641  -5.222  1.00 16.08 ? 13  ILE A CG2 1 
ATOM   122  C  CD1 . ILE A 1 13  ? -10.251 -6.502  -6.553  1.00 18.22 ? 13  ILE A CD1 1 
ATOM   123  N  N   . ARG A 1 14  ? -9.110  -1.187  -6.311  1.00 16.56 ? 14  ARG A N   1 
ATOM   124  C  CA  . ARG A 1 14  ? -8.908  0.151   -5.722  1.00 17.56 ? 14  ARG A CA  1 
ATOM   125  C  C   . ARG A 1 14  ? -10.177 0.629   -5.033  1.00 17.85 ? 14  ARG A C   1 
ATOM   126  O  O   . ARG A 1 14  ? -10.139 1.052   -3.874  1.00 17.90 ? 14  ARG A O   1 
ATOM   127  C  CB  . ARG A 1 14  ? -8.512  1.188   -6.771  1.00 18.21 ? 14  ARG A CB  1 
ATOM   128  C  CG  . ARG A 1 14  ? -7.138  0.985   -7.372  1.00 18.00 ? 14  ARG A CG  1 
ATOM   129  C  CD  . ARG A 1 14  ? -6.599  2.261   -8.021  1.00 18.97 ? 14  ARG A CD  1 
ATOM   130  N  NE  . ARG A 1 14  ? -7.352  2.761   -9.169  1.00 21.83 ? 14  ARG A NE  1 
ATOM   131  C  CZ  . ARG A 1 14  ? -7.218  2.332   -10.424 1.00 21.74 ? 14  ARG A CZ  1 
ATOM   132  N  NH1 . ARG A 1 14  ? -6.374  1.347   -10.728 1.00 20.30 ? 14  ARG A NH1 1 
ATOM   133  N  NH2 . ARG A 1 14  ? -7.941  2.900   -11.396 1.00 21.50 ? 14  ARG A NH2 1 
ATOM   134  N  N   . GLU A 1 15  ? -11.300 0.552   -5.755  1.00 18.13 ? 15  GLU A N   1 
ATOM   135  C  CA  . GLU A 1 15  ? -12.601 0.970   -5.234  1.00 19.54 ? 15  GLU A CA  1 
ATOM   136  C  C   . GLU A 1 15  ? -12.998 0.219   -3.962  1.00 17.84 ? 15  GLU A C   1 
ATOM   137  O  O   . GLU A 1 15  ? -13.450 0.835   -2.994  1.00 17.91 ? 15  GLU A O   1 
ATOM   138  C  CB  . GLU A 1 15  ? -13.682 0.809   -6.308  1.00 19.61 ? 15  GLU A CB  1 
ATOM   139  C  CG  . GLU A 1 15  ? -15.102 1.269   -5.905  1.00 21.90 ? 15  GLU A CG  1 
ATOM   140  C  CD  . GLU A 1 15  ? -16.051 1.276   -7.107  1.00 24.36 ? 15  GLU A CD  1 
ATOM   141  O  OE1 . GLU A 1 15  ? -15.641 1.754   -8.191  1.00 29.63 ? 15  GLU A OE1 1 
ATOM   142  O  OE2 . GLU A 1 15  ? -17.193 0.787   -6.973  1.00 30.64 ? 15  GLU A OE2 1 
ATOM   143  N  N   . LEU A 1 16  ? -12.848 -1.108  -3.965  1.00 16.37 ? 16  LEU A N   1 
ATOM   144  C  CA  . LEU A 1 16  ? -13.161 -1.915  -2.807  1.00 16.63 ? 16  LEU A CA  1 
ATOM   145  C  C   . LEU A 1 16  ? -12.285 -1.489  -1.637  1.00 16.26 ? 16  LEU A C   1 
ATOM   146  O  O   . LEU A 1 16  ? -12.786 -1.263  -0.544  1.00 16.21 ? 16  LEU A O   1 
ATOM   147  C  CB  . LEU A 1 16  ? -12.965 -3.405  -3.114  1.00 16.23 ? 16  LEU A CB  1 
ATOM   148  C  CG  . LEU A 1 16  ? -13.107 -4.447  -2.014  1.00 17.19 ? 16  LEU A CG  1 
ATOM   149  C  CD1 . LEU A 1 16  ? -14.487 -4.387  -1.360  1.00 18.66 ? 16  LEU A CD1 1 
ATOM   150  C  CD2 . LEU A 1 16  ? -12.820 -5.835  -2.590  1.00 17.77 ? 16  LEU A CD2 1 
ATOM   151  N  N   . LEU A 1 17  ? -10.980 -1.385  -1.868  1.00 15.53 ? 17  LEU A N   1 
ATOM   152  C  CA  . LEU A 1 17  ? -10.082 -1.045  -0.755  1.00 15.34 ? 17  LEU A CA  1 
ATOM   153  C  C   . LEU A 1 17  ? -10.386 0.345   -0.189  1.00 15.50 ? 17  LEU A C   1 
ATOM   154  O  O   . LEU A 1 17  ? -10.362 0.540   1.032   1.00 15.88 ? 17  LEU A O   1 
ATOM   155  C  CB  . LEU A 1 17  ? -8.612  -1.150  -1.172  1.00 15.11 ? 17  LEU A CB  1 
ATOM   156  C  CG  . LEU A 1 17  ? -8.161  -2.554  -1.578  1.00 13.43 ? 17  LEU A CG  1 
ATOM   157  C  CD1 . LEU A 1 17  ? -6.792  -2.476  -2.310  1.00 15.49 ? 17  LEU A CD1 1 
ATOM   158  C  CD2 . LEU A 1 17  ? -8.111  -3.518  -0.402  1.00 15.04 ? 17  LEU A CD2 1 
ATOM   159  N  N   . LYS A 1 18  ? -10.673 1.291   -1.076  1.00 16.45 ? 18  LYS A N   1 
ATOM   160  C  CA  . LYS A 1 18  ? -11.053 2.648   -0.681  1.00 17.42 ? 18  LYS A CA  1 
ATOM   161  C  C   . LYS A 1 18  ? -12.294 2.625   0.202   1.00 18.80 ? 18  LYS A C   1 
ATOM   162  O  O   . LYS A 1 18  ? -12.299 3.208   1.288   1.00 18.93 ? 18  LYS A O   1 
ATOM   163  C  CB  . LYS A 1 18  ? -11.261 3.535   -1.899  1.00 17.88 ? 18  LYS A CB  1 
ATOM   164  C  CG  . LYS A 1 18  ? -11.669 4.955   -1.538  1.00 20.11 ? 18  LYS A CG  1 
ATOM   165  C  CD  . LYS A 1 18  ? -11.388 5.913   -2.666  1.00 24.00 ? 18  LYS A CD  1 
ATOM   166  C  CE  . LYS A 1 18  ? -12.143 7.227   -2.454  1.00 28.33 ? 18  LYS A CE  1 
ATOM   167  N  NZ  . LYS A 1 18  ? -11.321 8.433   -2.770  1.00 31.98 ? 18  LYS A NZ  1 
ATOM   168  N  N   . GLU A 1 19  ? -13.328 1.902   -0.228  1.00 19.30 ? 19  GLU A N   1 
ATOM   169  C  CA  . GLU A 1 19  ? -14.524 1.736   0.630   1.00 20.16 ? 19  GLU A CA  1 
ATOM   170  C  C   . GLU A 1 19  ? -14.268 1.103   1.988   1.00 20.16 ? 19  GLU A C   1 
ATOM   171  O  O   . GLU A 1 19  ? -14.773 1.591   3.010   1.00 20.99 ? 19  GLU A O   1 
ATOM   172  C  CB  . GLU A 1 19  ? -15.614 0.972   -0.114  1.00 19.97 ? 19  GLU A CB  1 
ATOM   173  C  CG  . GLU A 1 19  ? -15.955 1.666   -1.386  1.00 23.62 ? 19  GLU A CG  1 
ATOM   174  C  CD  . GLU A 1 19  ? -16.798 0.831   -2.325  1.00 27.33 ? 19  GLU A CD  1 
ATOM   175  O  OE1 . GLU A 1 19  ? -16.749 -0.421  -2.249  1.00 28.59 ? 19  GLU A OE1 1 
ATOM   176  O  OE2 . GLU A 1 19  ? -17.499 1.446   -3.157  1.00 30.83 ? 19  GLU A OE2 1 
ATOM   177  N  N   . GLU A 1 20  ? -13.488 0.025   2.020   1.00 19.60 ? 20  GLU A N   1 
ATOM   178  C  CA  . GLU A 1 20  ? -13.216 -0.703  3.256   1.00 19.48 ? 20  GLU A CA  1 
ATOM   179  C  C   . GLU A 1 20  ? -12.433 0.153   4.255   1.00 20.09 ? 20  GLU A C   1 
ATOM   180  O  O   . GLU A 1 20  ? -12.664 0.100   5.471   1.00 19.97 ? 20  GLU A O   1 
ATOM   181  C  CB  . GLU A 1 20  ? -12.445 -1.998  2.951   1.00 19.86 ? 20  GLU A CB  1 
ATOM   182  C  CG  . GLU A 1 20  ? -13.317 -3.153  2.387   1.00 21.40 ? 20  GLU A CG  1 
ATOM   183  C  CD  . GLU A 1 20  ? -14.270 -3.772  3.426   1.00 23.95 ? 20  GLU A CD  1 
ATOM   184  O  OE1 . GLU A 1 20  ? -13.926 -3.846  4.633   1.00 24.69 ? 20  GLU A OE1 1 
ATOM   185  O  OE2 . GLU A 1 20  ? -15.378 -4.207  3.032   1.00 24.83 ? 20  GLU A OE2 1 
ATOM   186  N  N   . LEU A 1 21  ? -11.505 0.939   3.729   1.00 19.73 ? 21  LEU A N   1 
ATOM   187  C  CA  . LEU A 1 21  ? -10.618 1.701   4.602   1.00 20.42 ? 21  LEU A CA  1 
ATOM   188  C  C   . LEU A 1 21  ? -11.302 2.966   5.085   1.00 21.54 ? 21  LEU A C   1 
ATOM   189  O  O   . LEU A 1 21  ? -11.071 3.385   6.221   1.00 21.49 ? 21  LEU A O   1 
ATOM   190  C  CB  . LEU A 1 21  ? -9.284  1.988   3.909   1.00 19.60 ? 21  LEU A CB  1 
ATOM   191  C  CG  . LEU A 1 21  ? -8.442  0.728   3.726   1.00 19.08 ? 21  LEU A CG  1 
ATOM   192  C  CD1 . LEU A 1 21  ? -7.355  0.982   2.704   1.00 18.29 ? 21  LEU A CD1 1 
ATOM   193  C  CD2 . LEU A 1 21  ? -7.852  0.217   5.062   1.00 17.97 ? 21  LEU A CD2 1 
ATOM   194  N  N   . GLN A 1 22  ? -12.169 3.537   4.246   1.00 22.99 ? 22  GLN A N   1 
ATOM   195  C  CA  . GLN A 1 22  ? -13.007 4.685   4.645   1.00 25.25 ? 22  GLN A CA  1 
ATOM   196  C  C   . GLN A 1 22  ? -13.903 4.308   5.825   1.00 26.10 ? 22  GLN A C   1 
ATOM   197  O  O   . GLN A 1 22  ? -14.090 5.116   6.737   1.00 26.41 ? 22  GLN A O   1 
ATOM   198  C  CB  . GLN A 1 22  ? -13.833 5.222   3.473   1.00 24.76 ? 22  GLN A CB  1 
ATOM   199  C  CG  . GLN A 1 22  ? -13.040 6.086   2.518   1.00 25.62 ? 22  GLN A CG  1 
ATOM   200  C  CD  . GLN A 1 22  ? -13.811 6.586   1.306   1.00 26.13 ? 22  GLN A CD  1 
ATOM   201  O  OE1 . GLN A 1 22  ? -13.367 7.517   0.648   1.00 28.52 ? 22  GLN A OE1 1 
ATOM   202  N  NE2 . GLN A 1 22  ? -14.951 5.959   0.996   1.00 26.75 ? 22  GLN A NE2 1 
ATOM   203  N  N   . GLU A 1 23  ? -14.416 3.079   5.823   1.00 26.99 ? 23  GLU A N   1 
ATOM   204  C  CA  . GLU A 1 23  ? -15.224 2.552   6.933   1.00 28.47 ? 23  GLU A CA  1 
ATOM   205  C  C   . GLU A 1 23  ? -14.455 2.462   8.258   1.00 28.31 ? 23  GLU A C   1 
ATOM   206  O  O   . GLU A 1 23  ? -15.042 2.587   9.340   1.00 28.53 ? 23  GLU A O   1 
ATOM   207  C  CB  . GLU A 1 23  ? -15.794 1.176   6.574   1.00 28.41 ? 23  GLU A CB  1 
ATOM   208  C  CG  . GLU A 1 23  ? -16.648 0.523   7.661   1.00 31.09 ? 23  GLU A CG  1 
ATOM   209  C  CD  . GLU A 1 23  ? -16.901 -0.953  7.403   1.00 31.39 ? 23  GLU A CD  1 
ATOM   210  O  OE1 . GLU A 1 23  ? -16.374 -1.482  6.393   1.00 35.18 ? 23  GLU A OE1 1 
ATOM   211  O  OE2 . GLU A 1 23  ? -17.627 -1.585  8.210   1.00 35.91 ? 23  GLU A OE2 1 
ATOM   212  N  N   . GLU A 1 24  ? -13.147 2.229   8.187   1.00 28.36 ? 24  GLU A N   1 
ATOM   213  C  CA  . GLU A 1 24  ? -12.328 2.141   9.407   1.00 28.12 ? 24  GLU A CA  1 
ATOM   214  C  C   . GLU A 1 24  ? -11.894 3.505   9.931   1.00 27.37 ? 24  GLU A C   1 
ATOM   215  O  O   . GLU A 1 24  ? -11.284 3.624   11.004  1.00 27.64 ? 24  GLU A O   1 
ATOM   216  C  CB  . GLU A 1 24  ? -11.111 1.260   9.162   1.00 28.33 ? 24  GLU A CB  1 
ATOM   217  C  CG  . GLU A 1 24  ? -11.492 -0.160  8.846   1.00 30.52 ? 24  GLU A CG  1 
ATOM   218  C  CD  . GLU A 1 24  ? -12.401 -0.780  9.907   1.00 33.72 ? 24  GLU A CD  1 
ATOM   219  O  OE1 . GLU A 1 24  ? -12.028 -0.751  11.098  1.00 35.06 ? 24  GLU A OE1 1 
ATOM   220  O  OE2 . GLU A 1 24  ? -13.483 -1.306  9.546   1.00 35.16 ? 24  GLU A OE2 1 
ATOM   221  N  N   . GLY A 1 25  ? -12.187 4.529   9.152   1.00 26.15 ? 25  GLY A N   1 
ATOM   222  C  CA  . GLY A 1 25  ? -11.981 5.886   9.597   1.00 25.37 ? 25  GLY A CA  1 
ATOM   223  C  C   . GLY A 1 25  ? -10.842 6.632   8.934   1.00 24.70 ? 25  GLY A C   1 
ATOM   224  O  O   . GLY A 1 25  ? -10.436 7.679   9.439   1.00 24.51 ? 25  GLY A O   1 
ATOM   225  N  N   . TYR A 1 26  ? -10.346 6.125   7.804   1.00 23.31 ? 26  TYR A N   1 
ATOM   226  C  CA  . TYR A 1 26  ? -9.200  6.757   7.126   1.00 22.81 ? 26  TYR A CA  1 
ATOM   227  C  C   . TYR A 1 26  ? -9.562  7.503   5.867   1.00 22.73 ? 26  TYR A C   1 
ATOM   228  O  O   . TYR A 1 26  ? -10.558 7.187   5.205   1.00 23.04 ? 26  TYR A O   1 
ATOM   229  C  CB  . TYR A 1 26  ? -8.155  5.713   6.724   1.00 22.58 ? 26  TYR A CB  1 
ATOM   230  C  CG  . TYR A 1 26  ? -7.769  4.791   7.818   1.00 22.94 ? 26  TYR A CG  1 
ATOM   231  C  CD1 . TYR A 1 26  ? -7.122  5.267   8.957   1.00 21.59 ? 26  TYR A CD1 1 
ATOM   232  C  CD2 . TYR A 1 26  ? -8.046  3.430   7.731   1.00 20.97 ? 26  TYR A CD2 1 
ATOM   233  C  CE1 . TYR A 1 26  ? -6.767  4.414   9.973   1.00 24.21 ? 26  TYR A CE1 1 
ATOM   234  C  CE2 . TYR A 1 26  ? -7.696  2.574   8.733   1.00 23.28 ? 26  TYR A CE2 1 
ATOM   235  C  CZ  . TYR A 1 26  ? -7.056  3.069   9.866   1.00 22.55 ? 26  TYR A CZ  1 
ATOM   236  O  OH  . TYR A 1 26  ? -6.689  2.218   10.872  1.00 23.55 ? 26  TYR A OH  1 
ATOM   237  N  N   . GLU A 1 27  ? -8.715  8.469   5.527   1.00 21.01 ? 27  GLU A N   1 
ATOM   238  C  CA  . GLU A 1 27  ? -8.798  9.208   4.281   1.00 20.26 ? 27  GLU A CA  1 
ATOM   239  C  C   . GLU A 1 27  ? -7.943  8.552   3.211   1.00 19.69 ? 27  GLU A C   1 
ATOM   240  O  O   . GLU A 1 27  ? -6.762  8.281   3.433   1.00 19.21 ? 27  GLU A O   1 
ATOM   241  C  CB  . GLU A 1 27  ? -8.336  10.639  4.499   1.00 21.00 ? 27  GLU A CB  1 
ATOM   242  C  CG  . GLU A 1 27  ? -8.311  11.501  3.247   1.00 23.75 ? 27  GLU A CG  1 
ATOM   243  C  CD  . GLU A 1 27  ? -8.375  12.985  3.570   1.00 27.72 ? 27  GLU A CD  1 
ATOM   244  O  OE1 . GLU A 1 27  ? -9.191  13.366  4.427   1.00 30.91 ? 27  GLU A OE1 1 
ATOM   245  O  OE2 . GLU A 1 27  ? -7.632  13.763  2.950   1.00 29.23 ? 27  GLU A OE2 1 
ATOM   246  N  N   . ILE A 1 28  ? -8.533  8.342   2.039   1.00 18.80 ? 28  ILE A N   1 
ATOM   247  C  CA  . ILE A 1 28  ? -7.893  7.518   1.024   1.00 18.36 ? 28  ILE A CA  1 
ATOM   248  C  C   . ILE A 1 28  ? -7.653  8.238   -0.286  1.00 18.95 ? 28  ILE A C   1 
ATOM   249  O  O   . ILE A 1 28  ? -8.591  8.795   -0.855  1.00 19.77 ? 28  ILE A O   1 
ATOM   250  C  CB  . ILE A 1 28  ? -8.745  6.260   0.725   1.00 17.49 ? 28  ILE A CB  1 
ATOM   251  C  CG1 . ILE A 1 28  ? -9.031  5.429   1.990   1.00 16.54 ? 28  ILE A CG1 1 
ATOM   252  C  CG2 . ILE A 1 28  ? -8.090  5.420   -0.405  1.00 17.02 ? 28  ILE A CG2 1 
ATOM   253  C  CD1 . ILE A 1 28  ? -7.822  4.941   2.809   1.00 17.20 ? 28  ILE A CD1 1 
ATOM   254  N  N   . ASP A 1 29  ? -6.401  8.229   -0.757  1.00 18.49 ? 29  ASP A N   1 
ATOM   255  C  CA  A ASP A 1 29  ? -6.048  8.602   -2.123  0.70 18.70 ? 29  ASP A CA  1 
ATOM   256  C  CA  B ASP A 1 29  ? -6.097  8.586   -2.140  0.30 18.38 ? 29  ASP A CA  1 
ATOM   257  C  C   . ASP A 1 29  ? -5.600  7.343   -2.863  1.00 18.61 ? 29  ASP A C   1 
ATOM   258  O  O   . ASP A 1 29  ? -5.145  6.400   -2.231  1.00 18.87 ? 29  ASP A O   1 
ATOM   259  C  CB  A ASP A 1 29  ? -4.912  9.619   -2.122  0.70 19.15 ? 29  ASP A CB  1 
ATOM   260  C  CB  B ASP A 1 29  ? -5.061  9.706   -2.239  0.30 18.55 ? 29  ASP A CB  1 
ATOM   261  C  CG  A ASP A 1 29  ? -5.353  11.001  -1.643  0.70 21.71 ? 29  ASP A CG  1 
ATOM   262  C  CG  B ASP A 1 29  ? -4.913  10.246  -3.662  0.30 18.25 ? 29  ASP A CG  1 
ATOM   263  O  OD1 A ASP A 1 29  ? -6.560  11.203  -1.368  0.70 23.04 ? 29  ASP A OD1 1 
ATOM   264  O  OD1 B ASP A 1 29  ? -5.896  10.216  -4.434  0.30 19.39 ? 29  ASP A OD1 1 
ATOM   265  O  OD2 A ASP A 1 29  ? -4.487  11.893  -1.550  0.70 22.57 ? 29  ASP A OD2 1 
ATOM   266  O  OD2 B ASP A 1 29  ? -3.806  10.696  -4.015  0.30 19.73 ? 29  ASP A OD2 1 
ATOM   267  N  N   . THR A 1 30  ? -5.706  7.347   -4.186  1.00 17.59 ? 30  THR A N   1 
ATOM   268  C  CA  . THR A 1 30  ? -5.386  6.155   -4.974  1.00 17.15 ? 30  THR A CA  1 
ATOM   269  C  C   . THR A 1 30  ? -4.410  6.450   -6.115  1.00 17.05 ? 30  THR A C   1 
ATOM   270  O  O   . THR A 1 30  ? -4.277  7.597   -6.559  1.00 17.09 ? 30  THR A O   1 
ATOM   271  C  CB  . THR A 1 30  ? -6.662  5.510   -5.546  1.00 17.34 ? 30  THR A CB  1 
ATOM   272  O  OG1 . THR A 1 30  ? -7.298  6.448   -6.426  1.00 19.01 ? 30  THR A OG1 1 
ATOM   273  C  CG2 . THR A 1 30  ? -7.652  5.098   -4.436  1.00 17.33 ? 30  THR A CG2 1 
ATOM   274  N  N   . ALA A 1 31  ? -3.717  5.406   -6.572  1.00 15.96 ? 31  ALA A N   1 
ATOM   275  C  CA  . ALA A 1 31  ? -2.859  5.486   -7.748  1.00 15.79 ? 31  ALA A CA  1 
ATOM   276  C  C   . ALA A 1 31  ? -3.000  4.178   -8.502  1.00 15.73 ? 31  ALA A C   1 
ATOM   277  O  O   . ALA A 1 31  ? -3.167  3.120   -7.883  1.00 15.64 ? 31  ALA A O   1 
ATOM   278  C  CB  . ALA A 1 31  ? -1.403  5.735   -7.346  1.00 15.51 ? 31  ALA A CB  1 
ATOM   279  N  N   . GLU A 1 32  ? -2.921  4.261   -9.828  1.00 15.47 ? 32  GLU A N   1 
ATOM   280  C  CA  . GLU A 1 32  ? -3.211  3.134   -10.699 1.00 17.15 ? 32  GLU A CA  1 
ATOM   281  C  C   . GLU A 1 32  ? -1.969  2.418   -11.210 1.00 15.36 ? 32  GLU A C   1 
ATOM   282  O  O   . GLU A 1 32  ? -2.075  1.364   -11.835 1.00 14.94 ? 32  GLU A O   1 
ATOM   283  C  CB  . GLU A 1 32  ? -4.067  3.594   -11.886 1.00 16.97 ? 32  GLU A CB  1 
ATOM   284  C  CG  . GLU A 1 32  ? -3.349  4.468   -12.885 1.00 20.25 ? 32  GLU A CG  1 
ATOM   285  C  CD  . GLU A 1 32  ? -4.266  4.955   -13.992 1.00 22.43 ? 32  GLU A CD  1 
ATOM   286  O  OE1 . GLU A 1 32  ? -5.348  4.350   -14.183 1.00 28.22 ? 32  GLU A OE1 1 
ATOM   287  O  OE2 . GLU A 1 32  ? -3.901  5.947   -14.661 1.00 29.70 ? 32  GLU A OE2 1 
ATOM   288  N  N   . ASN A 1 33  ? -0.810  3.023   -10.984 1.00 14.66 ? 33  ASN A N   1 
ATOM   289  C  CA  . ASN A 1 33  ? 0.453   2.412   -11.337 1.00 14.52 ? 33  ASN A CA  1 
ATOM   290  C  C   . ASN A 1 33  ? 1.588   2.900   -10.437 1.00 14.72 ? 33  ASN A C   1 
ATOM   291  O  O   . ASN A 1 33  ? 1.399   3.807   -9.605  1.00 14.88 ? 33  ASN A O   1 
ATOM   292  C  CB  . ASN A 1 33  ? 0.772   2.583   -12.839 1.00 15.45 ? 33  ASN A CB  1 
ATOM   293  C  CG  . ASN A 1 33  ? 1.009   4.020   -13.229 1.00 15.96 ? 33  ASN A CG  1 
ATOM   294  O  OD1 . ASN A 1 33  ? 1.762   4.743   -12.576 1.00 17.01 ? 33  ASN A OD1 1 
ATOM   295  N  ND2 . ASN A 1 33  ? 0.361   4.449   -14.304 1.00 20.18 ? 33  ASN A ND2 1 
ATOM   296  N  N   . GLY A 1 34  ? 2.754   2.278   -10.611 1.00 14.38 ? 34  GLY A N   1 
ATOM   297  C  CA  . GLY A 1 34  ? 3.909   2.516   -9.758  1.00 15.12 ? 34  GLY A CA  1 
ATOM   298  C  C   . GLY A 1 34  ? 4.481   3.914   -9.909  1.00 15.78 ? 34  GLY A C   1 
ATOM   299  O  O   . GLY A 1 34  ? 4.831   4.548   -8.904  1.00 15.83 ? 34  GLY A O   1 
ATOM   300  N  N   . GLU A 1 35  ? 4.601   4.376   -11.151 1.00 16.56 ? 35  GLU A N   1 
ATOM   301  C  CA  . GLU A 1 35  ? 5.139   5.710   -11.410 1.00 18.60 ? 35  GLU A CA  1 
ATOM   302  C  C   . GLU A 1 35  ? 4.247   6.778   -10.765 1.00 17.29 ? 35  GLU A C   1 
ATOM   303  O  O   . GLU A 1 35  ? 4.758   7.693   -10.086 1.00 17.40 ? 35  GLU A O   1 
ATOM   304  C  CB  . GLU A 1 35  ? 5.337   5.972   -12.910 1.00 18.65 ? 35  GLU A CB  1 
ATOM   305  C  CG  . GLU A 1 35  ? 5.967   7.340   -13.200 1.00 22.54 ? 35  GLU A CG  1 
ATOM   306  C  CD  . GLU A 1 35  ? 6.110   7.663   -14.698 1.00 23.37 ? 35  GLU A CD  1 
ATOM   307  O  OE1 . GLU A 1 35  ? 6.707   6.841   -15.438 1.00 31.15 ? 35  GLU A OE1 1 
ATOM   308  O  OE2 . GLU A 1 35  ? 5.658   8.759   -15.124 1.00 28.70 ? 35  GLU A OE2 1 
ATOM   309  N  N   . GLU A 1 36  ? 2.927   6.647   -10.942 1.00 16.88 ? 36  GLU A N   1 
ATOM   310  C  CA  . GLU A 1 36  ? 1.971   7.571   -10.320 1.00 17.55 ? 36  GLU A CA  1 
ATOM   311  C  C   . GLU A 1 36  ? 2.092   7.512   -8.808  1.00 16.49 ? 36  GLU A C   1 
ATOM   312  O  O   . GLU A 1 36  ? 2.058   8.537   -8.126  1.00 15.61 ? 36  GLU A O   1 
ATOM   313  C  CB  . GLU A 1 36  ? 0.521   7.267   -10.747 1.00 17.53 ? 36  GLU A CB  1 
ATOM   314  C  CG  . GLU A 1 36  ? -0.497  8.256   -10.150 1.00 20.18 ? 36  GLU A CG  1 
ATOM   315  C  CD  . GLU A 1 36  ? -1.990  7.952   -10.427 1.00 20.78 ? 36  GLU A CD  1 
ATOM   316  O  OE1 . GLU A 1 36  ? -2.353  6.852   -10.893 1.00 22.30 ? 36  GLU A OE1 1 
ATOM   317  O  OE2 . GLU A 1 36  ? -2.824  8.855   -10.141 1.00 26.61 ? 36  GLU A OE2 1 
ATOM   318  N  N   . ALA A 1 37  ? 2.261   6.299   -8.281  1.00 15.72 ? 37  ALA A N   1 
ATOM   319  C  CA  . ALA A 1 37  ? 2.411   6.113   -6.842  1.00 15.14 ? 37  ALA A CA  1 
ATOM   320  C  C   . ALA A 1 37  ? 3.590   6.898   -6.273  1.00 14.82 ? 37  ALA A C   1 
ATOM   321  O  O   . ALA A 1 37  ? 3.464   7.554   -5.237  1.00 14.80 ? 37  ALA A O   1 
ATOM   322  C  CB  . ALA A 1 37  ? 2.572   4.630   -6.513  1.00 14.88 ? 37  ALA A CB  1 
ATOM   323  N  N   . LEU A 1 38  ? 4.727   6.818   -6.957  1.00 14.60 ? 38  LEU A N   1 
ATOM   324  C  CA  . LEU A 1 38  ? 5.939   7.485   -6.488  1.00 15.01 ? 38  LEU A CA  1 
ATOM   325  C  C   . LEU A 1 38  ? 5.766   8.995   -6.579  1.00 15.74 ? 38  LEU A C   1 
ATOM   326  O  O   . LEU A 1 38  ? 6.145   9.735   -5.655  1.00 15.83 ? 38  LEU A O   1 
ATOM   327  C  CB  . LEU A 1 38  ? 7.172   7.024   -7.274  1.00 14.75 ? 38  LEU A CB  1 
ATOM   328  C  CG  . LEU A 1 38  ? 7.644   5.576   -7.063  1.00 13.89 ? 38  LEU A CG  1 
ATOM   329  C  CD1 . LEU A 1 38  ? 8.762   5.230   -8.049  1.00 17.40 ? 38  LEU A CD1 1 
ATOM   330  C  CD2 . LEU A 1 38  ? 8.077   5.335   -5.624  1.00 13.98 ? 38  LEU A CD2 1 
ATOM   331  N  N   . LYS A 1 39  ? 5.185   9.450   -7.691  1.00 16.05 ? 39  LYS A N   1 
ATOM   332  C  CA  . LYS A 1 39  ? 4.927   10.890  -7.843  1.00 17.79 ? 39  LYS A CA  1 
ATOM   333  C  C   . LYS A 1 39  ? 4.042   11.413  -6.723  1.00 17.91 ? 39  LYS A C   1 
ATOM   334  O  O   . LYS A 1 39  ? 4.356   12.430  -6.077  1.00 17.95 ? 39  LYS A O   1 
ATOM   335  C  CB  . LYS A 1 39  ? 4.260   11.180  -9.177  1.00 17.26 ? 39  LYS A CB  1 
ATOM   336  C  CG  . LYS A 1 39  ? 5.148   10.980  -10.375 1.00 21.43 ? 39  LYS A CG  1 
ATOM   337  C  CD  . LYS A 1 39  ? 4.381   11.270  -11.661 1.00 26.73 ? 39  LYS A CD  1 
ATOM   338  C  CE  . LYS A 1 39  ? 5.270   11.063  -12.873 1.00 29.43 ? 39  LYS A CE  1 
ATOM   339  N  NZ  . LYS A 1 39  ? 4.524   11.138  -14.161 1.00 32.51 ? 39  LYS A NZ  1 
ATOM   340  N  N   . LYS A 1 40  ? 2.940   10.712  -6.485  1.00 17.47 ? 40  LYS A N   1 
ATOM   341  C  CA  . LYS A 1 40  ? 2.045   11.107  -5.405  1.00 18.44 ? 40  LYS A CA  1 
ATOM   342  C  C   . LYS A 1 40  ? 2.706   11.028  -4.029  1.00 18.47 ? 40  LYS A C   1 
ATOM   343  O  O   . LYS A 1 40  ? 2.572   11.947  -3.218  1.00 18.68 ? 40  LYS A O   1 
ATOM   344  C  CB  . LYS A 1 40  ? 0.753   10.288  -5.447  1.00 17.77 ? 40  LYS A CB  1 
ATOM   345  C  CG  . LYS A 1 40  ? -0.116  10.617  -6.628  1.00 19.51 ? 40  LYS A CG  1 
ATOM   346  C  CD  . LYS A 1 40  ? -1.504  10.048  -6.447  1.00 21.16 ? 40  LYS A CD  1 
ATOM   347  C  CE  . LYS A 1 40  ? -2.450  10.725  -7.391  1.00 24.16 ? 40  LYS A CE  1 
ATOM   348  N  NZ  . LYS A 1 40  ? -3.837  10.256  -7.193  1.00 26.02 ? 40  LYS A NZ  1 
ATOM   349  N  N   . PHE A 1 41  ? 3.433   9.943   -3.756  1.00 17.69 ? 41  PHE A N   1 
ATOM   350  C  CA  . PHE A 1 41  ? 4.017   9.770   -2.426  1.00 17.48 ? 41  PHE A CA  1 
ATOM   351  C  C   . PHE A 1 41  ? 5.093   10.816  -2.093  1.00 18.44 ? 41  PHE A C   1 
ATOM   352  O  O   . PHE A 1 41  ? 5.079   11.427  -1.015  1.00 18.80 ? 41  PHE A O   1 
ATOM   353  C  CB  . PHE A 1 41  ? 4.565   8.359   -2.238  1.00 17.60 ? 41  PHE A CB  1 
ATOM   354  C  CG  . PHE A 1 41  ? 4.975   8.076   -0.818  1.00 16.48 ? 41  PHE A CG  1 
ATOM   355  C  CD1 . PHE A 1 41  ? 6.242   8.440   -0.355  1.00 17.73 ? 41  PHE A CD1 1 
ATOM   356  C  CD2 . PHE A 1 41  ? 4.073   7.505   0.078   1.00 17.80 ? 41  PHE A CD2 1 
ATOM   357  C  CE1 . PHE A 1 41  ? 6.612   8.198   0.974   1.00 16.13 ? 41  PHE A CE1 1 
ATOM   358  C  CE2 . PHE A 1 41  ? 4.444   7.270   1.415   1.00 17.69 ? 41  PHE A CE2 1 
ATOM   359  C  CZ  . PHE A 1 41  ? 5.709   7.624   1.855   1.00 16.26 ? 41  PHE A CZ  1 
ATOM   360  N  N   . PHE A 1 42  ? 6.028   11.007  -3.016  1.00 17.87 ? 42  PHE A N   1 
ATOM   361  C  CA  . PHE A 1 42  ? 7.114   11.959  -2.789  1.00 18.89 ? 42  PHE A CA  1 
ATOM   362  C  C   . PHE A 1 42  ? 6.645   13.412  -2.684  1.00 19.17 ? 42  PHE A C   1 
ATOM   363  O  O   . PHE A 1 42  ? 7.188   14.196  -1.873  1.00 20.05 ? 42  PHE A O   1 
ATOM   364  C  CB  . PHE A 1 42  ? 8.206   11.785  -3.841  1.00 18.36 ? 42  PHE A CB  1 
ATOM   365  C  CG  . PHE A 1 42  ? 8.928   10.471  -3.732  1.00 18.51 ? 42  PHE A CG  1 
ATOM   366  C  CD1 . PHE A 1 42  ? 9.255   9.942   -2.479  1.00 19.71 ? 42  PHE A CD1 1 
ATOM   367  C  CD2 . PHE A 1 42  ? 9.287   9.764   -4.875  1.00 20.80 ? 42  PHE A CD2 1 
ATOM   368  C  CE1 . PHE A 1 42  ? 9.901   8.715   -2.373  1.00 18.91 ? 42  PHE A CE1 1 
ATOM   369  C  CE2 . PHE A 1 42  ? 9.966   8.546   -4.775  1.00 20.13 ? 42  PHE A CE2 1 
ATOM   370  C  CZ  . PHE A 1 42  ? 10.271  8.025   -3.517  1.00 19.46 ? 42  PHE A CZ  1 
ATOM   371  N  N   . SER A 1 43  ? 5.633   13.770  -3.468  1.00 19.41 ? 43  SER A N   1 
ATOM   372  C  CA  . SER A 1 43  ? 5.105   15.154  -3.421  1.00 20.47 ? 43  SER A CA  1 
ATOM   373  C  C   . SER A 1 43  ? 4.119   15.359  -2.271  1.00 20.64 ? 43  SER A C   1 
ATOM   374  O  O   . SER A 1 43  ? 3.797   16.507  -1.902  1.00 22.07 ? 43  SER A O   1 
ATOM   375  C  CB  . SER A 1 43  ? 4.446   15.522  -4.756  1.00 20.31 ? 43  SER A CB  1 
ATOM   376  O  OG  . SER A 1 43  ? 3.288   14.747  -5.015  1.00 23.20 ? 43  SER A OG  1 
ATOM   377  N  N   . GLY A 1 44  ? 3.616   14.255  -1.723  1.00 20.34 ? 44  GLY A N   1 
ATOM   378  C  CA  . GLY A 1 44  ? 2.543   14.301  -0.731  1.00 19.76 ? 44  GLY A CA  1 
ATOM   379  C  C   . GLY A 1 44  ? 2.985   14.093  0.696   1.00 19.21 ? 44  GLY A C   1 
ATOM   380  O  O   . GLY A 1 44  ? 4.166   14.217  1.028   1.00 19.59 ? 44  GLY A O   1 
ATOM   381  N  N   . ASN A 1 45  ? 2.027   13.757  1.558   1.00 19.57 ? 45  ASN A N   1 
ATOM   382  C  CA  . ASN A 1 45  ? 2.287   13.684  2.986   1.00 19.25 ? 45  ASN A CA  1 
ATOM   383  C  C   . ASN A 1 45  ? 1.528   12.541  3.656   1.00 19.51 ? 45  ASN A C   1 
ATOM   384  O  O   . ASN A 1 45  ? 0.816   12.744  4.649   1.00 20.60 ? 45  ASN A O   1 
ATOM   385  C  CB  . ASN A 1 45  ? 1.920   15.023  3.659   1.00 20.06 ? 45  ASN A CB  1 
ATOM   386  C  CG  . ASN A 1 45  ? 2.718   16.199  3.102   1.00 19.55 ? 45  ASN A CG  1 
ATOM   387  O  OD1 . ASN A 1 45  ? 3.865   16.418  3.485   1.00 22.76 ? 45  ASN A OD1 1 
ATOM   388  N  ND2 . ASN A 1 45  ? 2.104   16.960  2.196   1.00 20.32 ? 45  ASN A ND2 1 
ATOM   389  N  N   . TYR A 1 46  ? 1.712   11.328  3.140   1.00 17.53 ? 46  TYR A N   1 
ATOM   390  C  CA  . TYR A 1 46  ? 0.920   10.179  3.573   1.00 16.71 ? 46  TYR A CA  1 
ATOM   391  C  C   . TYR A 1 46  ? 1.421   9.534   4.842   1.00 15.15 ? 46  TYR A C   1 
ATOM   392  O  O   . TYR A 1 46  ? 2.628   9.520   5.114   1.00 16.44 ? 46  TYR A O   1 
ATOM   393  C  CB  . TYR A 1 46  ? 0.856   9.119   2.451   1.00 16.28 ? 46  TYR A CB  1 
ATOM   394  C  CG  . TYR A 1 46  ? 0.167   9.632   1.224   1.00 17.23 ? 46  TYR A CG  1 
ATOM   395  C  CD1 . TYR A 1 46  ? -1.224  9.666   1.143   1.00 16.51 ? 46  TYR A CD1 1 
ATOM   396  C  CD2 . TYR A 1 46  ? 0.897   10.116  0.161   1.00 17.75 ? 46  TYR A CD2 1 
ATOM   397  C  CE1 . TYR A 1 46  ? -1.868  10.165  0.035   1.00 17.07 ? 46  TYR A CE1 1 
ATOM   398  C  CE2 . TYR A 1 46  ? 0.262   10.622  -0.970  1.00 18.63 ? 46  TYR A CE2 1 
ATOM   399  C  CZ  . TYR A 1 46  ? -1.111  10.640  -1.029  1.00 17.84 ? 46  TYR A CZ  1 
ATOM   400  O  OH  . TYR A 1 46  ? -1.726  11.149  -2.145  1.00 20.85 ? 46  TYR A OH  1 
ATOM   401  N  N   . ASP A 1 47  ? 0.491   8.989   5.630   1.00 13.47 ? 47  ASP A N   1 
ATOM   402  C  CA  . ASP A 1 47  ? 0.856   8.228   6.835   1.00 13.39 ? 47  ASP A CA  1 
ATOM   403  C  C   . ASP A 1 47  ? 1.267   6.791   6.519   1.00 12.97 ? 47  ASP A C   1 
ATOM   404  O  O   . ASP A 1 47  ? 2.046   6.171   7.263   1.00 13.36 ? 47  ASP A O   1 
ATOM   405  C  CB  . ASP A 1 47  ? -0.298  8.226   7.820   1.00 14.22 ? 47  ASP A CB  1 
ATOM   406  C  CG  . ASP A 1 47  ? -0.586  9.615   8.321   1.00 15.18 ? 47  ASP A CG  1 
ATOM   407  O  OD1 . ASP A 1 47  ? 0.279   10.120  9.060   1.00 18.04 ? 47  ASP A OD1 1 
ATOM   408  O  OD2 . ASP A 1 47  ? -1.619  10.193  7.929   1.00 14.45 ? 47  ASP A OD2 1 
ATOM   409  N  N   . LEU A 1 48  ? 0.736   6.280   5.413   1.00 13.21 ? 48  LEU A N   1 
ATOM   410  C  CA  . LEU A 1 48  ? 0.918   4.878   5.063   1.00 13.09 ? 48  LEU A CA  1 
ATOM   411  C  C   . LEU A 1 48  ? 0.679   4.724   3.590   1.00 13.16 ? 48  LEU A C   1 
ATOM   412  O  O   . LEU A 1 48  ? -0.143  5.424   3.033   1.00 12.90 ? 48  LEU A O   1 
ATOM   413  C  CB  . LEU A 1 48  ? -0.084  4.013   5.847   1.00 12.73 ? 48  LEU A CB  1 
ATOM   414  C  CG  . LEU A 1 48  ? -0.314  2.559   5.382   1.00 13.86 ? 48  LEU A CG  1 
ATOM   415  C  CD1 . LEU A 1 48  ? 0.884   1.705   5.737   1.00 12.99 ? 48  LEU A CD1 1 
ATOM   416  C  CD2 . LEU A 1 48  ? -1.579  2.016   6.018   1.00 14.47 ? 48  LEU A CD2 1 
ATOM   417  N  N   . VAL A 1 49  ? 1.433   3.821   2.965   1.00 12.78 ? 49  VAL A N   1 
ATOM   418  C  CA  . VAL A 1 49  ? 1.186   3.443   1.589   1.00 13.01 ? 49  VAL A CA  1 
ATOM   419  C  C   . VAL A 1 49  ? 0.908   1.936   1.542   1.00 12.72 ? 49  VAL A C   1 
ATOM   420  O  O   . VAL A 1 49  ? 1.603   1.149   2.183   1.00 12.20 ? 49  VAL A O   1 
ATOM   421  C  CB  . VAL A 1 49  ? 2.342   3.843   0.655   1.00 13.51 ? 49  VAL A CB  1 
ATOM   422  C  CG1 . VAL A 1 49  ? 3.666   3.252   1.124   1.00 14.98 ? 49  VAL A CG1 1 
ATOM   423  C  CG2 . VAL A 1 49  ? 2.024   3.472   -0.806  1.00 14.40 ? 49  VAL A CG2 1 
ATOM   424  N  N   . ILE A 1 50  ? -0.157  1.577   0.837   1.00 12.39 ? 50  ILE A N   1 
ATOM   425  C  CA  . ILE A 1 50  ? -0.539  0.175   0.645   1.00 12.52 ? 50  ILE A CA  1 
ATOM   426  C  C   . ILE A 1 50  ? -0.298  -0.119  -0.832  1.00 12.88 ? 50  ILE A C   1 
ATOM   427  O  O   . ILE A 1 50  ? -0.821  0.585   -1.703  1.00 12.46 ? 50  ILE A O   1 
ATOM   428  C  CB  . ILE A 1 50  ? -2.012  -0.075  1.025   1.00 12.06 ? 50  ILE A CB  1 
ATOM   429  C  CG1 . ILE A 1 50  ? -2.251  0.181   2.529   1.00 13.14 ? 50  ILE A CG1 1 
ATOM   430  C  CG2 . ILE A 1 50  ? -2.420  -1.526  0.676   1.00 13.91 ? 50  ILE A CG2 1 
ATOM   431  C  CD1 . ILE A 1 50  ? -3.738  0.121   2.943   1.00 13.12 ? 50  ILE A CD1 1 
ATOM   432  N  N   . LEU A 1 51  ? 0.495   -1.155  -1.114  1.00 11.42 ? 51  LEU A N   1 
ATOM   433  C  CA  . LEU A 1 51  ? 1.046   -1.324  -2.439  1.00 10.51 ? 51  LEU A CA  1 
ATOM   434  C  C   . LEU A 1 51  ? 0.796   -2.715  -2.990  1.00 9.77  ? 51  LEU A C   1 
ATOM   435  O  O   . LEU A 1 51  ? 1.282   -3.693  -2.444  1.00 9.64  ? 51  LEU A O   1 
ATOM   436  C  CB  . LEU A 1 51  ? 2.583   -1.122  -2.438  1.00 11.69 ? 51  LEU A CB  1 
ATOM   437  C  CG  . LEU A 1 51  ? 3.247   0.235   -2.221  1.00 12.72 ? 51  LEU A CG  1 
ATOM   438  C  CD1 . LEU A 1 51  ? 4.733   -0.067  -2.185  1.00 13.10 ? 51  LEU A CD1 1 
ATOM   439  C  CD2 . LEU A 1 51  ? 2.892   1.224   -3.310  1.00 15.96 ? 51  LEU A CD2 1 
ATOM   440  N  N   . ASP A 1 52  ? 0.066   -2.764  -4.097  1.00 8.65  ? 52  ASP A N   1 
ATOM   441  C  CA  . ASP A 1 52  ? -0.032  -3.970  -4.932  1.00 10.03 ? 52  ASP A CA  1 
ATOM   442  C  C   . ASP A 1 52  ? 1.329   -4.267  -5.545  1.00 10.55 ? 52  ASP A C   1 
ATOM   443  O  O   . ASP A 1 52  ? 2.151   -3.353  -5.711  1.00 10.71 ? 52  ASP A O   1 
ATOM   444  C  CB  . ASP A 1 52  ? -1.015  -3.664  -6.060  1.00 9.13  ? 52  ASP A CB  1 
ATOM   445  C  CG  . ASP A 1 52  ? -1.371  -4.876  -6.878  1.00 11.03 ? 52  ASP A CG  1 
ATOM   446  O  OD1 . ASP A 1 52  ? -1.349  -6.002  -6.333  1.00 9.64  ? 52  ASP A OD1 1 
ATOM   447  O  OD2 . ASP A 1 52  ? -1.686  -4.664  -8.060  1.00 11.17 ? 52  ASP A OD2 1 
ATOM   448  N  N   . ILE A 1 53  ? 1.586   -5.528  -5.892  1.00 10.11 ? 53  ILE A N   1 
ATOM   449  C  CA  . ILE A 1 53  ? 2.892   -5.884  -6.477  1.00 11.06 ? 53  ILE A CA  1 
ATOM   450  C  C   . ILE A 1 53  ? 2.771   -5.942  -7.987  1.00 11.70 ? 53  ILE A C   1 
ATOM   451  O  O   . ILE A 1 53  ? 3.469   -5.215  -8.701  1.00 13.31 ? 53  ILE A O   1 
ATOM   452  C  CB  . ILE A 1 53  ? 3.499   -7.206  -5.904  1.00 10.56 ? 53  ILE A CB  1 
ATOM   453  C  CG1 . ILE A 1 53  ? 3.947   -7.002  -4.449  1.00 11.01 ? 53  ILE A CG1 1 
ATOM   454  C  CG2 . ILE A 1 53  ? 4.679   -7.692  -6.811  1.00 9.39  ? 53  ILE A CG2 1 
ATOM   455  C  CD1 . ILE A 1 53  ? 4.351   -8.286  -3.679  1.00 11.13 ? 53  ILE A CD1 1 
ATOM   456  N  N   . GLU A 1 54  ? 1.853   -6.774  -8.497  1.00 11.86 ? 54  GLU A N   1 
ATOM   457  C  CA  . GLU A 1 54  ? 1.729   -6.937  -9.948  1.00 12.96 ? 54  GLU A CA  1 
ATOM   458  C  C   . GLU A 1 54  ? 0.931   -5.834  -10.633 1.00 13.55 ? 54  GLU A C   1 
ATOM   459  O  O   . GLU A 1 54  ? -0.290  -5.708  -10.445 1.00 12.40 ? 54  GLU A O   1 
ATOM   460  C  CB  . GLU A 1 54  ? 1.157   -8.325  -10.260 1.00 12.45 ? 54  GLU A CB  1 
ATOM   461  C  CG  . GLU A 1 54  ? 1.969   -9.455  -9.647  1.00 15.02 ? 54  GLU A CG  1 
ATOM   462  C  CD  . GLU A 1 54  ? 1.619   -10.809 -10.259 1.00 16.39 ? 54  GLU A CD  1 
ATOM   463  O  OE1 . GLU A 1 54  ? 0.546   -10.902 -10.906 1.00 18.38 ? 54  GLU A OE1 1 
ATOM   464  O  OE2 . GLU A 1 54  ? 2.412   -11.747 -10.075 1.00 17.77 ? 54  GLU A OE2 1 
HETATM 465  N  N   . MSE A 1 55  ? 1.639   -5.014  -11.428 1.00 14.24 ? 55  MSE A N   1 
HETATM 466  C  CA  . MSE A 1 55  ? 1.028   -3.885  -12.133 1.00 16.06 ? 55  MSE A CA  1 
HETATM 467  C  C   . MSE A 1 55  ? 1.737   -3.704  -13.469 1.00 17.58 ? 55  MSE A C   1 
HETATM 468  O  O   . MSE A 1 55  ? 2.887   -4.055  -13.571 1.00 18.26 ? 55  MSE A O   1 
HETATM 469  C  CB  . MSE A 1 55  ? 1.185   -2.599  -11.315 1.00 14.99 ? 55  MSE A CB  1 
HETATM 470  C  CG  . MSE A 1 55  ? 0.478   -2.661  -9.973  1.00 15.31 ? 55  MSE A CG  1 
HETATM 471  SE SE  . MSE A 1 55  ? 0.530   -0.967  -9.035  1.00 17.90 ? 55  MSE A SE  1 
HETATM 472  C  CE  . MSE A 1 55  ? 2.367   -1.077  -8.383  1.00 13.37 ? 55  MSE A CE  1 
ATOM   473  N  N   . PRO A 1 56  ? 1.054   -3.144  -14.484 1.00 19.41 ? 56  PRO A N   1 
ATOM   474  C  CA  . PRO A 1 56  ? 1.798   -2.802  -15.702 1.00 20.17 ? 56  PRO A CA  1 
ATOM   475  C  C   . PRO A 1 56  ? 2.817   -1.709  -15.381 1.00 19.72 ? 56  PRO A C   1 
ATOM   476  O  O   . PRO A 1 56  ? 2.498   -0.744  -14.673 1.00 21.16 ? 56  PRO A O   1 
ATOM   477  C  CB  . PRO A 1 56  ? 0.715   -2.257  -16.638 1.00 20.51 ? 56  PRO A CB  1 
ATOM   478  C  CG  . PRO A 1 56  ? -0.578  -2.696  -16.065 1.00 21.12 ? 56  PRO A CG  1 
ATOM   479  C  CD  . PRO A 1 56  ? -0.367  -2.761  -14.594 1.00 20.55 ? 56  PRO A CD  1 
ATOM   480  N  N   . GLY A 1 57  ? 4.032   -1.866  -15.878 1.00 19.62 ? 57  GLY A N   1 
ATOM   481  C  CA  . GLY A 1 57  ? 5.102   -0.916  -15.549 1.00 18.70 ? 57  GLY A CA  1 
ATOM   482  C  C   . GLY A 1 57  ? 5.871   -1.460  -14.364 1.00 18.11 ? 57  GLY A C   1 
ATOM   483  O  O   . GLY A 1 57  ? 5.859   -2.679  -14.124 1.00 18.97 ? 57  GLY A O   1 
ATOM   484  N  N   . ILE A 1 58  ? 6.536   -0.587  -13.613 1.00 17.42 ? 58  ILE A N   1 
ATOM   485  C  CA  . ILE A 1 58  ? 7.321   -1.024  -12.454 1.00 15.85 ? 58  ILE A CA  1 
ATOM   486  C  C   . ILE A 1 58  ? 6.451   -1.758  -11.428 1.00 15.96 ? 58  ILE A C   1 
ATOM   487  O  O   . ILE A 1 58  ? 5.299   -1.389  -11.184 1.00 15.08 ? 58  ILE A O   1 
ATOM   488  C  CB  . ILE A 1 58  ? 8.106   0.134   -11.781 1.00 16.27 ? 58  ILE A CB  1 
ATOM   489  C  CG1 . ILE A 1 58  ? 7.196   1.231   -11.209 1.00 15.15 ? 58  ILE A CG1 1 
ATOM   490  C  CG2 . ILE A 1 58  ? 9.072   0.750   -12.767 1.00 15.76 ? 58  ILE A CG2 1 
ATOM   491  C  CD1 . ILE A 1 58  ? 7.949   2.235   -10.337 1.00 16.31 ? 58  ILE A CD1 1 
ATOM   492  N  N   . SER A 1 59  ? 7.002   -2.799  -10.837 1.00 14.91 ? 59  SER A N   1 
ATOM   493  C  CA  . SER A 1 59  ? 6.239   -3.547  -9.856  1.00 14.71 ? 59  SER A CA  1 
ATOM   494  C  C   . SER A 1 59  ? 6.170   -2.832  -8.511  1.00 13.80 ? 59  SER A C   1 
ATOM   495  O  O   . SER A 1 59  ? 6.963   -1.932  -8.210  1.00 11.69 ? 59  SER A O   1 
ATOM   496  C  CB  . SER A 1 59  ? 6.802   -4.960  -9.691  1.00 16.56 ? 59  SER A CB  1 
ATOM   497  O  OG  . SER A 1 59  ? 7.808   -5.009  -8.716  1.00 16.61 ? 59  SER A OG  1 
ATOM   498  N  N   . GLY A 1 60  ? 5.225   -3.261  -7.681  1.00 12.25 ? 60  GLY A N   1 
ATOM   499  C  CA  . GLY A 1 60  ? 5.112   -2.759  -6.331  1.00 12.16 ? 60  GLY A CA  1 
ATOM   500  C  C   . GLY A 1 60  ? 6.340   -2.990  -5.469  1.00 11.77 ? 60  GLY A C   1 
ATOM   501  O  O   . GLY A 1 60  ? 6.573   -2.254  -4.516  1.00 11.88 ? 60  GLY A O   1 
ATOM   502  N  N   . LEU A 1 61  ? 7.103   -4.049  -5.777  1.00 12.58 ? 61  LEU A N   1 
ATOM   503  C  CA  . LEU A 1 61  ? 8.341   -4.314  -5.055  1.00 12.23 ? 61  LEU A CA  1 
ATOM   504  C  C   . LEU A 1 61  ? 9.370   -3.238  -5.392  1.00 12.53 ? 61  LEU A C   1 
ATOM   505  O  O   . LEU A 1 61  ? 10.110  -2.800  -4.499  1.00 13.08 ? 61  LEU A O   1 
ATOM   506  C  CB  . LEU A 1 61  ? 8.900   -5.715  -5.361  1.00 13.17 ? 61  LEU A CB  1 
ATOM   507  C  CG  . LEU A 1 61  ? 8.034   -6.842  -4.773  1.00 12.55 ? 61  LEU A CG  1 
ATOM   508  C  CD1 . LEU A 1 61  ? 8.462   -8.203  -5.369  1.00 13.99 ? 61  LEU A CD1 1 
ATOM   509  C  CD2 . LEU A 1 61  ? 8.042   -6.890  -3.263  1.00 13.71 ? 61  LEU A CD2 1 
ATOM   510  N  N   . GLU A 1 62  ? 9.417   -2.834  -6.656  1.00 12.42 ? 62  GLU A N   1 
ATOM   511  C  CA  . GLU A 1 62  ? 10.306  -1.725  -7.059  1.00 13.12 ? 62  GLU A CA  1 
ATOM   512  C  C   . GLU A 1 62  ? 9.883   -0.434  -6.364  1.00 13.01 ? 62  GLU A C   1 
ATOM   513  O  O   . GLU A 1 62  ? 10.728  0.276   -5.794  1.00 13.62 ? 62  GLU A O   1 
ATOM   514  C  CB  . GLU A 1 62  ? 10.330  -1.566  -8.574  1.00 13.72 ? 62  GLU A CB  1 
ATOM   515  C  CG  . GLU A 1 62  ? 11.311  -0.485  -9.022  1.00 14.17 ? 62  GLU A CG  1 
ATOM   516  C  CD  . GLU A 1 62  ? 11.628  -0.509  -10.506 1.00 16.57 ? 62  GLU A CD  1 
ATOM   517  O  OE1 . GLU A 1 62  ? 11.258  -1.486  -11.231 1.00 18.72 ? 62  GLU A OE1 1 
ATOM   518  O  OE2 . GLU A 1 62  ? 12.274  0.471   -10.943 1.00 18.26 ? 62  GLU A OE2 1 
ATOM   519  N  N   . VAL A 1 63  ? 8.573   -0.160  -6.373  1.00 12.24 ? 63  VAL A N   1 
ATOM   520  C  CA  . VAL A 1 63  ? 8.028   1.029   -5.710  1.00 11.55 ? 63  VAL A CA  1 
ATOM   521  C  C   . VAL A 1 63  ? 8.393   1.032   -4.220  1.00 11.95 ? 63  VAL A C   1 
ATOM   522  O  O   . VAL A 1 63  ? 8.862   2.056   -3.683  1.00 11.11 ? 63  VAL A O   1 
ATOM   523  C  CB  . VAL A 1 63  ? 6.481   1.110   -5.899  1.00 10.58 ? 63  VAL A CB  1 
ATOM   524  C  CG1 . VAL A 1 63  ? 5.896   2.322   -5.137  1.00 12.79 ? 63  VAL A CG1 1 
ATOM   525  C  CG2 . VAL A 1 63  ? 6.111   1.187   -7.375  1.00 12.01 ? 63  VAL A CG2 1 
ATOM   526  N  N   . ALA A 1 64  ? 8.198   -0.103  -3.543  1.00 11.94 ? 64  ALA A N   1 
ATOM   527  C  CA  . ALA A 1 64  ? 8.504   -0.188  -2.107  1.00 11.88 ? 64  ALA A CA  1 
ATOM   528  C  C   . ALA A 1 64  ? 9.969   0.138   -1.830  1.00 12.33 ? 64  ALA A C   1 
ATOM   529  O  O   . ALA A 1 64  ? 10.273  0.789   -0.842  1.00 13.11 ? 64  ALA A O   1 
ATOM   530  C  CB  . ALA A 1 64  ? 8.116   -1.561  -1.551  1.00 12.05 ? 64  ALA A CB  1 
ATOM   531  N  N   . GLY A 1 65  ? 10.863  -0.301  -2.723  1.00 12.17 ? 65  GLY A N   1 
ATOM   532  C  CA  . GLY A 1 65  ? 12.297  -0.080  -2.543  1.00 12.10 ? 65  GLY A CA  1 
ATOM   533  C  C   . GLY A 1 65  ? 12.633  1.392   -2.616  1.00 12.71 ? 65  GLY A C   1 
ATOM   534  O  O   . GLY A 1 65  ? 13.429  1.899   -1.828  1.00 13.58 ? 65  GLY A O   1 
ATOM   535  N  N   . GLU A 1 66  ? 12.049  2.048   -3.608  1.00 12.90 ? 66  GLU A N   1 
ATOM   536  C  CA  . GLU A 1 66  ? 12.235  3.496   -3.817  1.00 13.36 ? 66  GLU A CA  1 
ATOM   537  C  C   . GLU A 1 66  ? 11.692  4.318   -2.655  1.00 13.80 ? 66  GLU A C   1 
ATOM   538  O  O   . GLU A 1 66  ? 12.368  5.249   -2.166  1.00 12.75 ? 66  GLU A O   1 
ATOM   539  C  CB  . GLU A 1 66  ? 11.605  3.936   -5.124  1.00 14.21 ? 66  GLU A CB  1 
ATOM   540  C  CG  . GLU A 1 66  ? 12.318  3.350   -6.350  1.00 17.41 ? 66  GLU A CG  1 
ATOM   541  C  CD  . GLU A 1 66  ? 13.839  3.553   -6.292  1.00 24.31 ? 66  GLU A CD  1 
ATOM   542  O  OE1 . GLU A 1 66  ? 14.261  4.722   -6.233  1.00 25.02 ? 66  GLU A OE1 1 
ATOM   543  O  OE2 . GLU A 1 66  ? 14.602  2.554   -6.296  1.00 26.09 ? 66  GLU A OE2 1 
ATOM   544  N  N   . ILE A 1 67  ? 10.492  3.987   -2.191  1.00 12.07 ? 67  ILE A N   1 
ATOM   545  C  CA  . ILE A 1 67  ? 9.945   4.724   -1.041  1.00 12.85 ? 67  ILE A CA  1 
ATOM   546  C  C   . ILE A 1 67  ? 10.831  4.536   0.188   1.00 13.63 ? 67  ILE A C   1 
ATOM   547  O  O   . ILE A 1 67  ? 11.131  5.503   0.916   1.00 14.34 ? 67  ILE A O   1 
ATOM   548  C  CB  . ILE A 1 67  ? 8.485   4.328   -0.772  1.00 11.79 ? 67  ILE A CB  1 
ATOM   549  C  CG1 . ILE A 1 67  ? 7.609   4.811   -1.928  1.00 12.48 ? 67  ILE A CG1 1 
ATOM   550  C  CG2 . ILE A 1 67  ? 7.987   4.897   0.588   1.00 12.18 ? 67  ILE A CG2 1 
ATOM   551  C  CD1 . ILE A 1 67  ? 6.116   4.446   -1.806  1.00 12.89 ? 67  ILE A CD1 1 
ATOM   552  N  N   . ARG A 1 68  ? 11.252  3.299   0.436   1.00 13.35 ? 68  ARG A N   1 
ATOM   553  C  CA  . ARG A 1 68  ? 12.040  3.015   1.622   1.00 13.51 ? 68  ARG A CA  1 
ATOM   554  C  C   . ARG A 1 68  ? 13.329  3.837   1.546   1.00 15.22 ? 68  ARG A C   1 
ATOM   555  O  O   . ARG A 1 68  ? 13.740  4.446   2.538   1.00 15.58 ? 68  ARG A O   1 
ATOM   556  C  CB  . ARG A 1 68  ? 12.346  1.529   1.778   1.00 13.54 ? 68  ARG A CB  1 
ATOM   557  C  CG  . ARG A 1 68  ? 13.243  1.210   2.981   1.00 14.64 ? 68  ARG A CG  1 
ATOM   558  C  CD  . ARG A 1 68  ? 12.602  1.578   4.309   1.00 14.68 ? 68  ARG A CD  1 
ATOM   559  N  NE  . ARG A 1 68  ? 11.321  0.862   4.505   1.00 15.33 ? 68  ARG A NE  1 
ATOM   560  C  CZ  . ARG A 1 68  ? 10.286  1.344   5.190   1.00 16.97 ? 68  ARG A CZ  1 
ATOM   561  N  NH1 . ARG A 1 68  ? 10.346  2.550   5.740   1.00 16.43 ? 68  ARG A NH1 1 
ATOM   562  N  NH2 . ARG A 1 68  ? 9.166   0.630   5.295   1.00 14.19 ? 68  ARG A NH2 1 
ATOM   563  N  N   . LYS A 1 69  ? 13.922  3.873   0.360   1.00 15.05 ? 69  LYS A N   1 
ATOM   564  C  CA  . LYS A 1 69  ? 15.195  4.605   0.168   1.00 15.97 ? 69  LYS A CA  1 
ATOM   565  C  C   . LYS A 1 69  ? 15.086  6.111   0.389   1.00 16.43 ? 69  LYS A C   1 
ATOM   566  O  O   . LYS A 1 69  ? 15.990  6.711   0.987   1.00 15.70 ? 69  LYS A O   1 
ATOM   567  C  CB  . LYS A 1 69  ? 15.808  4.302   -1.193  1.00 16.50 ? 69  LYS A CB  1 
ATOM   568  C  CG  . LYS A 1 69  ? 16.433  2.910   -1.265  1.00 17.70 ? 69  LYS A CG  1 
ATOM   569  C  CD  . LYS A 1 69  ? 16.756  2.561   -2.705  1.00 19.49 ? 69  LYS A CD  1 
ATOM   570  C  CE  . LYS A 1 69  ? 17.417  1.201   -2.831  1.00 24.09 ? 69  LYS A CE  1 
ATOM   571  N  NZ  . LYS A 1 69  ? 17.611  0.859   -4.273  1.00 23.65 ? 69  LYS A NZ  1 
ATOM   572  N  N   . LYS A 1 70  ? 13.982  6.701   -0.056  1.00 16.58 ? 70  LYS A N   1 
ATOM   573  C  CA  . LYS A 1 70  ? 13.821  8.166   -0.020  1.00 17.35 ? 70  LYS A CA  1 
ATOM   574  C  C   . LYS A 1 70  ? 12.942  8.647   1.122   1.00 16.91 ? 70  LYS A C   1 
ATOM   575  O  O   . LYS A 1 70  ? 12.771  9.870   1.318   1.00 17.00 ? 70  LYS A O   1 
ATOM   576  C  CB  . LYS A 1 70  ? 13.293  8.705   -1.360  1.00 18.07 ? 70  LYS A CB  1 
ATOM   577  C  CG  . LYS A 1 70  ? 14.354  8.886   -2.441  1.00 21.78 ? 70  LYS A CG  1 
ATOM   578  C  CD  . LYS A 1 70  ? 14.550  7.630   -3.249  1.00 26.96 ? 70  LYS A CD  1 
ATOM   579  C  CE  . LYS A 1 70  ? 15.711  7.798   -4.195  1.00 31.11 ? 70  LYS A CE  1 
ATOM   580  N  NZ  . LYS A 1 70  ? 16.019  6.562   -4.984  1.00 34.20 ? 70  LYS A NZ  1 
ATOM   581  N  N   . LYS A 1 71  ? 12.363  7.713   1.875   1.00 16.13 ? 71  LYS A N   1 
ATOM   582  C  CA  . LYS A 1 71  ? 11.595  8.083   3.052   1.00 16.80 ? 71  LYS A CA  1 
ATOM   583  C  C   . LYS A 1 71  ? 11.818  7.019   4.119   1.00 16.76 ? 71  LYS A C   1 
ATOM   584  O  O   . LYS A 1 71  ? 11.055  6.064   4.210   1.00 16.56 ? 71  LYS A O   1 
ATOM   585  C  CB  . LYS A 1 71  ? 10.108  8.222   2.718   1.00 17.02 ? 71  LYS A CB  1 
ATOM   586  C  CG  . LYS A 1 71  ? 9.292   8.948   3.790   1.00 19.16 ? 71  LYS A CG  1 
ATOM   587  C  CD  . LYS A 1 71  ? 9.441   10.474  3.629   1.00 24.63 ? 71  LYS A CD  1 
ATOM   588  C  CE  . LYS A 1 71  ? 8.555   11.254  4.598   1.00 27.49 ? 71  LYS A CE  1 
ATOM   589  N  NZ  . LYS A 1 71  ? 8.863   11.002  6.036   1.00 31.70 ? 71  LYS A NZ  1 
ATOM   590  N  N   . LYS A 1 72  ? 12.897  7.175   4.888   1.00 16.87 ? 72  LYS A N   1 
ATOM   591  C  CA  . LYS A 1 72  ? 13.396  6.119   5.773   1.00 19.30 ? 72  LYS A CA  1 
ATOM   592  C  C   . LYS A 1 72  ? 12.336  5.557   6.726   1.00 18.44 ? 72  LYS A C   1 
ATOM   593  O  O   . LYS A 1 72  ? 12.259  4.329   6.903   1.00 19.11 ? 72  LYS A O   1 
ATOM   594  C  CB  . LYS A 1 72  ? 14.639  6.609   6.545   1.00 18.88 ? 72  LYS A CB  1 
ATOM   595  C  CG  . LYS A 1 72  ? 15.185  5.640   7.604   1.00 22.25 ? 72  LYS A CG  1 
ATOM   596  C  CD  . LYS A 1 72  ? 16.482  6.154   8.273   1.00 23.69 ? 72  LYS A CD  1 
ATOM   597  C  CE  . LYS A 1 72  ? 16.250  7.339   9.222   1.00 28.64 ? 72  LYS A CE  1 
ATOM   598  N  NZ  . LYS A 1 72  ? 15.243  7.082   10.312  1.00 30.61 ? 72  LYS A NZ  1 
ATOM   599  N  N   . ASP A 1 73  ? 11.508  6.434   7.295   1.00 18.53 ? 73  ASP A N   1 
ATOM   600  C  CA  . ASP A 1 73  ? 10.484  6.019   8.260   1.00 18.36 ? 73  ASP A CA  1 
ATOM   601  C  C   . ASP A 1 73  ? 9.099   5.819   7.640   1.00 17.01 ? 73  ASP A C   1 
ATOM   602  O  O   . ASP A 1 73  ? 8.101   5.809   8.365   1.00 16.44 ? 73  ASP A O   1 
ATOM   603  C  CB  . ASP A 1 73  ? 10.360  7.038   9.397   1.00 20.08 ? 73  ASP A CB  1 
ATOM   604  C  CG  . ASP A 1 73  ? 11.599  7.117   10.271  1.00 24.74 ? 73  ASP A CG  1 
ATOM   605  O  OD1 . ASP A 1 73  ? 12.456  6.193   10.234  1.00 29.13 ? 73  ASP A OD1 1 
ATOM   606  O  OD2 . ASP A 1 73  ? 11.702  8.128   11.013  1.00 30.18 ? 73  ASP A OD2 1 
ATOM   607  N  N   . ALA A 1 74  ? 9.025   5.704   6.315   1.00 15.12 ? 74  ALA A N   1 
ATOM   608  C  CA  . ALA A 1 74  ? 7.730   5.442   5.647   1.00 14.49 ? 74  ALA A CA  1 
ATOM   609  C  C   . ALA A 1 74  ? 7.097   4.178   6.206   1.00 13.71 ? 74  ALA A C   1 
ATOM   610  O  O   . ALA A 1 74  ? 7.800   3.242   6.618   1.00 14.71 ? 74  ALA A O   1 
ATOM   611  C  CB  . ALA A 1 74  ? 7.902   5.302   4.142   1.00 14.62 ? 74  ALA A CB  1 
ATOM   612  N  N   . LYS A 1 75  ? 5.765   4.147   6.212   1.00 13.09 ? 75  LYS A N   1 
ATOM   613  C  CA  . LYS A 1 75  ? 5.033   2.920   6.567   1.00 12.62 ? 75  LYS A CA  1 
ATOM   614  C  C   . LYS A 1 75  ? 4.472   2.311   5.288   1.00 11.85 ? 75  LYS A C   1 
ATOM   615  O  O   . LYS A 1 75  ? 3.741   2.957   4.550   1.00 12.19 ? 75  LYS A O   1 
ATOM   616  C  CB  . LYS A 1 75  ? 3.922   3.203   7.588   1.00 12.94 ? 75  LYS A CB  1 
ATOM   617  C  CG  . LYS A 1 75  ? 4.420   3.788   8.899   1.00 13.71 ? 75  LYS A CG  1 
ATOM   618  C  CD  . LYS A 1 75  ? 5.221   2.824   9.726   1.00 19.13 ? 75  LYS A CD  1 
ATOM   619  C  CE  . LYS A 1 75  ? 5.861   3.520   10.925  1.00 22.95 ? 75  LYS A CE  1 
ATOM   620  N  NZ  . LYS A 1 75  ? 6.925   2.657   11.498  1.00 24.32 ? 75  LYS A NZ  1 
ATOM   621  N  N   . ILE A 1 76  ? 4.840   1.054   5.031   1.00 12.31 ? 76  ILE A N   1 
ATOM   622  C  CA  . ILE A 1 76  ? 4.557   0.406   3.747   1.00 11.68 ? 76  ILE A CA  1 
ATOM   623  C  C   . ILE A 1 76  ? 3.982   -0.971  3.996   1.00 11.48 ? 76  ILE A C   1 
ATOM   624  O  O   . ILE A 1 76  ? 4.586   -1.772  4.694   1.00 11.14 ? 76  ILE A O   1 
ATOM   625  C  CB  . ILE A 1 76  ? 5.838   0.218   2.887   1.00 11.75 ? 76  ILE A CB  1 
ATOM   626  C  CG1 . ILE A 1 76  ? 6.569   1.555   2.661   1.00 12.36 ? 76  ILE A CG1 1 
ATOM   627  C  CG2 . ILE A 1 76  ? 5.490   -0.507  1.583   1.00 13.59 ? 76  ILE A CG2 1 
ATOM   628  C  CD1 . ILE A 1 76  ? 7.924   1.419   1.890   1.00 13.75 ? 76  ILE A CD1 1 
ATOM   629  N  N   . ILE A 1 77  ? 2.813   -1.228  3.427   1.00 9.93  ? 77  ILE A N   1 
ATOM   630  C  CA  . ILE A 1 77  ? 2.239   -2.578  3.420   1.00 11.08 ? 77  ILE A CA  1 
ATOM   631  C  C   . ILE A 1 77  ? 2.195   -3.046  1.979   1.00 11.06 ? 77  ILE A C   1 
ATOM   632  O  O   . ILE A 1 77  ? 1.675   -2.342  1.100   1.00 11.45 ? 77  ILE A O   1 
ATOM   633  C  CB  . ILE A 1 77  ? 0.804   -2.561  3.937   1.00 10.97 ? 77  ILE A CB  1 
ATOM   634  C  CG1 . ILE A 1 77  ? 0.777   -2.238  5.431   1.00 12.06 ? 77  ILE A CG1 1 
ATOM   635  C  CG2 . ILE A 1 77  ? 0.128   -3.930  3.687   1.00 11.86 ? 77  ILE A CG2 1 
ATOM   636  C  CD1 . ILE A 1 77  ? -0.645  -1.918  5.929   1.00 14.36 ? 77  ILE A CD1 1 
ATOM   637  N  N   . LEU A 1 78  ? 2.760   -4.225  1.717   1.00 10.25 ? 78  LEU A N   1 
ATOM   638  C  CA  . LEU A 1 78  ? 2.508   -4.882  0.439   1.00 10.24 ? 78  LEU A CA  1 
ATOM   639  C  C   . LEU A 1 78  ? 1.185   -5.627  0.569   1.00 9.79  ? 78  LEU A C   1 
ATOM   640  O  O   . LEU A 1 78  ? 1.016   -6.399  1.495   1.00 11.58 ? 78  LEU A O   1 
ATOM   641  C  CB  . LEU A 1 78  ? 3.659   -5.839  0.084   1.00 10.05 ? 78  LEU A CB  1 
ATOM   642  C  CG  . LEU A 1 78  ? 4.949   -5.089  -0.293  1.00 10.91 ? 78  LEU A CG  1 
ATOM   643  C  CD1 . LEU A 1 78  ? 6.152   -6.028  -0.128  1.00 14.78 ? 78  LEU A CD1 1 
ATOM   644  C  CD2 . LEU A 1 78  ? 4.879   -4.521  -1.700  1.00 12.04 ? 78  LEU A CD2 1 
ATOM   645  N  N   . LEU A 1 79  ? 0.248   -5.345  -0.338  1.00 9.16  ? 79  LEU A N   1 
ATOM   646  C  CA  . LEU A 1 79  ? -1.051  -6.014  -0.373  1.00 9.76  ? 79  LEU A CA  1 
ATOM   647  C  C   . LEU A 1 79  ? -1.256  -6.586  -1.759  1.00 9.65  ? 79  LEU A C   1 
ATOM   648  O  O   . LEU A 1 79  ? -1.528  -5.854  -2.722  1.00 9.09  ? 79  LEU A O   1 
ATOM   649  C  CB  . LEU A 1 79  ? -2.167  -5.046  -0.001  1.00 9.31  ? 79  LEU A CB  1 
ATOM   650  C  CG  . LEU A 1 79  ? -3.587  -5.599  -0.126  1.00 9.59  ? 79  LEU A CG  1 
ATOM   651  C  CD1 . LEU A 1 79  ? -3.828  -6.756  0.873   1.00 10.46 ? 79  LEU A CD1 1 
ATOM   652  C  CD2 . LEU A 1 79  ? -4.618  -4.466  0.033   1.00 10.27 ? 79  LEU A CD2 1 
ATOM   653  N  N   . THR A 1 80  ? -1.118  -7.910  -1.855  1.00 10.16 ? 80  THR A N   1 
ATOM   654  C  CA  . THR A 1 80  ? -1.050  -8.575  -3.138  1.00 10.36 ? 80  THR A CA  1 
ATOM   655  C  C   . THR A 1 80  ? -1.921  -9.832  -3.107  1.00 9.56  ? 80  THR A C   1 
ATOM   656  O  O   . THR A 1 80  ? -2.117  -10.420 -2.037  1.00 9.38  ? 80  THR A O   1 
ATOM   657  C  CB  . THR A 1 80  ? 0.415   -8.967  -3.475  1.00 11.12 ? 80  THR A CB  1 
ATOM   658  O  OG1 . THR A 1 80  ? 0.450   -9.741  -4.689  1.00 10.95 ? 80  THR A OG1 1 
ATOM   659  C  CG2 . THR A 1 80  ? 1.087   -9.706  -2.316  1.00 10.95 ? 80  THR A CG2 1 
ATOM   660  N  N   . ALA A 1 81  ? -2.444  -10.225 -4.263  1.00 9.41  ? 81  ALA A N   1 
ATOM   661  C  CA  . ALA A 1 81  ? -3.189  -11.481 -4.340  1.00 10.47 ? 81  ALA A CA  1 
ATOM   662  C  C   . ALA A 1 81  ? -2.310  -12.690 -4.056  1.00 11.06 ? 81  ALA A C   1 
ATOM   663  O  O   . ALA A 1 81  ? -2.819  -13.760 -3.668  1.00 11.39 ? 81  ALA A O   1 
ATOM   664  C  CB  . ALA A 1 81  ? -3.836  -11.637 -5.706  1.00 9.42  ? 81  ALA A CB  1 
ATOM   665  N  N   . TYR A 1 82  ? -0.997  -12.525 -4.231  1.00 10.48 ? 82  TYR A N   1 
ATOM   666  C  CA  . TYR A 1 82  ? -0.065  -13.655 -4.326  1.00 11.73 ? 82  TYR A CA  1 
ATOM   667  C  C   . TYR A 1 82  ? 0.905   -13.757 -3.177  1.00 12.52 ? 82  TYR A C   1 
ATOM   668  O  O   . TYR A 1 82  ? 1.580   -12.782 -2.843  1.00 12.27 ? 82  TYR A O   1 
ATOM   669  C  CB  . TYR A 1 82  ? 0.686   -13.573 -5.662  1.00 12.93 ? 82  TYR A CB  1 
ATOM   670  C  CG  . TYR A 1 82  ? -0.290  -13.437 -6.812  1.00 14.16 ? 82  TYR A CG  1 
ATOM   671  C  CD1 . TYR A 1 82  ? -1.088  -14.525 -7.199  1.00 15.98 ? 82  TYR A CD1 1 
ATOM   672  C  CD2 . TYR A 1 82  ? -0.470  -12.207 -7.469  1.00 14.60 ? 82  TYR A CD2 1 
ATOM   673  C  CE1 . TYR A 1 82  ? -2.014  -14.415 -8.231  1.00 16.58 ? 82  TYR A CE1 1 
ATOM   674  C  CE2 . TYR A 1 82  ? -1.392  -12.073 -8.502  1.00 13.10 ? 82  TYR A CE2 1 
ATOM   675  C  CZ  . TYR A 1 82  ? -2.162  -13.198 -8.889  1.00 16.12 ? 82  TYR A CZ  1 
ATOM   676  O  OH  . TYR A 1 82  ? -3.096  -13.097 -9.915  1.00 19.03 ? 82  TYR A OH  1 
ATOM   677  N  N   . SER A 1 83  ? 0.980   -14.941 -2.562  1.00 12.69 ? 83  SER A N   1 
ATOM   678  C  CA  . SER A 1 83  ? 1.941   -15.164 -1.478  1.00 13.50 ? 83  SER A CA  1 
ATOM   679  C  C   . SER A 1 83  ? 3.353   -15.398 -1.984  1.00 13.72 ? 83  SER A C   1 
ATOM   680  O  O   . SER A 1 83  ? 4.299   -15.430 -1.179  1.00 14.07 ? 83  SER A O   1 
ATOM   681  C  CB  . SER A 1 83  ? 1.521   -16.357 -0.613  1.00 13.17 ? 83  SER A CB  1 
ATOM   682  O  OG  . SER A 1 83  ? 1.189   -17.463 -1.434  1.00 14.33 ? 83  SER A OG  1 
ATOM   683  N  N   . HIS A 1 84  ? 3.489   -15.571 -3.294  1.00 14.43 ? 84  HIS A N   1 
ATOM   684  C  CA  . HIS A 1 84  ? 4.774   -15.858 -3.956  1.00 14.89 ? 84  HIS A CA  1 
ATOM   685  C  C   . HIS A 1 84  ? 5.916   -14.962 -3.494  1.00 15.35 ? 84  HIS A C   1 
ATOM   686  O  O   . HIS A 1 84  ? 7.026   -15.428 -3.208  1.00 14.62 ? 84  HIS A O   1 
ATOM   687  C  CB  . HIS A 1 84  ? 4.621   -15.722 -5.462  1.00 15.56 ? 84  HIS A CB  1 
ATOM   688  C  CG  . HIS A 1 84  ? 5.869   -16.016 -6.216  1.00 17.96 ? 84  HIS A CG  1 
ATOM   689  N  ND1 . HIS A 1 84  ? 6.392   -17.289 -6.315  1.00 21.39 ? 84  HIS A ND1 1 
ATOM   690  C  CD2 . HIS A 1 84  ? 6.719   -15.203 -6.882  1.00 20.34 ? 84  HIS A CD2 1 
ATOM   691  C  CE1 . HIS A 1 84  ? 7.496   -17.249 -7.043  1.00 21.87 ? 84  HIS A CE1 1 
ATOM   692  N  NE2 . HIS A 1 84  ? 7.712   -15.998 -7.404  1.00 22.32 ? 84  HIS A NE2 1 
ATOM   693  N  N   . TYR A 1 85  ? 5.632   -13.667 -3.410  1.00 14.99 ? 85  TYR A N   1 
ATOM   694  C  CA  . TYR A 1 85  ? 6.686   -12.682 -3.151  1.00 15.40 ? 85  TYR A CA  1 
ATOM   695  C  C   . TYR A 1 85  ? 7.121   -12.544 -1.692  1.00 16.51 ? 85  TYR A C   1 
ATOM   696  O  O   . TYR A 1 85  ? 8.067   -11.795 -1.398  1.00 16.11 ? 85  TYR A O   1 
ATOM   697  C  CB  . TYR A 1 85  ? 6.242   -11.338 -3.714  1.00 15.10 ? 85  TYR A CB  1 
ATOM   698  C  CG  . TYR A 1 85  ? 5.850   -11.363 -5.163  1.00 14.44 ? 85  TYR A CG  1 
ATOM   699  C  CD1 . TYR A 1 85  ? 6.829   -11.297 -6.167  1.00 13.33 ? 85  TYR A CD1 1 
ATOM   700  C  CD2 . TYR A 1 85  ? 4.503   -11.446 -5.551  1.00 13.01 ? 85  TYR A CD2 1 
ATOM   701  C  CE1 . TYR A 1 85  ? 6.478   -11.316 -7.520  1.00 14.41 ? 85  TYR A CE1 1 
ATOM   702  C  CE2 . TYR A 1 85  ? 4.134   -11.454 -6.908  1.00 11.98 ? 85  TYR A CE2 1 
ATOM   703  C  CZ  . TYR A 1 85  ? 5.152   -11.396 -7.889  1.00 13.92 ? 85  TYR A CZ  1 
ATOM   704  O  OH  . TYR A 1 85  ? 4.833   -11.364 -9.225  1.00 16.53 ? 85  TYR A OH  1 
ATOM   705  N  N   . ARG A 1 86  ? 6.464   -13.259 -0.776  1.00 17.83 ? 86  ARG A N   1 
ATOM   706  C  CA  . ARG A 1 86  ? 6.811   -13.158 0.647   1.00 20.58 ? 86  ARG A CA  1 
ATOM   707  C  C   . ARG A 1 86  ? 8.282   -13.491 0.914   1.00 21.69 ? 86  ARG A C   1 
ATOM   708  O  O   . ARG A 1 86  ? 8.920   -12.861 1.762   1.00 22.70 ? 86  ARG A O   1 
ATOM   709  C  CB  . ARG A 1 86  ? 5.879   -13.995 1.529   1.00 20.92 ? 86  ARG A CB  1 
ATOM   710  C  CG  . ARG A 1 86  ? 5.806   -13.472 2.969   1.00 22.42 ? 86  ARG A CG  1 
ATOM   711  C  CD  . ARG A 1 86  ? 4.961   -14.368 3.885   1.00 23.21 ? 86  ARG A CD  1 
ATOM   712  N  NE  . ARG A 1 86  ? 3.504   -14.249 3.694   1.00 26.69 ? 86  ARG A NE  1 
ATOM   713  C  CZ  . ARG A 1 86  ? 2.762   -13.276 4.224   1.00 25.26 ? 86  ARG A CZ  1 
ATOM   714  N  NH1 . ARG A 1 86  ? 3.333   -12.318 4.939   1.00 26.45 ? 86  ARG A NH1 1 
ATOM   715  N  NH2 . ARG A 1 86  ? 1.455   -13.249 4.037   1.00 25.76 ? 86  ARG A NH2 1 
ATOM   716  N  N   . SER A 1 87  ? 8.815   -14.448 0.169   1.00 22.51 ? 87  SER A N   1 
ATOM   717  C  CA  . SER A 1 87  ? 10.209  -14.864 0.341   1.00 23.73 ? 87  SER A CA  1 
ATOM   718  C  C   . SER A 1 87  ? 11.154  -14.187 -0.671  1.00 24.06 ? 87  SER A C   1 
ATOM   719  O  O   . SER A 1 87  ? 12.296  -14.632 -0.880  1.00 25.02 ? 87  SER A O   1 
ATOM   720  C  CB  . SER A 1 87  ? 10.308  -16.380 0.233   1.00 24.33 ? 87  SER A CB  1 
ATOM   721  O  OG  . SER A 1 87  ? 9.957   -16.805 -1.069  1.00 25.09 ? 87  SER A OG  1 
ATOM   722  N  N   . ASP A 1 88  ? 10.659  -13.125 -1.306  1.00 23.18 ? 88  ASP A N   1 
ATOM   723  C  CA  . ASP A 1 88  ? 11.434  -12.314 -2.228  1.00 22.55 ? 88  ASP A CA  1 
ATOM   724  C  C   . ASP A 1 88  ? 12.139  -11.252 -1.393  1.00 22.34 ? 88  ASP A C   1 
ATOM   725  O  O   . ASP A 1 88  ? 11.501  -10.554 -0.603  1.00 21.12 ? 88  ASP A O   1 
ATOM   726  C  CB  . ASP A 1 88  ? 10.482  -11.640 -3.216  1.00 22.80 ? 88  ASP A CB  1 
ATOM   727  C  CG  . ASP A 1 88  ? 11.189  -11.043 -4.414  1.00 24.82 ? 88  ASP A CG  1 
ATOM   728  O  OD1 . ASP A 1 88  ? 12.138  -10.256 -4.233  1.00 26.16 ? 88  ASP A OD1 1 
ATOM   729  O  OD2 . ASP A 1 88  ? 10.765  -11.339 -5.548  1.00 25.41 ? 88  ASP A OD2 1 
HETATM 730  N  N   . MSE A 1 89  ? 13.452  -11.130 -1.534  1.00 21.54 ? 89  MSE A N   1 
HETATM 731  C  CA  . MSE A 1 89  ? 14.179  -10.226 -0.643  1.00 22.76 ? 89  MSE A CA  1 
HETATM 732  C  C   . MSE A 1 89  ? 13.740  -8.772  -0.829  1.00 20.93 ? 89  MSE A C   1 
HETATM 733  O  O   . MSE A 1 89  ? 13.826  -7.968  0.108   1.00 20.70 ? 89  MSE A O   1 
HETATM 734  C  CB  A MSE A 1 89  ? 15.690  -10.362 -0.812  0.60 22.12 ? 89  MSE A CB  1 
HETATM 735  C  CB  B MSE A 1 89  ? 15.688  -10.345 -0.878  0.40 22.58 ? 89  MSE A CB  1 
HETATM 736  C  CG  A MSE A 1 89  ? 16.219  -9.815  -2.097  0.60 22.05 ? 89  MSE A CG  1 
HETATM 737  C  CG  B MSE A 1 89  ? 16.254  -11.701 -0.493  0.40 24.48 ? 89  MSE A CG  1 
HETATM 738  SE SE  A MSE A 1 89  ? 18.141  -9.888  -2.048  0.60 23.70 ? 89  MSE A SE  1 
HETATM 739  SE SE  B MSE A 1 89  ? 18.193  -11.689 -0.306  0.40 29.88 ? 89  MSE A SE  1 
HETATM 740  C  CE  A MSE A 1 89  ? 18.397  -11.814 -2.292  0.60 23.25 ? 89  MSE A CE  1 
HETATM 741  C  CE  B MSE A 1 89  ? 18.687  -11.881 -2.178  0.40 28.12 ? 89  MSE A CE  1 
ATOM   742  N  N   . SER A 1 90  ? 13.274  -8.433  -2.030  1.00 19.01 ? 90  SER A N   1 
ATOM   743  C  CA  . SER A 1 90  ? 12.793  -7.075  -2.253  1.00 18.02 ? 90  SER A CA  1 
ATOM   744  C  C   . SER A 1 90  ? 11.629  -6.749  -1.328  1.00 16.78 ? 90  SER A C   1 
ATOM   745  O  O   . SER A 1 90  ? 11.393  -5.590  -1.010  1.00 15.48 ? 90  SER A O   1 
ATOM   746  C  CB  . SER A 1 90  ? 12.388  -6.866  -3.702  1.00 18.93 ? 90  SER A CB  1 
ATOM   747  O  OG  . SER A 1 90  ? 13.535  -6.761  -4.500  1.00 20.04 ? 90  SER A OG  1 
ATOM   748  N  N   . SER A 1 91  ? 10.904  -7.770  -0.877  1.00 16.45 ? 91  SER A N   1 
ATOM   749  C  CA  A SER A 1 91  ? 9.768   -7.526  0.010   0.60 17.40 ? 91  SER A CA  1 
ATOM   750  C  CA  B SER A 1 91  ? 9.776   -7.551  0.035   0.40 16.92 ? 91  SER A CA  1 
ATOM   751  C  C   . SER A 1 91  ? 10.189  -6.994  1.391   1.00 17.75 ? 91  SER A C   1 
ATOM   752  O  O   . SER A 1 91  ? 9.351   -6.488  2.151   1.00 17.86 ? 91  SER A O   1 
ATOM   753  C  CB  A SER A 1 91  ? 8.885   -8.782  0.124   0.60 17.05 ? 91  SER A CB  1 
ATOM   754  C  CB  B SER A 1 91  ? 8.986   -8.845  0.229   0.40 16.59 ? 91  SER A CB  1 
ATOM   755  O  OG  A SER A 1 91  ? 9.531   -9.801  0.859   0.60 18.84 ? 91  SER A OG  1 
ATOM   756  O  OG  B SER A 1 91  ? 8.247   -9.138  -0.929  0.40 15.02 ? 91  SER A OG  1 
ATOM   757  N  N   . TRP A 1 92  ? 11.488  -7.097  1.707   1.00 18.22 ? 92  TRP A N   1 
ATOM   758  C  CA  . TRP A 1 92  ? 12.038  -6.637  2.986   1.00 19.69 ? 92  TRP A CA  1 
ATOM   759  C  C   . TRP A 1 92  ? 11.955  -5.123  3.181   1.00 18.62 ? 92  TRP A C   1 
ATOM   760  O  O   . TRP A 1 92  ? 12.056  -4.636  4.305   1.00 18.72 ? 92  TRP A O   1 
ATOM   761  C  CB  . TRP A 1 92  ? 13.492  -7.105  3.160   1.00 22.00 ? 92  TRP A CB  1 
ATOM   762  C  CG  . TRP A 1 92  ? 13.669  -8.607  3.075   1.00 24.16 ? 92  TRP A CG  1 
ATOM   763  C  CD1 . TRP A 1 92  ? 12.681  -9.555  3.044   1.00 25.88 ? 92  TRP A CD1 1 
ATOM   764  C  CD2 . TRP A 1 92  ? 14.912  -9.328  3.068   1.00 26.80 ? 92  TRP A CD2 1 
ATOM   765  N  NE1 . TRP A 1 92  ? 13.230  -10.815 2.991   1.00 27.71 ? 92  TRP A NE1 1 
ATOM   766  C  CE2 . TRP A 1 92  ? 14.597  -10.704 3.011   1.00 26.83 ? 92  TRP A CE2 1 
ATOM   767  C  CE3 . TRP A 1 92  ? 16.261  -8.943  3.103   1.00 28.01 ? 92  TRP A CE3 1 
ATOM   768  C  CZ2 . TRP A 1 92  ? 15.584  -11.702 2.975   1.00 27.42 ? 92  TRP A CZ2 1 
ATOM   769  C  CZ3 . TRP A 1 92  ? 17.246  -9.936  3.063   1.00 27.14 ? 92  TRP A CZ3 1 
ATOM   770  C  CH2 . TRP A 1 92  ? 16.897  -11.298 3.002   1.00 26.46 ? 92  TRP A CH2 1 
ATOM   771  N  N   . ALA A 1 93  ? 11.790  -4.397  2.077   1.00 16.92 ? 93  ALA A N   1 
ATOM   772  C  CA  . ALA A 1 93  ? 11.557  -2.941  2.104   1.00 16.01 ? 93  ALA A CA  1 
ATOM   773  C  C   . ALA A 1 93  ? 10.244  -2.580  2.793   1.00 15.64 ? 93  ALA A C   1 
ATOM   774  O  O   . ALA A 1 93  ? 10.108  -1.454  3.284   1.00 15.71 ? 93  ALA A O   1 
ATOM   775  C  CB  . ALA A 1 93  ? 11.569  -2.359  0.687   1.00 16.37 ? 93  ALA A CB  1 
ATOM   776  N  N   . ALA A 1 94  ? 9.276   -3.502  2.806   1.00 14.61 ? 94  ALA A N   1 
ATOM   777  C  CA  . ALA A 1 94  ? 7.973   -3.196  3.405   1.00 14.74 ? 94  ALA A CA  1 
ATOM   778  C  C   . ALA A 1 94  ? 7.929   -3.512  4.892   1.00 14.56 ? 94  ALA A C   1 
ATOM   779  O  O   . ALA A 1 94  ? 8.685   -4.341  5.383   1.00 15.16 ? 94  ALA A O   1 
ATOM   780  C  CB  . ALA A 1 94  ? 6.846   -3.935  2.659   1.00 14.26 ? 94  ALA A CB  1 
ATOM   781  N  N   . ASP A 1 95  ? 7.035   -2.848  5.624   1.00 13.82 ? 95  ASP A N   1 
ATOM   782  C  CA  . ASP A 1 95  ? 6.823   -3.156  7.027   1.00 14.19 ? 95  ASP A CA  1 
ATOM   783  C  C   . ASP A 1 95  ? 5.982   -4.416  7.230   1.00 14.12 ? 95  ASP A C   1 
ATOM   784  O  O   . ASP A 1 95  ? 6.234   -5.184  8.156   1.00 15.75 ? 95  ASP A O   1 
ATOM   785  C  CB  . ASP A 1 95  ? 6.167   -1.965  7.728   1.00 14.07 ? 95  ASP A CB  1 
ATOM   786  C  CG  . ASP A 1 95  ? 7.036   -0.736  7.667   1.00 15.46 ? 95  ASP A CG  1 
ATOM   787  O  OD1 . ASP A 1 95  ? 7.956   -0.626  8.506   1.00 18.86 ? 95  ASP A OD1 1 
ATOM   788  O  OD2 . ASP A 1 95  ? 6.829   0.081   6.759   1.00 15.48 ? 95  ASP A OD2 1 
ATOM   789  N  N   . GLU A 1 96  ? 4.981   -4.620  6.373   1.00 13.25 ? 96  GLU A N   1 
ATOM   790  C  CA  . GLU A 1 96  ? 4.084   -5.773  6.479   1.00 12.59 ? 96  GLU A CA  1 
ATOM   791  C  C   . GLU A 1 96  ? 3.766   -6.296  5.093   1.00 12.68 ? 96  GLU A C   1 
ATOM   792  O  O   . GLU A 1 96  ? 3.824   -5.542  4.129   1.00 12.54 ? 96  GLU A O   1 
ATOM   793  C  CB  . GLU A 1 96  ? 2.768   -5.411  7.173   1.00 13.72 ? 96  GLU A CB  1 
ATOM   794  C  CG  . GLU A 1 96  ? 2.889   -4.898  8.602   1.00 16.06 ? 96  GLU A CG  1 
ATOM   795  C  CD  . GLU A 1 96  ? 3.466   -5.910  9.586   1.00 21.31 ? 96  GLU A CD  1 
ATOM   796  O  OE1 . GLU A 1 96  ? 3.441   -7.132  9.298   1.00 21.88 ? 96  GLU A OE1 1 
ATOM   797  O  OE2 . GLU A 1 96  ? 3.932   -5.462  10.667  1.00 23.97 ? 96  GLU A OE2 1 
ATOM   798  N  N   . TYR A 1 97  ? 3.386   -7.575  5.021   1.00 12.20 ? 97  TYR A N   1 
ATOM   799  C  CA  . TYR A 1 97  ? 2.995   -8.198  3.756   1.00 12.21 ? 97  TYR A CA  1 
ATOM   800  C  C   . TYR A 1 97  ? 1.658   -8.858  4.011   1.00 12.13 ? 97  TYR A C   1 
ATOM   801  O  O   . TYR A 1 97  ? 1.532   -9.674  4.931   1.00 14.21 ? 97  TYR A O   1 
ATOM   802  C  CB  . TYR A 1 97  ? 4.047   -9.235  3.369   1.00 12.50 ? 97  TYR A CB  1 
ATOM   803  C  CG  . TYR A 1 97  ? 3.918   -9.885  2.016   1.00 12.51 ? 97  TYR A CG  1 
ATOM   804  C  CD1 . TYR A 1 97  ? 2.875   -10.785 1.741   1.00 14.55 ? 97  TYR A CD1 1 
ATOM   805  C  CD2 . TYR A 1 97  ? 4.875   -9.670  1.021   1.00 11.04 ? 97  TYR A CD2 1 
ATOM   806  C  CE1 . TYR A 1 97  ? 2.777   -11.407 0.463   1.00 13.35 ? 97  TYR A CE1 1 
ATOM   807  C  CE2 . TYR A 1 97  ? 4.787   -10.277 -0.246  1.00 13.13 ? 97  TYR A CE2 1 
ATOM   808  C  CZ  . TYR A 1 97  ? 3.734   -11.164 -0.515  1.00 12.19 ? 97  TYR A CZ  1 
ATOM   809  O  OH  . TYR A 1 97  ? 3.671   -11.777 -1.756  1.00 12.22 ? 97  TYR A OH  1 
ATOM   810  N  N   . VAL A 1 98  ? 0.654   -8.493  3.221   1.00 11.31 ? 98  VAL A N   1 
ATOM   811  C  CA  . VAL A 1 98  ? -0.689  -9.024  3.424   1.00 11.69 ? 98  VAL A CA  1 
ATOM   812  C  C   . VAL A 1 98  ? -1.177  -9.626  2.109   1.00 11.64 ? 98  VAL A C   1 
ATOM   813  O  O   . VAL A 1 98  ? -1.110  -8.985  1.073   1.00 10.93 ? 98  VAL A O   1 
ATOM   814  C  CB  . VAL A 1 98  ? -1.651  -7.911  3.935   1.00 12.20 ? 98  VAL A CB  1 
ATOM   815  C  CG1 . VAL A 1 98  ? -3.058  -8.432  4.084   1.00 12.13 ? 98  VAL A CG1 1 
ATOM   816  C  CG2 . VAL A 1 98  ? -1.144  -7.358  5.260   1.00 13.55 ? 98  VAL A CG2 1 
ATOM   817  N  N   . VAL A 1 99  ? -1.640  -10.881 2.148   1.00 11.43 ? 99  VAL A N   1 
ATOM   818  C  CA  . VAL A 1 99  ? -2.287  -11.446 0.952   1.00 11.75 ? 99  VAL A CA  1 
ATOM   819  C  C   . VAL A 1 99  ? -3.772  -11.078 0.945   1.00 11.78 ? 99  VAL A C   1 
ATOM   820  O  O   . VAL A 1 99  ? -4.492  -11.300 1.950   1.00 12.39 ? 99  VAL A O   1 
ATOM   821  C  CB  . VAL A 1 99  ? -2.089  -12.991 0.885   1.00 13.09 ? 99  VAL A CB  1 
ATOM   822  C  CG1 . VAL A 1 99  ? -2.838  -13.592 -0.264  1.00 13.16 ? 99  VAL A CG1 1 
ATOM   823  C  CG2 . VAL A 1 99  ? -0.609  -13.322 0.766   1.00 12.09 ? 99  VAL A CG2 1 
ATOM   824  N  N   . LYS A 1 100 ? -4.229  -10.543 -0.177  1.00 11.72 ? 100 LYS A N   1 
ATOM   825  C  CA  . LYS A 1 100 ? -5.615  -10.087 -0.326  1.00 12.45 ? 100 LYS A CA  1 
ATOM   826  C  C   . LYS A 1 100 ? -6.597  -11.189 0.075   1.00 12.85 ? 100 LYS A C   1 
ATOM   827  O  O   . LYS A 1 100 ? -6.506  -12.336 -0.371  1.00 13.55 ? 100 LYS A O   1 
ATOM   828  C  CB  . LYS A 1 100 ? -5.884  -9.660  -1.757  1.00 12.50 ? 100 LYS A CB  1 
ATOM   829  C  CG  . LYS A 1 100 ? -5.121  -8.431  -2.188  1.00 11.31 ? 100 LYS A CG  1 
ATOM   830  C  CD  . LYS A 1 100 ? -5.376  -8.176  -3.695  1.00 12.18 ? 100 LYS A CD  1 
ATOM   831  C  CE  . LYS A 1 100 ? -4.728  -6.892  -4.203  1.00 11.17 ? 100 LYS A CE  1 
ATOM   832  N  NZ  . LYS A 1 100 ? -4.603  -6.818  -5.699  1.00 9.98  ? 100 LYS A NZ  1 
ATOM   833  N  N   . SER A 1 101 ? -7.537  -10.796 0.916   1.00 14.64 ? 101 SER A N   1 
ATOM   834  C  CA  . SER A 1 101 ? -8.605  -11.676 1.339   1.00 15.93 ? 101 SER A CA  1 
ATOM   835  C  C   . SER A 1 101 ? -9.917  -10.910 1.317   1.00 17.01 ? 101 SER A C   1 
ATOM   836  O  O   . SER A 1 101 ? -9.941  -9.696  1.494   1.00 16.22 ? 101 SER A O   1 
ATOM   837  C  CB  . SER A 1 101 ? -8.344  -12.170 2.747   1.00 16.68 ? 101 SER A CB  1 
ATOM   838  O  OG  . SER A 1 101 ? -9.569  -12.629 3.302   1.00 20.32 ? 101 SER A OG  1 
ATOM   839  N  N   . PHE A 1 102 ? -11.023 -11.640 1.143   1.00 17.85 ? 102 PHE A N   1 
ATOM   840  C  CA  . PHE A 1 102 ? -12.344 -11.026 1.125   1.00 19.80 ? 102 PHE A CA  1 
ATOM   841  C  C   . PHE A 1 102 ? -12.817 -10.637 2.528   1.00 20.05 ? 102 PHE A C   1 
ATOM   842  O  O   . PHE A 1 102 ? -13.739 -9.832  2.682   1.00 21.54 ? 102 PHE A O   1 
ATOM   843  C  CB  . PHE A 1 102 ? -13.332 -11.958 0.415   1.00 19.37 ? 102 PHE A CB  1 
ATOM   844  C  CG  . PHE A 1 102 ? -13.227 -11.881 -1.079  1.00 19.93 ? 102 PHE A CG  1 
ATOM   845  C  CD1 . PHE A 1 102 ? -12.320 -12.677 -1.768  1.00 20.19 ? 102 PHE A CD1 1 
ATOM   846  C  CD2 . PHE A 1 102 ? -13.999 -10.986 -1.794  1.00 23.01 ? 102 PHE A CD2 1 
ATOM   847  C  CE1 . PHE A 1 102 ? -12.191 -12.582 -3.151  1.00 19.27 ? 102 PHE A CE1 1 
ATOM   848  C  CE2 . PHE A 1 102 ? -13.885 -10.897 -3.187  1.00 24.25 ? 102 PHE A CE2 1 
ATOM   849  C  CZ  . PHE A 1 102 ? -12.973 -11.701 -3.856  1.00 20.25 ? 102 PHE A CZ  1 
ATOM   850  N  N   . ASN A 1 103 ? -12.144 -11.193 3.528   1.00 20.54 ? 103 ASN A N   1 
ATOM   851  C  CA  . ASN A 1 103 ? -12.279 -10.760 4.914   1.00 21.46 ? 103 ASN A CA  1 
ATOM   852  C  C   . ASN A 1 103 ? -11.158 -9.767  5.230   1.00 21.30 ? 103 ASN A C   1 
ATOM   853  O  O   . ASN A 1 103 ? -9.991  -10.149 5.307   1.00 20.76 ? 103 ASN A O   1 
ATOM   854  C  CB  . ASN A 1 103 ? -12.205 -11.947 5.864   1.00 21.66 ? 103 ASN A CB  1 
ATOM   855  C  CG  . ASN A 1 103 ? -12.393 -11.541 7.333   1.00 24.14 ? 103 ASN A CG  1 
ATOM   856  O  OD1 . ASN A 1 103 ? -12.363 -10.349 7.671   1.00 24.11 ? 103 ASN A OD1 1 
ATOM   857  N  ND2 . ASN A 1 103 ? -12.566 -12.532 8.210   1.00 24.88 ? 103 ASN A ND2 1 
ATOM   858  N  N   . PHE A 1 104 ? -11.534 -8.512  5.423   1.00 21.05 ? 104 PHE A N   1 
ATOM   859  C  CA  . PHE A 1 104 ? -10.543 -7.435  5.540   1.00 21.41 ? 104 PHE A CA  1 
ATOM   860  C  C   . PHE A 1 104 ? -9.959  -7.231  6.925   1.00 21.83 ? 104 PHE A C   1 
ATOM   861  O  O   . PHE A 1 104 ? -9.086  -6.365  7.128   1.00 20.94 ? 104 PHE A O   1 
ATOM   862  C  CB  . PHE A 1 104 ? -11.105 -6.171  4.922   1.00 21.92 ? 104 PHE A CB  1 
ATOM   863  C  CG  . PHE A 1 104 ? -11.206 -6.275  3.445   1.00 22.08 ? 104 PHE A CG  1 
ATOM   864  C  CD1 . PHE A 1 104 ? -10.087 -6.050  2.659   1.00 20.89 ? 104 PHE A CD1 1 
ATOM   865  C  CD2 . PHE A 1 104 ? -12.388 -6.712  2.842   1.00 22.48 ? 104 PHE A CD2 1 
ATOM   866  C  CE1 . PHE A 1 104 ? -10.149 -6.193  1.288   1.00 22.13 ? 104 PHE A CE1 1 
ATOM   867  C  CE2 . PHE A 1 104 ? -12.460 -6.874  1.465   1.00 23.81 ? 104 PHE A CE2 1 
ATOM   868  C  CZ  . PHE A 1 104 ? -11.340 -6.603  0.682   1.00 23.03 ? 104 PHE A CZ  1 
ATOM   869  N  N   . ASP A 1 105 ? -10.410 -8.045  7.877   1.00 21.94 ? 105 ASP A N   1 
ATOM   870  C  CA  . ASP A 1 105 ? -9.986  -7.879  9.270   1.00 22.34 ? 105 ASP A CA  1 
ATOM   871  C  C   . ASP A 1 105 ? -8.464  -7.851  9.437   1.00 21.86 ? 105 ASP A C   1 
ATOM   872  O  O   . ASP A 1 105 ? -7.927  -6.955  10.102  1.00 21.91 ? 105 ASP A O   1 
ATOM   873  C  CB  . ASP A 1 105 ? -10.672 -8.914  10.173  1.00 23.17 ? 105 ASP A CB  1 
ATOM   874  C  CG  . ASP A 1 105 ? -12.170 -8.666  10.303  1.00 24.83 ? 105 ASP A CG  1 
ATOM   875  O  OD1 . ASP A 1 105 ? -12.660 -7.603  9.841   1.00 29.33 ? 105 ASP A OD1 1 
ATOM   876  O  OD2 . ASP A 1 105 ? -12.876 -9.537  10.862  1.00 26.58 ? 105 ASP A OD2 1 
ATOM   877  N  N   . GLU A 1 106 ? -7.760  -8.794  8.808   1.00 21.14 ? 106 GLU A N   1 
ATOM   878  C  CA  . GLU A 1 106 ? -6.304  -8.837  8.899   1.00 19.43 ? 106 GLU A CA  1 
ATOM   879  C  C   . GLU A 1 106 ? -5.587  -7.592  8.332   1.00 18.60 ? 106 GLU A C   1 
ATOM   880  O  O   . GLU A 1 106 ? -4.669  -7.038  8.972   1.00 18.96 ? 106 GLU A O   1 
ATOM   881  C  CB  . GLU A 1 106 ? -5.748  -10.061 8.206   1.00 20.26 ? 106 GLU A CB  1 
ATOM   882  C  CG  . GLU A 1 106 ? -4.257  -10.052 8.160   1.00 20.06 ? 106 GLU A CG  1 
ATOM   883  C  CD  . GLU A 1 106 ? -3.702  -11.176 7.326   1.00 24.60 ? 106 GLU A CD  1 
ATOM   884  O  OE1 . GLU A 1 106 ? -4.513  -11.996 6.811   1.00 27.34 ? 106 GLU A OE1 1 
ATOM   885  O  OE2 . GLU A 1 106 ? -2.459  -11.243 7.210   1.00 23.69 ? 106 GLU A OE2 1 
ATOM   886  N  N   . LEU A 1 107 ? -5.971  -7.178  7.124   1.00 17.46 ? 107 LEU A N   1 
ATOM   887  C  CA  . LEU A 1 107 ? -5.438  -5.933  6.565   1.00 16.87 ? 107 LEU A CA  1 
ATOM   888  C  C   . LEU A 1 107 ? -5.699  -4.764  7.517   1.00 17.77 ? 107 LEU A C   1 
ATOM   889  O  O   . LEU A 1 107 ? -4.809  -3.957  7.784   1.00 17.81 ? 107 LEU A O   1 
ATOM   890  C  CB  . LEU A 1 107 ? -6.062  -5.638  5.189   1.00 15.85 ? 107 LEU A CB  1 
ATOM   891  C  CG  . LEU A 1 107 ? -5.744  -4.250  4.623   1.00 14.13 ? 107 LEU A CG  1 
ATOM   892  C  CD1 . LEU A 1 107 ? -4.225  -4.108  4.344   1.00 13.52 ? 107 LEU A CD1 1 
ATOM   893  C  CD2 . LEU A 1 107 ? -6.556  -4.010  3.389   1.00 12.79 ? 107 LEU A CD2 1 
ATOM   894  N  N   . LYS A 1 108 ? -6.921  -4.672  8.030   1.00 18.17 ? 108 LYS A N   1 
ATOM   895  C  CA  . LYS A 1 108 ? -7.254  -3.582  8.938   1.00 18.89 ? 108 LYS A CA  1 
ATOM   896  C  C   . LYS A 1 108 ? -6.416  -3.617  10.215  1.00 19.61 ? 108 LYS A C   1 
ATOM   897  O  O   . LYS A 1 108 ? -6.036  -2.564  10.729  1.00 18.92 ? 108 LYS A O   1 
ATOM   898  C  CB  . LYS A 1 108 ? -8.752  -3.572  9.247   1.00 19.07 ? 108 LYS A CB  1 
ATOM   899  C  CG  . LYS A 1 108 ? -9.583  -3.146  8.039   1.00 19.81 ? 108 LYS A CG  1 
ATOM   900  C  CD  . LYS A 1 108 ? -11.040 -3.566  8.191   1.00 22.63 ? 108 LYS A CD  1 
ATOM   901  C  CE  . LYS A 1 108 ? -11.897 -2.933  7.115   1.00 25.05 ? 108 LYS A CE  1 
ATOM   902  N  NZ  . LYS A 1 108 ? -13.347 -3.180  7.418   1.00 26.16 ? 108 LYS A NZ  1 
ATOM   903  N  N   . GLU A 1 109 ? -6.121  -4.810  10.729  1.00 20.60 ? 109 GLU A N   1 
ATOM   904  C  CA  . GLU A 1 109 ? -5.285  -4.945  11.935  1.00 23.17 ? 109 GLU A CA  1 
ATOM   905  C  C   . GLU A 1 109 ? -3.884  -4.410  11.697  1.00 22.32 ? 109 GLU A C   1 
ATOM   906  O  O   . GLU A 1 109 ? -3.321  -3.707  12.541  1.00 23.47 ? 109 GLU A O   1 
ATOM   907  C  CB  . GLU A 1 109 ? -5.155  -6.403  12.368  1.00 23.65 ? 109 GLU A CB  1 
ATOM   908  C  CG  . GLU A 1 109 ? -6.405  -7.079  12.839  1.00 26.83 ? 109 GLU A CG  1 
ATOM   909  C  CD  . GLU A 1 109 ? -6.212  -8.594  12.966  1.00 27.28 ? 109 GLU A CD  1 
ATOM   910  O  OE1 . GLU A 1 109 ? -5.117  -9.115  12.597  1.00 30.86 ? 109 GLU A OE1 1 
ATOM   911  O  OE2 . GLU A 1 109 ? -7.164  -9.268  13.429  1.00 33.31 ? 109 GLU A OE2 1 
ATOM   912  N  N   . LYS A 1 110 ? -3.316  -4.779  10.554  1.00 21.25 ? 110 LYS A N   1 
ATOM   913  C  CA  . LYS A 1 110 ? -1.957  -4.403  10.188  1.00 21.00 ? 110 LYS A CA  1 
ATOM   914  C  C   . LYS A 1 110 ? -1.867  -2.911  9.918   1.00 20.10 ? 110 LYS A C   1 
ATOM   915  O  O   . LYS A 1 110 ? -0.878  -2.267  10.298  1.00 21.02 ? 110 LYS A O   1 
ATOM   916  C  CB  . LYS A 1 110 ? -1.488  -5.222  8.982   1.00 22.08 ? 110 LYS A CB  1 
ATOM   917  C  CG  . LYS A 1 110 ? -1.300  -6.691  9.313   1.00 22.65 ? 110 LYS A CG  1 
ATOM   918  C  CD  . LYS A 1 110 ? 0.054   -6.954  9.970   1.00 26.59 ? 110 LYS A CD  1 
ATOM   919  C  CE  . LYS A 1 110 ? 0.359   -8.449  10.105  1.00 27.77 ? 110 LYS A CE  1 
ATOM   920  N  NZ  . LYS A 1 110 ? -0.196  -9.292  9.007   1.00 31.81 ? 110 LYS A NZ  1 
ATOM   921  N  N   . VAL A 1 111 ? -2.902  -2.359  9.286   1.00 19.33 ? 111 VAL A N   1 
ATOM   922  C  CA  . VAL A 1 111 ? -3.004  -0.906  9.097   1.00 18.67 ? 111 VAL A CA  1 
ATOM   923  C  C   . VAL A 1 111 ? -3.004  -0.190  10.463  1.00 20.35 ? 111 VAL A C   1 
ATOM   924  O  O   . VAL A 1 111 ? -2.149  0.660   10.720  1.00 19.78 ? 111 VAL A O   1 
ATOM   925  C  CB  . VAL A 1 111 ? -4.251  -0.523  8.264   1.00 18.81 ? 111 VAL A CB  1 
ATOM   926  C  CG1 . VAL A 1 111 ? -4.475  0.975   8.276   1.00 19.23 ? 111 VAL A CG1 1 
ATOM   927  C  CG2 . VAL A 1 111 ? -4.102  -1.008  6.830   1.00 15.34 ? 111 VAL A CG2 1 
ATOM   928  N  N   . LYS A 1 112 ? -3.948  -0.554  11.331  1.00 21.48 ? 112 LYS A N   1 
ATOM   929  C  CA  . LYS A 1 112 ? -4.039  0.031   12.686  1.00 23.30 ? 112 LYS A CA  1 
ATOM   930  C  C   . LYS A 1 112 ? -2.713  -0.057  13.443  1.00 23.38 ? 112 LYS A C   1 
ATOM   931  O  O   . LYS A 1 112 ? -2.321  0.885   14.145  1.00 22.76 ? 112 LYS A O   1 
ATOM   932  C  CB  . LYS A 1 112 ? -5.127  -0.680  13.507  1.00 24.03 ? 112 LYS A CB  1 
ATOM   933  C  CG  . LYS A 1 112 ? -5.804  0.210   14.535  1.00 27.60 ? 112 LYS A CG  1 
ATOM   934  C  CD  . LYS A 1 112 ? -7.146  0.715   13.993  1.00 33.42 ? 112 LYS A CD  1 
ATOM   935  C  CE  . LYS A 1 112 ? -7.496  2.113   14.503  1.00 36.83 ? 112 LYS A CE  1 
ATOM   936  N  NZ  . LYS A 1 112 ? -6.804  3.195   13.715  1.00 39.58 ? 112 LYS A NZ  1 
ATOM   937  N  N   . LYS A 1 113 ? -2.021  -1.185  13.294  1.00 23.81 ? 113 LYS A N   1 
ATOM   938  C  CA  . LYS A 1 113 ? -0.699  -1.399  13.894  1.00 25.55 ? 113 LYS A CA  1 
ATOM   939  C  C   . LYS A 1 113 ? 0.340   -0.367  13.434  1.00 25.53 ? 113 LYS A C   1 
ATOM   940  O  O   . LYS A 1 113 ? 1.034   0.242   14.259  1.00 25.75 ? 113 LYS A O   1 
ATOM   941  C  CB  . LYS A 1 113 ? -0.213  -2.818  13.570  1.00 25.29 ? 113 LYS A CB  1 
ATOM   942  C  CG  . LYS A 1 113 ? 1.269   -3.077  13.826  1.00 26.76 ? 113 LYS A CG  1 
ATOM   943  C  CD  . LYS A 1 113 ? 1.652   -4.475  13.357  1.00 27.79 ? 113 LYS A CD  1 
ATOM   944  C  CE  . LYS A 1 113 ? 2.929   -4.960  14.020  1.00 30.71 ? 113 LYS A CE  1 
ATOM   945  N  NZ  . LYS A 1 113 ? 3.032   -6.443  13.920  1.00 33.73 ? 113 LYS A NZ  1 
ATOM   946  N  N   . LEU A 1 114 ? 0.447   -0.167  12.127  1.00 25.91 ? 114 LEU A N   1 
ATOM   947  C  CA  . LEU A 1 114 ? 1.461   0.729   11.570  1.00 26.65 ? 114 LEU A CA  1 
ATOM   948  C  C   . LEU A 1 114 ? 1.150   2.191   11.823  1.00 27.69 ? 114 LEU A C   1 
ATOM   949  O  O   . LEU A 1 114 ? 2.059   3.029   11.892  1.00 27.75 ? 114 LEU A O   1 
ATOM   950  C  CB  . LEU A 1 114 ? 1.638   0.492   10.065  1.00 26.04 ? 114 LEU A CB  1 
ATOM   951  C  CG  . LEU A 1 114 ? 2.282   -0.828  9.651   1.00 24.81 ? 114 LEU A CG  1 
ATOM   952  C  CD1 . LEU A 1 114 ? 2.463   -0.819  8.142   1.00 21.72 ? 114 LEU A CD1 1 
ATOM   953  C  CD2 . LEU A 1 114 ? 3.617   -1.028  10.364  1.00 24.62 ? 114 LEU A CD2 1 
ATOM   954  N  N   . LEU A 1 115 ? -0.138  2.494   11.944  1.00 28.88 ? 115 LEU A N   1 
ATOM   955  C  CA  . LEU A 1 115 ? -0.587  3.858   12.181  1.00 30.35 ? 115 LEU A CA  1 
ATOM   956  C  C   . LEU A 1 115 ? -0.617  4.199   13.678  1.00 31.99 ? 115 LEU A C   1 
ATOM   957  O  O   . LEU A 1 115 ? -1.026  5.298   14.059  1.00 33.03 ? 115 LEU A O   1 
ATOM   958  C  CB  . LEU A 1 115 ? -1.948  4.112   11.527  1.00 29.52 ? 115 LEU A CB  1 
ATOM   959  C  CG  . LEU A 1 115 ? -2.053  4.078   10.002  1.00 29.58 ? 115 LEU A CG  1 
ATOM   960  C  CD1 . LEU A 1 115 ? -3.498  4.211   9.601   1.00 30.21 ? 115 LEU A CD1 1 
ATOM   961  C  CD2 . LEU A 1 115 ? -1.229  5.162   9.330   1.00 29.36 ? 115 LEU A CD2 1 
ATOM   962  N  N   . SER A 1 116 ? -0.185  3.256   14.512  1.00 33.60 ? 116 SER A N   1 
ATOM   963  C  CA  . SER A 1 116 ? 0.045   3.520   15.932  1.00 35.20 ? 116 SER A CA  1 
ATOM   964  C  C   . SER A 1 116 ? 1.270   4.421   16.063  1.00 35.70 ? 116 SER A C   1 
ATOM   965  O  O   . SER A 1 116 ? 1.745   4.734   17.156  1.00 36.27 ? 116 SER A O   1 
ATOM   966  C  CB  . SER A 1 116 ? 0.259   2.214   16.702  1.00 35.28 ? 116 SER A CB  1 
ATOM   967  O  OG  . SER A 1 116 ? -0.959  1.505   16.859  1.00 36.20 ? 116 SER A OG  1 
ATOM   968  O  OXT . SER A 1 116 ? 1.821   4.866   15.052  1.00 36.48 ? 116 SER A OXT 1 
HETATM 969  MG MG  . MG  B 2 .   ? -2.161  -5.926  -9.591  1.00 12.20 ? 201 MG  A MG  1 
HETATM 970  BE BE  . BEF C 3 .   ? -1.312  -7.422  -6.968  1.00 14.68 ? 202 BEF A BE  1 
HETATM 971  F  F1  . BEF C 3 .   ? 0.204   -8.127  -6.708  1.00 10.79 ? 202 BEF A F1  1 
HETATM 972  F  F2  . BEF C 3 .   ? -2.468  -8.460  -6.293  1.00 10.79 ? 202 BEF A F2  1 
HETATM 973  F  F3  . BEF C 3 .   ? -1.611  -7.439  -8.633  1.00 12.33 ? 202 BEF A F3  1 
HETATM 974  O  O1  . PG4 D 4 .   ? 8.212   -7.039  -12.785 1.00 30.92 ? 203 PG4 A O1  1 
HETATM 975  C  C1  . PG4 D 4 .   ? 7.625   -5.745  -13.017 1.00 33.23 ? 203 PG4 A C1  1 
HETATM 976  C  C2  . PG4 D 4 .   ? 6.433   -5.835  -13.965 1.00 33.22 ? 203 PG4 A C2  1 
HETATM 977  O  O2  . PG4 D 4 .   ? 5.209   -5.325  -13.387 1.00 34.40 ? 203 PG4 A O2  1 
HETATM 978  C  C3  . PG4 D 4 .   ? 4.703   -5.975  -12.191 1.00 34.86 ? 203 PG4 A C3  1 
HETATM 979  C  C4  . PG4 D 4 .   ? 4.443   -7.489  -12.242 1.00 38.36 ? 203 PG4 A C4  1 
HETATM 980  O  O3  . PG4 D 4 .   ? 3.916   -7.948  -13.485 1.00 41.09 ? 203 PG4 A O3  1 
HETATM 981  C  C5  . PG4 D 4 .   ? 2.608   -8.510  -13.380 1.00 42.79 ? 203 PG4 A C5  1 
HETATM 982  C  C6  . PG4 D 4 .   ? 1.672   -7.847  -14.392 1.00 43.95 ? 203 PG4 A C6  1 
HETATM 983  O  O4  . PG4 D 4 .   ? 0.301   -8.030  -14.028 1.00 45.82 ? 203 PG4 A O4  1 
HETATM 984  C  C7  . PG4 D 4 .   ? -0.451  -6.834  -14.250 1.00 45.25 ? 203 PG4 A C7  1 
HETATM 985  C  C8  . PG4 D 4 .   ? -1.774  -7.179  -14.928 1.00 46.69 ? 203 PG4 A C8  1 
HETATM 986  O  O5  . PG4 D 4 .   ? -1.592  -8.268  -15.846 1.00 47.66 ? 203 PG4 A O5  1 
HETATM 987  O  O1  . PG4 E 4 .   ? 19.189  -6.251  4.403   1.00 39.57 ? 204 PG4 A O1  1 
HETATM 988  C  C1  . PG4 E 4 .   ? 19.747  -5.692  3.209   1.00 38.22 ? 204 PG4 A C1  1 
HETATM 989  C  C2  . PG4 E 4 .   ? 19.323  -6.555  2.026   1.00 36.92 ? 204 PG4 A C2  1 
HETATM 990  O  O2  . PG4 E 4 .   ? 18.166  -5.984  1.421   1.00 34.88 ? 204 PG4 A O2  1 
HETATM 991  C  C3  . PG4 E 4 .   ? 17.919  -6.543  0.130   1.00 33.16 ? 204 PG4 A C3  1 
HETATM 992  C  C4  . PG4 E 4 .   ? 16.544  -6.087  -0.324  1.00 31.93 ? 204 PG4 A C4  1 
HETATM 993  O  O3  . PG4 E 4 .   ? 16.518  -4.665  -0.327  1.00 29.60 ? 204 PG4 A O3  1 
HETATM 994  C  C5  . PG4 E 4 .   ? 15.229  -4.179  -0.671  1.00 29.61 ? 204 PG4 A C5  1 
HETATM 995  C  C6  . PG4 E 4 .   ? 15.343  -2.693  -0.940  1.00 28.16 ? 204 PG4 A C6  1 
HETATM 996  O  O4  . PG4 E 4 .   ? 15.550  -2.078  0.318   1.00 28.04 ? 204 PG4 A O4  1 
HETATM 997  C  C7  . PG4 E 4 .   ? 15.657  -0.660  0.210   1.00 29.03 ? 204 PG4 A C7  1 
HETATM 998  C  C8  . PG4 E 4 .   ? 16.344  -0.149  1.475   1.00 30.80 ? 204 PG4 A C8  1 
HETATM 999  O  O5  . PG4 E 4 .   ? 17.718  -0.550  1.486   1.00 33.31 ? 204 PG4 A O5  1 
HETATM 1000 O  O   . HOH F 5 .   ? -4.019  -6.019  -8.720  1.00 12.50 ? 117 HOH A O   1 
HETATM 1001 O  O   . HOH F 5 .   ? -3.527  -3.908  -3.252  1.00 11.49 ? 118 HOH A O   1 
HETATM 1002 O  O   . HOH F 5 .   ? -7.549  -8.266  2.259   1.00 11.81 ? 119 HOH A O   1 
HETATM 1003 O  O   . HOH F 5 .   ? -5.643  -13.448 -2.921  1.00 15.87 ? 120 HOH A O   1 
HETATM 1004 O  O   . HOH F 5 .   ? -6.572  -8.171  -7.241  1.00 15.70 ? 121 HOH A O   1 
HETATM 1005 O  O   . HOH F 5 .   ? 12.107  -3.401  -2.680  1.00 14.72 ? 122 HOH A O   1 
HETATM 1006 O  O   . HOH F 5 .   ? -3.298  -1.266  -2.541  1.00 16.09 ? 123 HOH A O   1 
HETATM 1007 O  O   . HOH F 5 .   ? -7.315  -8.960  4.997   1.00 17.28 ? 124 HOH A O   1 
HETATM 1008 O  O   . HOH F 5 .   ? -2.414  12.527  8.858   1.00 17.57 ? 125 HOH A O   1 
HETATM 1009 O  O   . HOH F 5 .   ? -2.776  -7.136  -11.234 1.00 16.90 ? 126 HOH A O   1 
HETATM 1010 O  O   . HOH F 5 .   ? 3.406   0.201   -12.307 1.00 16.47 ? 127 HOH A O   1 
HETATM 1011 O  O   . HOH F 5 .   ? -1.597  -12.376 4.627   1.00 17.08 ? 128 HOH A O   1 
HETATM 1012 O  O   . HOH F 5 .   ? -16.627 -2.495  -3.981  1.00 19.07 ? 129 HOH A O   1 
HETATM 1013 O  O   . HOH F 5 .   ? -3.769  -9.463  -8.799  1.00 17.35 ? 130 HOH A O   1 
HETATM 1014 O  O   . HOH F 5 .   ? 13.525  -0.174  -5.820  1.00 19.26 ? 131 HOH A O   1 
HETATM 1015 O  O   . HOH F 5 .   ? -5.459  -10.934 4.601   1.00 18.73 ? 132 HOH A O   1 
HETATM 1016 O  O   . HOH F 5 .   ? -10.829 -3.947  -11.721 1.00 19.11 ? 133 HOH A O   1 
HETATM 1017 O  O   . HOH F 5 .   ? 4.359   2.647   -13.586 1.00 20.42 ? 134 HOH A O   1 
HETATM 1018 O  O   . HOH F 5 .   ? 11.007  11.833  0.354   1.00 19.72 ? 135 HOH A O   1 
HETATM 1019 O  O   . HOH F 5 .   ? 16.298  8.535   2.904   1.00 21.73 ? 136 HOH A O   1 
HETATM 1020 O  O   . HOH F 5 .   ? 4.523   6.648   5.235   1.00 20.62 ? 137 HOH A O   1 
HETATM 1021 O  O   . HOH F 5 .   ? 6.671   2.097   -14.847 1.00 22.85 ? 138 HOH A O   1 
HETATM 1022 O  O   . HOH F 5 .   ? 14.265  -4.049  -4.313  1.00 20.95 ? 139 HOH A O   1 
HETATM 1023 O  O   . HOH F 5 .   ? -11.010 -14.439 0.862   1.00 23.94 ? 140 HOH A O   1 
HETATM 1024 O  O   . HOH F 5 .   ? 4.009   10.830  1.499   1.00 23.46 ? 141 HOH A O   1 
HETATM 1025 O  O   . HOH F 5 .   ? 7.843   -10.689 3.516   1.00 22.80 ? 142 HOH A O   1 
HETATM 1026 O  O   . HOH F 5 .   ? 13.283  1.233   -13.300 1.00 22.30 ? 143 HOH A O   1 
HETATM 1027 O  O   . HOH F 5 .   ? -10.190 15.505  6.863   1.00 24.40 ? 144 HOH A O   1 
HETATM 1028 O  O   . HOH F 5 .   ? -5.817  -11.204 -8.381  1.00 25.60 ? 145 HOH A O   1 
HETATM 1029 O  O   . HOH F 5 .   ? 14.942  -13.132 -3.217  1.00 24.62 ? 146 HOH A O   1 
HETATM 1030 O  O   . HOH F 5 .   ? 10.576  -5.570  6.510   1.00 23.59 ? 147 HOH A O   1 
HETATM 1031 O  O   . HOH F 5 .   ? -9.031  -11.313 7.434   1.00 25.59 ? 148 HOH A O   1 
HETATM 1032 O  O   . HOH F 5 .   ? 8.610   1.886   8.942   1.00 24.57 ? 149 HOH A O   1 
HETATM 1033 O  O   . HOH F 5 .   ? 3.595   -18.925 -2.186  1.00 23.46 ? 150 HOH A O   1 
HETATM 1034 O  O   . HOH F 5 .   ? 5.180   18.987  4.335   1.00 25.77 ? 151 HOH A O   1 
HETATM 1035 O  O   . HOH F 5 .   ? -7.857  8.330   10.578  1.00 24.32 ? 152 HOH A O   1 
HETATM 1036 O  O   . HOH F 5 .   ? 3.468   7.378   9.317   1.00 24.82 ? 153 HOH A O   1 
HETATM 1037 O  O   . HOH F 5 .   ? -9.567  12.760  12.989  1.00 24.99 ? 154 HOH A O   1 
HETATM 1038 O  O   . HOH F 5 .   ? -11.476 9.042   2.053   1.00 28.69 ? 155 HOH A O   1 
HETATM 1039 O  O   . HOH F 5 .   ? 4.373   -9.157  7.315   1.00 27.48 ? 156 HOH A O   1 
HETATM 1040 O  O   . HOH F 5 .   ? -3.898  -11.142 -11.471 1.00 26.23 ? 157 HOH A O   1 
HETATM 1041 O  O   . HOH F 5 .   ? -1.689  12.929  5.971   1.00 24.98 ? 158 HOH A O   1 
HETATM 1042 O  O   . HOH F 5 .   ? -1.775  -9.715  -11.619 1.00 27.38 ? 159 HOH A O   1 
HETATM 1043 O  O   . HOH F 5 .   ? -7.693  -0.302  10.356  1.00 28.67 ? 160 HOH A O   1 
HETATM 1044 O  O   . HOH F 5 .   ? 2.729   9.717   9.757   1.00 26.58 ? 161 HOH A O   1 
HETATM 1045 O  O   . HOH F 5 .   ? -4.954  -14.080 3.244   1.00 27.32 ? 162 HOH A O   1 
HETATM 1046 O  O   . HOH F 5 .   ? -3.820  -4.037  -15.117 1.00 27.80 ? 163 HOH A O   1 
HETATM 1047 O  O   . HOH F 5 .   ? 3.257   -12.354 -12.677 1.00 27.85 ? 164 HOH A O   1 
HETATM 1048 O  O   . HOH F 5 .   ? 5.929   -8.985  -10.258 1.00 27.74 ? 165 HOH A O   1 
HETATM 1049 O  O   . HOH F 5 .   ? 8.983   -3.810  -14.731 1.00 33.85 ? 166 HOH A O   1 
HETATM 1050 O  O   . HOH F 5 .   ? 17.730  -3.270  1.828   1.00 28.54 ? 167 HOH A O   1 
HETATM 1051 O  O   . HOH F 5 .   ? 16.176  3.625   3.764   1.00 28.22 ? 168 HOH A O   1 
HETATM 1052 O  O   . HOH F 5 .   ? 0.427   -11.647 6.244   1.00 30.07 ? 169 HOH A O   1 
HETATM 1053 O  O   . HOH F 5 .   ? -16.706 -5.947  1.972   1.00 27.51 ? 170 HOH A O   1 
HETATM 1054 O  O   . HOH F 5 .   ? 5.524   -7.800  11.503  1.00 30.67 ? 171 HOH A O   1 
HETATM 1055 O  O   . HOH F 5 .   ? -6.833  1.789   -13.677 1.00 30.13 ? 172 HOH A O   1 
HETATM 1056 O  O   . HOH F 5 .   ? 13.110  2.421   -9.653  1.00 32.57 ? 173 HOH A O   1 
HETATM 1057 O  O   . HOH F 5 .   ? -6.419  -10.417 -10.900 1.00 30.19 ? 174 HOH A O   1 
HETATM 1058 O  O   . HOH F 5 .   ? -9.873  -8.380  -10.129 1.00 34.24 ? 175 HOH A O   1 
HETATM 1059 O  O   . HOH F 5 .   ? -8.999  -13.927 5.600   1.00 36.04 ? 176 HOH A O   1 
HETATM 1060 O  O   . HOH F 5 .   ? -2.384  0.591   -14.456 1.00 31.47 ? 177 HOH A O   1 
HETATM 1061 O  O   . HOH F 5 .   ? -9.707  -12.420 10.019  1.00 31.83 ? 178 HOH A O   1 
HETATM 1062 O  O   . HOH F 5 .   ? 5.832   -3.687  11.285  1.00 33.48 ? 179 HOH A O   1 
HETATM 1063 O  O   . HOH F 5 .   ? 12.354  6.938   -7.132  1.00 34.18 ? 180 HOH A O   1 
HETATM 1064 O  O   . HOH F 5 .   ? -16.884 3.945   2.306   1.00 32.46 ? 181 HOH A O   1 
HETATM 1065 O  O   . HOH F 5 .   ? -4.886  -16.268 1.799   1.00 33.45 ? 182 HOH A O   1 
HETATM 1066 O  O   . HOH F 5 .   ? 8.019   12.004  0.967   1.00 30.01 ? 183 HOH A O   1 
HETATM 1067 O  O   . HOH F 5 .   ? 8.078   -8.008  -8.982  1.00 42.34 ? 184 HOH A O   1 
HETATM 1068 O  O   . HOH F 5 .   ? 6.093   -11.412 5.600   1.00 34.22 ? 185 HOH A O   1 
HETATM 1069 O  O   . HOH F 5 .   ? 3.963   -6.655  -15.839 1.00 31.74 ? 186 HOH A O   1 
HETATM 1070 O  O   . HOH F 5 .   ? -0.870  14.369  0.154   1.00 30.71 ? 187 HOH A O   1 
HETATM 1071 O  O   . HOH F 5 .   ? -2.483  -2.179  17.019  0.50 32.75 ? 188 HOH A O   1 
HETATM 1072 O  O   . HOH F 5 .   ? -1.461  2.595   -15.733 1.00 34.75 ? 189 HOH A O   1 
HETATM 1073 O  O   . HOH F 5 .   ? -15.610 4.194   11.262  1.00 32.63 ? 190 HOH A O   1 
HETATM 1074 O  O   . HOH F 5 .   ? 0.487   14.024  -3.593  1.00 40.13 ? 191 HOH A O   1 
HETATM 1075 O  O   . HOH F 5 .   ? 5.937   14.093  -14.776 1.00 36.65 ? 192 HOH A O   1 
HETATM 1076 O  O   . HOH F 5 .   ? 6.163   1.908   -17.795 1.00 36.22 ? 193 HOH A O   1 
HETATM 1077 O  O   . HOH F 5 .   ? -8.471  -14.572 -0.523  1.00 35.89 ? 194 HOH A O   1 
HETATM 1078 O  O   . HOH F 5 .   ? -9.593  -0.854  12.214  1.00 40.35 ? 195 HOH A O   1 
HETATM 1079 O  O   . HOH F 5 .   ? -11.438 -3.841  -14.300 1.00 39.76 ? 196 HOH A O   1 
HETATM 1080 O  O   . HOH F 5 .   ? 7.814   -1.953  10.902  1.00 41.58 ? 197 HOH A O   1 
HETATM 1081 O  O   . HOH F 5 .   ? 2.971   -11.254 8.151   1.00 40.51 ? 198 HOH A O   1 
HETATM 1082 O  O   . HOH F 5 .   ? 14.042  -9.291  -5.295  1.00 37.83 ? 199 HOH A O   1 
HETATM 1083 O  O   . HOH F 5 .   ? -17.066 -3.668  5.418   1.00 41.19 ? 200 HOH A O   1 
HETATM 1084 O  O   . HOH F 5 .   ? -6.516  6.145   -9.434  1.00 38.03 ? 205 HOH A O   1 
HETATM 1085 O  O   . HOH F 5 .   ? 13.715  9.483   9.870   1.00 38.79 ? 206 HOH A O   1 
HETATM 1086 O  O   . HOH F 5 .   ? -1.270  -8.448  13.509  1.00 40.95 ? 207 HOH A O   1 
HETATM 1087 O  O   . HOH F 5 .   ? -17.259 -7.826  8.087   1.00 33.06 ? 208 HOH A O   1 
HETATM 1088 O  O   . HOH F 5 .   ? 3.263   18.435  -0.077  1.00 38.91 ? 209 HOH A O   1 
HETATM 1089 O  O   . HOH F 5 .   ? -14.995 0.550   -10.118 1.00 40.50 ? 210 HOH A O   1 
HETATM 1090 O  O   . HOH F 5 .   ? -14.165 -0.418  -13.554 1.00 39.40 ? 211 HOH A O   1 
HETATM 1091 O  O   . HOH F 5 .   ? 11.665  4.279   -10.789 1.00 44.99 ? 212 HOH A O   1 
HETATM 1092 O  O   . HOH F 5 .   ? -9.820  -5.763  12.372  1.00 38.13 ? 213 HOH A O   1 
HETATM 1093 O  O   . HOH F 5 .   ? 11.827  -8.202  6.302   1.00 43.47 ? 214 HOH A O   1 
HETATM 1094 O  O   . HOH F 5 .   ? -4.586  -0.795  -14.842 1.00 43.61 ? 215 HOH A O   1 
HETATM 1095 O  O   . HOH F 5 .   ? -18.301 1.703   2.347   1.00 49.85 ? 216 HOH A O   1 
HETATM 1096 O  O   . HOH F 5 .   ? -12.739 -1.997  -15.355 1.00 43.48 ? 217 HOH A O   1 
HETATM 1097 O  O   . HOH F 5 .   ? -5.203  8.186   -9.792  1.00 42.13 ? 218 HOH A O   1 
HETATM 1098 O  O   . HOH F 5 .   ? 13.851  2.394   8.017   1.00 38.34 ? 219 HOH A O   1 
HETATM 1099 O  O   . HOH F 5 .   ? 11.165  -2.303  6.811   1.00 40.02 ? 220 HOH A O   1 
HETATM 1100 O  O   . HOH F 5 .   ? -17.611 -0.176  4.116   1.00 45.65 ? 221 HOH A O   1 
HETATM 1101 O  O   . HOH F 5 .   ? 6.996   -7.524  9.522   1.00 40.85 ? 222 HOH A O   1 
HETATM 1102 O  O   . HOH F 5 .   ? 7.271   -7.634  6.143   1.00 47.14 ? 223 HOH A O   1 
HETATM 1103 O  O   . HOH F 5 .   ? 7.685   -7.924  3.649   1.00 33.98 ? 224 HOH A O   1 
HETATM 1104 O  O   . HOH F 5 .   ? -14.229 -8.155  5.752   1.00 33.44 ? 225 HOH A O   1 
HETATM 1105 O  O   . HOH F 5 .   ? -15.548 -6.170  6.038   1.00 44.68 ? 226 HOH A O   1 
# 
